data_2N12
#
_entry.id   2N12
#
_entity_poly.entity_id   1
_entity_poly.type   'polypeptide(L)'
_entity_poly.pdbx_seq_one_letter_code
;RPKMTPEQMAKEMSEFLSRGPAVLATKAAAGTKKYDLSKWKYAELRDTINTSCDIELLAACREEFHRRLKVYHAWKSKNK
KR
;
_entity_poly.pdbx_strand_id   A
#
# COMPACT_ATOMS: atom_id res chain seq x y z
N ARG A 1 2.09 -0.31 -22.02
CA ARG A 1 2.77 0.14 -20.81
C ARG A 1 4.09 -0.59 -20.63
N PRO A 2 5.04 0.03 -19.96
CA PRO A 2 6.38 -0.58 -19.72
C PRO A 2 6.30 -1.80 -18.80
N LYS A 3 7.46 -2.39 -18.51
CA LYS A 3 7.51 -3.56 -17.64
C LYS A 3 7.58 -3.14 -16.17
N MET A 4 6.74 -3.75 -15.35
CA MET A 4 6.73 -3.44 -13.92
C MET A 4 7.53 -4.48 -13.13
N THR A 5 8.09 -4.05 -12.00
CA THR A 5 8.87 -4.95 -11.16
C THR A 5 8.40 -4.86 -9.71
N PRO A 6 8.47 -5.95 -8.98
CA PRO A 6 8.04 -5.99 -7.55
C PRO A 6 8.87 -5.05 -6.68
N GLU A 7 10.15 -4.94 -6.98
CA GLU A 7 11.03 -4.06 -6.22
C GLU A 7 10.70 -2.61 -6.50
N GLN A 8 10.36 -2.31 -7.75
CA GLN A 8 10.02 -0.95 -8.14
C GLN A 8 8.76 -0.49 -7.42
N MET A 9 7.70 -1.28 -7.51
CA MET A 9 6.44 -0.94 -6.86
C MET A 9 6.63 -0.87 -5.35
N ALA A 10 7.47 -1.75 -4.82
CA ALA A 10 7.74 -1.78 -3.38
C ALA A 10 8.37 -0.47 -2.93
N LYS A 11 9.27 0.05 -3.75
CA LYS A 11 9.94 1.30 -3.44
C LYS A 11 8.98 2.48 -3.57
N GLU A 12 8.19 2.46 -4.64
CA GLU A 12 7.22 3.52 -4.89
C GLU A 12 6.15 3.54 -3.80
N MET A 13 5.76 2.36 -3.34
CA MET A 13 4.75 2.26 -2.29
C MET A 13 5.31 2.74 -0.95
N SER A 14 6.37 2.10 -0.50
CA SER A 14 7.00 2.47 0.76
C SER A 14 7.19 3.98 0.87
N GLU A 15 7.84 4.57 -0.14
CA GLU A 15 8.07 6.00 -0.13
C GLU A 15 6.76 6.78 -0.16
N PHE A 16 5.79 6.30 -0.94
CA PHE A 16 4.51 6.97 -1.02
C PHE A 16 3.96 7.23 0.38
N LEU A 17 3.99 6.19 1.22
CA LEU A 17 3.50 6.31 2.60
C LEU A 17 4.38 7.28 3.39
N SER A 18 5.70 7.07 3.32
CA SER A 18 6.64 7.93 4.03
C SER A 18 6.46 9.39 3.63
N ARG A 19 5.95 9.61 2.41
CA ARG A 19 5.73 10.96 1.92
C ARG A 19 4.44 11.54 2.50
N GLY A 20 3.38 10.75 2.47
CA GLY A 20 2.09 11.21 2.99
C GLY A 20 2.21 11.60 4.46
N PRO A 21 1.24 12.32 4.96
CA PRO A 21 1.22 12.77 6.39
C PRO A 21 0.93 11.62 7.35
N ALA A 22 0.82 11.95 8.64
CA ALA A 22 0.54 10.94 9.64
C ALA A 22 -0.08 11.58 10.88
N VAL A 23 -0.80 12.67 10.67
CA VAL A 23 -1.44 13.38 11.78
C VAL A 23 -2.88 12.90 11.94
N LEU A 24 -3.15 11.69 11.47
CA LEU A 24 -4.49 11.12 11.56
C LEU A 24 -4.86 10.85 13.02
N ALA A 25 -6.15 10.67 13.27
CA ALA A 25 -6.62 10.41 14.62
C ALA A 25 -8.11 10.10 14.62
N THR A 26 -8.62 9.70 13.46
CA THR A 26 -10.04 9.38 13.34
C THR A 26 -10.37 8.10 14.11
N LYS A 27 -9.34 7.46 14.65
CA LYS A 27 -9.54 6.22 15.41
C LYS A 27 -10.72 6.37 16.35
N ALA A 28 -11.76 5.58 16.10
CA ALA A 28 -12.96 5.61 16.94
C ALA A 28 -13.70 4.28 16.88
N ALA A 29 -13.84 3.63 18.03
CA ALA A 29 -14.53 2.35 18.10
C ALA A 29 -13.83 1.32 17.23
N ALA A 30 -12.67 1.69 16.69
CA ALA A 30 -11.91 0.79 15.84
C ALA A 30 -12.72 0.41 14.60
N GLY A 31 -12.14 0.66 13.43
CA GLY A 31 -12.83 0.34 12.17
C GLY A 31 -12.24 1.13 11.02
N THR A 32 -11.54 0.43 10.12
CA THR A 32 -10.93 1.07 8.96
C THR A 32 -10.77 0.08 7.82
N LYS A 33 -10.67 -1.20 8.16
CA LYS A 33 -10.53 -2.25 7.14
C LYS A 33 -11.84 -2.47 6.40
N LYS A 34 -12.74 -1.50 6.51
CA LYS A 34 -14.04 -1.60 5.85
C LYS A 34 -13.86 -1.57 4.33
N TYR A 35 -12.68 -1.18 3.88
CA TYR A 35 -12.38 -1.13 2.45
C TYR A 35 -11.34 -2.18 2.08
N ASP A 36 -11.78 -3.18 1.33
CA ASP A 36 -10.88 -4.25 0.90
C ASP A 36 -10.43 -4.01 -0.54
N LEU A 37 -9.27 -3.38 -0.70
CA LEU A 37 -8.73 -3.09 -2.02
C LEU A 37 -7.59 -4.04 -2.36
N SER A 38 -7.42 -5.08 -1.56
CA SER A 38 -6.36 -6.05 -1.77
C SER A 38 -6.31 -6.48 -3.24
N LYS A 39 -7.48 -6.59 -3.87
CA LYS A 39 -7.56 -7.01 -5.26
C LYS A 39 -7.04 -5.93 -6.20
N TRP A 40 -7.31 -4.67 -5.88
CA TRP A 40 -6.87 -3.56 -6.71
C TRP A 40 -5.39 -3.73 -7.07
N LYS A 41 -5.06 -3.45 -8.33
CA LYS A 41 -3.67 -3.58 -8.78
C LYS A 41 -2.87 -2.34 -8.38
N TYR A 42 -1.58 -2.54 -8.11
CA TYR A 42 -0.72 -1.43 -7.72
C TYR A 42 -1.02 -0.19 -8.55
N ALA A 43 -1.26 -0.39 -9.84
CA ALA A 43 -1.57 0.72 -10.74
C ALA A 43 -2.91 1.36 -10.38
N GLU A 44 -3.87 0.51 -10.03
CA GLU A 44 -5.20 1.00 -9.66
C GLU A 44 -5.14 1.81 -8.37
N LEU A 45 -4.48 1.25 -7.36
CA LEU A 45 -4.36 1.92 -6.07
C LEU A 45 -3.66 3.26 -6.22
N ARG A 46 -2.40 3.22 -6.63
CA ARG A 46 -1.62 4.45 -6.82
C ARG A 46 -2.40 5.46 -7.65
N ASP A 47 -3.07 4.97 -8.69
CA ASP A 47 -3.85 5.83 -9.56
C ASP A 47 -4.99 6.49 -8.79
N THR A 48 -5.81 5.67 -8.15
CA THR A 48 -6.94 6.18 -7.37
C THR A 48 -6.51 7.33 -6.47
N ILE A 49 -5.55 7.06 -5.58
CA ILE A 49 -5.08 8.08 -4.65
C ILE A 49 -4.50 9.27 -5.42
N ASN A 50 -3.95 9.01 -6.61
CA ASN A 50 -3.38 10.07 -7.41
C ASN A 50 -4.47 10.98 -7.99
N THR A 51 -5.66 10.42 -8.18
CA THR A 51 -6.78 11.20 -8.73
C THR A 51 -8.04 10.98 -7.90
N SER A 52 -7.89 10.99 -6.57
CA SER A 52 -9.04 10.82 -5.68
C SER A 52 -9.09 11.94 -4.65
N CYS A 53 -10.19 11.99 -3.89
CA CYS A 53 -10.35 13.02 -2.87
C CYS A 53 -11.17 12.49 -1.70
N ASP A 54 -11.12 11.18 -1.49
CA ASP A 54 -11.86 10.55 -0.39
C ASP A 54 -10.89 10.14 0.72
N ILE A 55 -11.12 10.67 1.91
CA ILE A 55 -10.26 10.36 3.06
C ILE A 55 -10.22 8.85 3.32
N GLU A 56 -11.37 8.29 3.68
CA GLU A 56 -11.44 6.86 3.97
C GLU A 56 -10.80 6.04 2.86
N LEU A 57 -11.20 6.33 1.61
CA LEU A 57 -10.65 5.62 0.47
C LEU A 57 -9.13 5.73 0.45
N LEU A 58 -8.63 6.96 0.42
CA LEU A 58 -7.20 7.20 0.41
C LEU A 58 -6.50 6.34 1.47
N ALA A 59 -7.03 6.39 2.68
CA ALA A 59 -6.46 5.62 3.78
C ALA A 59 -6.40 4.13 3.41
N ALA A 60 -7.52 3.61 2.94
CA ALA A 60 -7.59 2.20 2.55
C ALA A 60 -6.40 1.83 1.68
N CYS A 61 -6.28 2.51 0.55
CA CYS A 61 -5.17 2.25 -0.38
C CYS A 61 -3.84 2.23 0.37
N ARG A 62 -3.49 3.35 0.97
CA ARG A 62 -2.23 3.46 1.71
C ARG A 62 -2.04 2.23 2.62
N GLU A 63 -3.12 1.83 3.30
CA GLU A 63 -3.05 0.69 4.19
C GLU A 63 -2.78 -0.59 3.41
N GLU A 64 -3.40 -0.71 2.23
CA GLU A 64 -3.21 -1.90 1.41
C GLU A 64 -1.74 -2.01 0.99
N PHE A 65 -1.08 -0.86 0.87
CA PHE A 65 0.33 -0.85 0.49
C PHE A 65 1.17 -1.36 1.65
N HIS A 66 1.09 -0.66 2.77
CA HIS A 66 1.85 -1.04 3.96
C HIS A 66 1.72 -2.54 4.22
N ARG A 67 0.51 -3.06 4.08
CA ARG A 67 0.26 -4.48 4.32
C ARG A 67 1.01 -5.35 3.32
N ARG A 68 0.70 -5.21 2.04
CA ARG A 68 1.36 -6.02 1.01
C ARG A 68 2.86 -5.71 0.97
N LEU A 69 3.27 -4.66 1.68
CA LEU A 69 4.69 -4.29 1.71
C LEU A 69 5.43 -5.18 2.70
N LYS A 70 4.97 -5.17 3.95
CA LYS A 70 5.61 -5.99 4.98
C LYS A 70 5.50 -7.47 4.61
N VAL A 71 4.41 -7.84 3.95
CA VAL A 71 4.20 -9.22 3.54
C VAL A 71 5.13 -9.55 2.37
N TYR A 72 5.22 -8.65 1.42
CA TYR A 72 6.07 -8.86 0.25
C TYR A 72 7.53 -8.97 0.70
N HIS A 73 7.92 -8.17 1.68
CA HIS A 73 9.28 -8.19 2.18
C HIS A 73 9.52 -9.45 3.02
N ALA A 74 8.48 -9.90 3.70
CA ALA A 74 8.59 -11.10 4.53
C ALA A 74 8.69 -12.35 3.65
N TRP A 75 7.71 -12.53 2.79
CA TRP A 75 7.70 -13.67 1.89
C TRP A 75 8.96 -13.69 1.03
N LYS A 76 9.36 -12.51 0.56
CA LYS A 76 10.55 -12.39 -0.27
C LYS A 76 11.79 -12.82 0.52
N SER A 77 11.87 -12.36 1.76
CA SER A 77 13.02 -12.72 2.61
C SER A 77 13.06 -14.22 2.87
N LYS A 78 11.89 -14.84 2.91
CA LYS A 78 11.79 -16.27 3.16
C LYS A 78 12.02 -17.05 1.87
N ASN A 79 11.64 -16.45 0.75
CA ASN A 79 11.79 -17.09 -0.55
C ASN A 79 13.21 -16.90 -1.09
N LYS A 80 13.77 -15.72 -0.87
CA LYS A 80 15.12 -15.42 -1.33
C LYS A 80 16.06 -16.58 -1.00
N LYS A 81 16.38 -16.74 0.28
CA LYS A 81 17.26 -17.82 0.71
C LYS A 81 16.84 -19.14 0.10
N ARG A 82 17.82 -20.00 -0.16
CA ARG A 82 17.53 -21.31 -0.75
C ARG A 82 16.59 -22.11 0.15
N ARG A 1 0.64 -2.99 -19.60
CA ARG A 1 1.46 -2.19 -18.70
C ARG A 1 2.94 -2.45 -18.97
N PRO A 2 3.78 -1.49 -18.66
CA PRO A 2 5.25 -1.61 -18.87
C PRO A 2 5.86 -2.68 -17.96
N LYS A 3 7.18 -2.83 -18.04
CA LYS A 3 7.88 -3.82 -17.23
C LYS A 3 7.97 -3.35 -15.78
N MET A 4 7.04 -3.83 -14.95
CA MET A 4 7.02 -3.45 -13.54
C MET A 4 7.79 -4.47 -12.70
N THR A 5 8.63 -3.97 -11.80
CA THR A 5 9.42 -4.85 -10.94
C THR A 5 8.91 -4.78 -9.49
N PRO A 6 9.01 -5.86 -8.76
CA PRO A 6 8.55 -5.91 -7.34
C PRO A 6 9.32 -4.95 -6.45
N GLU A 7 10.62 -4.82 -6.71
CA GLU A 7 11.46 -3.93 -5.93
C GLU A 7 11.09 -2.47 -6.21
N GLN A 8 10.82 -2.18 -7.47
CA GLN A 8 10.45 -0.82 -7.86
C GLN A 8 9.15 -0.40 -7.17
N MET A 9 8.10 -1.19 -7.35
CA MET A 9 6.82 -0.89 -6.74
C MET A 9 6.96 -0.81 -5.22
N ALA A 10 7.80 -1.66 -4.66
CA ALA A 10 8.01 -1.68 -3.22
C ALA A 10 8.59 -0.34 -2.75
N LYS A 11 9.51 0.19 -3.54
CA LYS A 11 10.13 1.47 -3.21
C LYS A 11 9.14 2.61 -3.39
N GLU A 12 8.42 2.60 -4.51
CA GLU A 12 7.45 3.64 -4.79
C GLU A 12 6.33 3.63 -3.75
N MET A 13 5.93 2.44 -3.32
CA MET A 13 4.87 2.32 -2.32
C MET A 13 5.37 2.83 -0.97
N SER A 14 6.47 2.28 -0.51
CA SER A 14 7.05 2.68 0.78
C SER A 14 7.11 4.21 0.89
N GLU A 15 7.74 4.85 -0.09
CA GLU A 15 7.86 6.30 -0.06
C GLU A 15 6.48 6.96 -0.09
N PHE A 16 5.58 6.43 -0.92
CA PHE A 16 4.24 6.99 -1.00
C PHE A 16 3.66 7.19 0.39
N LEU A 17 3.73 6.14 1.21
CA LEU A 17 3.20 6.23 2.57
C LEU A 17 3.99 7.26 3.38
N SER A 18 5.32 7.15 3.33
CA SER A 18 6.17 8.07 4.07
C SER A 18 5.82 9.52 3.72
N ARG A 19 5.46 9.76 2.47
CA ARG A 19 5.10 11.10 2.02
C ARG A 19 3.77 11.52 2.62
N GLY A 20 2.79 10.64 2.56
CA GLY A 20 1.46 10.93 3.11
C GLY A 20 1.57 11.51 4.51
N PRO A 21 0.45 11.87 5.09
CA PRO A 21 0.40 12.44 6.46
C PRO A 21 1.28 11.67 7.44
N ALA A 22 1.57 12.28 8.59
CA ALA A 22 2.38 11.64 9.61
C ALA A 22 1.51 11.13 10.75
N VAL A 23 0.29 10.70 10.42
CA VAL A 23 -0.63 10.19 11.43
C VAL A 23 -0.33 8.72 11.73
N LEU A 24 0.60 8.50 12.66
CA LEU A 24 0.97 7.15 13.05
C LEU A 24 -0.01 6.59 14.07
N ALA A 25 -0.40 5.34 13.89
CA ALA A 25 -1.34 4.70 14.80
C ALA A 25 -0.61 4.14 16.01
N THR A 26 0.59 4.66 16.27
CA THR A 26 1.39 4.21 17.41
C THR A 26 1.31 2.70 17.54
N LYS A 27 1.38 2.00 16.42
CA LYS A 27 1.32 0.54 16.43
C LYS A 27 0.09 0.06 17.20
N ALA A 28 -1.05 0.68 16.92
CA ALA A 28 -2.30 0.31 17.59
C ALA A 28 -2.86 -0.97 17.00
N ALA A 29 -4.14 -1.23 17.26
CA ALA A 29 -4.79 -2.43 16.75
C ALA A 29 -5.19 -2.25 15.29
N ALA A 30 -6.34 -2.80 14.92
CA ALA A 30 -6.82 -2.69 13.55
C ALA A 30 -8.24 -3.21 13.44
N GLY A 31 -8.95 -2.76 12.41
CA GLY A 31 -10.33 -3.20 12.20
C GLY A 31 -11.09 -2.20 11.32
N THR A 32 -10.76 -0.92 11.49
CA THR A 32 -11.42 0.13 10.71
C THR A 32 -11.32 -0.17 9.21
N LYS A 33 -10.57 -1.21 8.87
CA LYS A 33 -10.40 -1.59 7.47
C LYS A 33 -11.74 -1.96 6.85
N LYS A 34 -12.58 -0.96 6.61
CA LYS A 34 -13.89 -1.19 6.03
C LYS A 34 -13.79 -1.23 4.50
N TYR A 35 -12.68 -0.71 3.98
CA TYR A 35 -12.47 -0.69 2.53
C TYR A 35 -11.50 -1.79 2.12
N ASP A 36 -12.02 -2.79 1.41
CA ASP A 36 -11.19 -3.90 0.96
C ASP A 36 -10.76 -3.68 -0.49
N LEU A 37 -9.57 -3.12 -0.68
CA LEU A 37 -9.06 -2.85 -2.01
C LEU A 37 -7.99 -3.87 -2.40
N SER A 38 -7.92 -4.95 -1.63
CA SER A 38 -6.93 -5.99 -1.90
C SER A 38 -6.91 -6.35 -3.38
N LYS A 39 -8.09 -6.46 -3.98
CA LYS A 39 -8.21 -6.80 -5.40
C LYS A 39 -7.57 -5.75 -6.29
N TRP A 40 -7.73 -4.48 -5.93
CA TRP A 40 -7.17 -3.40 -6.72
C TRP A 40 -5.70 -3.66 -7.02
N LYS A 41 -5.30 -3.39 -8.26
CA LYS A 41 -3.92 -3.60 -8.68
C LYS A 41 -3.05 -2.39 -8.31
N TYR A 42 -1.75 -2.62 -8.17
CA TYR A 42 -0.83 -1.54 -7.82
C TYR A 42 -1.12 -0.29 -8.65
N ALA A 43 -1.42 -0.50 -9.93
CA ALA A 43 -1.71 0.62 -10.83
C ALA A 43 -3.03 1.29 -10.45
N GLU A 44 -4.01 0.48 -10.08
CA GLU A 44 -5.31 1.01 -9.70
C GLU A 44 -5.20 1.80 -8.41
N LEU A 45 -4.55 1.23 -7.40
CA LEU A 45 -4.38 1.90 -6.12
C LEU A 45 -3.65 3.22 -6.29
N ARG A 46 -2.39 3.16 -6.73
CA ARG A 46 -1.60 4.37 -6.93
C ARG A 46 -2.38 5.39 -7.74
N ASP A 47 -3.08 4.91 -8.76
CA ASP A 47 -3.86 5.80 -9.62
C ASP A 47 -4.96 6.48 -8.82
N THR A 48 -5.82 5.69 -8.20
CA THR A 48 -6.92 6.23 -7.41
C THR A 48 -6.44 7.36 -6.51
N ILE A 49 -5.47 7.08 -5.65
CA ILE A 49 -4.95 8.10 -4.75
C ILE A 49 -4.36 9.27 -5.52
N ASN A 50 -3.83 8.98 -6.70
CA ASN A 50 -3.24 10.03 -7.52
C ASN A 50 -4.33 10.94 -8.10
N THR A 51 -5.52 10.39 -8.27
CA THR A 51 -6.64 11.18 -8.82
C THR A 51 -7.89 11.02 -7.96
N SER A 52 -7.71 11.09 -6.65
CA SER A 52 -8.83 10.97 -5.72
C SER A 52 -8.85 12.14 -4.74
N CYS A 53 -9.92 12.23 -3.96
CA CYS A 53 -10.06 13.31 -2.99
C CYS A 53 -10.85 12.83 -1.77
N ASP A 54 -10.79 11.54 -1.50
CA ASP A 54 -11.51 10.96 -0.37
C ASP A 54 -10.52 10.56 0.73
N ILE A 55 -10.86 10.88 1.98
CA ILE A 55 -9.98 10.55 3.09
C ILE A 55 -9.92 9.05 3.34
N GLU A 56 -11.07 8.47 3.71
CA GLU A 56 -11.13 7.04 3.97
C GLU A 56 -10.54 6.25 2.81
N LEU A 57 -10.98 6.57 1.59
CA LEU A 57 -10.49 5.88 0.41
C LEU A 57 -8.97 5.94 0.36
N LEU A 58 -8.43 7.15 0.37
CA LEU A 58 -6.98 7.34 0.33
C LEU A 58 -6.31 6.43 1.36
N ALA A 59 -6.78 6.50 2.60
CA ALA A 59 -6.22 5.68 3.66
C ALA A 59 -6.26 4.20 3.29
N ALA A 60 -7.43 3.75 2.85
CA ALA A 60 -7.59 2.36 2.45
C ALA A 60 -6.44 1.90 1.56
N CYS A 61 -6.27 2.58 0.43
CA CYS A 61 -5.20 2.24 -0.50
C CYS A 61 -3.86 2.18 0.21
N ARG A 62 -3.47 3.29 0.82
CA ARG A 62 -2.20 3.36 1.54
C ARG A 62 -2.02 2.11 2.41
N GLU A 63 -3.08 1.72 3.10
CA GLU A 63 -3.03 0.54 3.96
C GLU A 63 -2.81 -0.71 3.12
N GLU A 64 -3.50 -0.80 1.98
CA GLU A 64 -3.37 -1.96 1.11
C GLU A 64 -1.91 -2.14 0.70
N PHE A 65 -1.18 -1.03 0.61
CA PHE A 65 0.23 -1.09 0.24
C PHE A 65 1.02 -1.65 1.41
N HIS A 66 0.99 -0.92 2.53
CA HIS A 66 1.69 -1.36 3.73
C HIS A 66 1.59 -2.87 3.88
N ARG A 67 0.41 -3.40 3.59
CA ARG A 67 0.20 -4.84 3.68
C ARG A 67 1.05 -5.55 2.62
N ARG A 68 0.89 -5.13 1.37
CA ARG A 68 1.66 -5.72 0.28
C ARG A 68 3.15 -5.72 0.61
N LEU A 69 3.63 -4.60 1.12
CA LEU A 69 5.04 -4.49 1.47
C LEU A 69 5.41 -5.48 2.56
N LYS A 70 4.51 -5.66 3.53
CA LYS A 70 4.76 -6.59 4.63
C LYS A 70 4.89 -8.02 4.09
N VAL A 71 3.93 -8.44 3.28
CA VAL A 71 3.94 -9.77 2.71
C VAL A 71 5.11 -9.92 1.74
N TYR A 72 5.35 -8.88 0.95
CA TYR A 72 6.44 -8.91 -0.02
C TYR A 72 7.78 -9.00 0.70
N HIS A 73 7.89 -8.30 1.83
CA HIS A 73 9.13 -8.30 2.60
C HIS A 73 9.25 -9.60 3.39
N ALA A 74 8.11 -10.19 3.73
CA ALA A 74 8.09 -11.44 4.48
C ALA A 74 8.49 -12.60 3.59
N TRP A 75 7.80 -12.71 2.45
CA TRP A 75 8.08 -13.77 1.50
C TRP A 75 9.50 -13.63 0.94
N LYS A 76 9.90 -12.38 0.69
CA LYS A 76 11.24 -12.11 0.14
C LYS A 76 12.30 -12.44 1.18
N SER A 77 12.01 -12.11 2.44
CA SER A 77 12.96 -12.38 3.52
C SER A 77 13.09 -13.89 3.75
N LYS A 78 12.00 -14.60 3.56
CA LYS A 78 11.99 -16.05 3.74
C LYS A 78 12.51 -16.76 2.50
N ASN A 79 12.39 -16.09 1.35
CA ASN A 79 12.84 -16.66 0.09
C ASN A 79 14.03 -15.87 -0.46
N LYS A 80 14.86 -15.36 0.44
CA LYS A 80 16.02 -14.58 0.03
C LYS A 80 17.08 -15.49 -0.57
N LYS A 81 17.31 -16.64 0.06
CA LYS A 81 18.30 -17.59 -0.43
C LYS A 81 17.70 -18.46 -1.53
N ARG A 82 18.56 -19.07 -2.34
CA ARG A 82 18.11 -19.93 -3.42
C ARG A 82 17.56 -21.24 -2.87
N ARG A 1 1.44 -0.37 -19.97
CA ARG A 1 2.40 0.10 -18.95
C ARG A 1 3.77 -0.52 -19.19
N PRO A 2 4.81 0.14 -18.75
CA PRO A 2 6.21 -0.35 -18.92
C PRO A 2 6.47 -1.61 -18.10
N LYS A 3 7.71 -2.11 -18.17
CA LYS A 3 8.08 -3.31 -17.43
C LYS A 3 8.02 -3.06 -15.94
N MET A 4 6.95 -3.54 -15.30
CA MET A 4 6.79 -3.36 -13.86
C MET A 4 7.56 -4.43 -13.09
N THR A 5 8.11 -4.04 -11.93
CA THR A 5 8.88 -4.98 -11.11
C THR A 5 8.39 -4.91 -9.67
N PRO A 6 8.44 -6.02 -8.95
CA PRO A 6 7.98 -6.06 -7.53
C PRO A 6 8.81 -5.15 -6.63
N GLU A 7 10.09 -5.03 -6.93
CA GLU A 7 10.98 -4.18 -6.15
C GLU A 7 10.67 -2.72 -6.42
N GLN A 8 10.35 -2.40 -7.66
CA GLN A 8 10.02 -1.03 -8.03
C GLN A 8 8.77 -0.57 -7.32
N MET A 9 7.70 -1.35 -7.44
CA MET A 9 6.44 -1.00 -6.79
C MET A 9 6.61 -0.96 -5.27
N ALA A 10 7.44 -1.87 -4.75
CA ALA A 10 7.67 -1.91 -3.31
C ALA A 10 8.32 -0.62 -2.84
N LYS A 11 9.23 -0.09 -3.66
CA LYS A 11 9.90 1.15 -3.32
C LYS A 11 8.95 2.34 -3.45
N GLU A 12 8.17 2.35 -4.53
CA GLU A 12 7.22 3.42 -4.76
C GLU A 12 6.14 3.43 -3.68
N MET A 13 5.74 2.25 -3.25
CA MET A 13 4.72 2.15 -2.21
C MET A 13 5.28 2.60 -0.86
N SER A 14 6.33 1.92 -0.41
CA SER A 14 6.96 2.25 0.86
C SER A 14 7.16 3.76 1.01
N GLU A 15 7.80 4.37 0.02
CA GLU A 15 8.05 5.81 0.07
C GLU A 15 6.73 6.59 0.06
N PHE A 16 5.78 6.15 -0.77
CA PHE A 16 4.49 6.83 -0.83
C PHE A 16 3.94 7.04 0.59
N LEU A 17 3.98 5.99 1.39
CA LEU A 17 3.50 6.08 2.77
C LEU A 17 4.38 7.03 3.57
N SER A 18 5.68 6.83 3.50
CA SER A 18 6.62 7.67 4.22
C SER A 18 6.30 9.14 4.00
N ARG A 19 5.99 9.50 2.77
CA ARG A 19 5.66 10.88 2.43
C ARG A 19 4.29 11.24 2.98
N GLY A 20 3.37 10.27 2.96
CA GLY A 20 2.02 10.50 3.46
C GLY A 20 1.98 10.43 4.98
N PRO A 21 0.83 10.62 5.56
CA PRO A 21 0.66 10.57 7.04
C PRO A 21 0.74 9.14 7.58
N ALA A 22 0.87 9.03 8.90
CA ALA A 22 0.96 7.72 9.54
C ALA A 22 -0.24 7.48 10.44
N VAL A 23 -1.44 7.57 9.86
CA VAL A 23 -2.66 7.37 10.62
C VAL A 23 -2.87 5.89 10.92
N LEU A 24 -1.77 5.14 10.93
CA LEU A 24 -1.84 3.70 11.20
C LEU A 24 -2.44 3.45 12.59
N ALA A 25 -2.55 2.18 12.95
CA ALA A 25 -3.11 1.82 14.25
C ALA A 25 -2.93 0.32 14.51
N THR A 26 -1.94 -0.27 13.87
CA THR A 26 -1.68 -1.70 14.03
C THR A 26 -1.42 -2.02 15.50
N LYS A 27 -0.94 -1.04 16.25
CA LYS A 27 -0.65 -1.23 17.66
C LYS A 27 -1.87 -0.85 18.50
N ALA A 28 -3.04 -0.84 17.88
CA ALA A 28 -4.27 -0.49 18.59
C ALA A 28 -5.48 -1.04 17.84
N ALA A 29 -5.23 -1.80 16.78
CA ALA A 29 -6.31 -2.37 15.99
C ALA A 29 -7.18 -1.28 15.40
N ALA A 30 -7.96 -1.63 14.38
CA ALA A 30 -8.85 -0.66 13.73
C ALA A 30 -9.68 -1.34 12.65
N GLY A 31 -10.88 -0.82 12.43
CA GLY A 31 -11.77 -1.38 11.42
C GLY A 31 -11.35 -0.96 10.02
N THR A 32 -10.07 -1.13 9.71
CA THR A 32 -9.54 -0.76 8.41
C THR A 32 -9.88 -1.83 7.37
N LYS A 33 -10.36 -2.98 7.84
CA LYS A 33 -10.71 -4.08 6.95
C LYS A 33 -12.05 -3.79 6.27
N LYS A 34 -12.57 -2.58 6.48
CA LYS A 34 -13.85 -2.20 5.89
C LYS A 34 -13.71 -2.10 4.37
N TYR A 35 -12.66 -1.44 3.91
CA TYR A 35 -12.42 -1.28 2.48
C TYR A 35 -11.44 -2.35 1.99
N ASP A 36 -11.95 -3.28 1.19
CA ASP A 36 -11.10 -4.36 0.66
C ASP A 36 -10.63 -4.03 -0.76
N LEU A 37 -9.43 -3.47 -0.86
CA LEU A 37 -8.87 -3.10 -2.16
C LEU A 37 -7.72 -4.04 -2.52
N SER A 38 -7.54 -5.09 -1.72
CA SER A 38 -6.46 -6.03 -1.96
C SER A 38 -6.42 -6.45 -3.42
N LYS A 39 -7.59 -6.60 -4.04
CA LYS A 39 -7.67 -7.01 -5.44
C LYS A 39 -7.12 -5.93 -6.37
N TRP A 40 -7.33 -4.67 -6.01
CA TRP A 40 -6.85 -3.57 -6.85
C TRP A 40 -5.38 -3.75 -7.17
N LYS A 41 -5.00 -3.47 -8.41
CA LYS A 41 -3.62 -3.61 -8.84
C LYS A 41 -2.82 -2.38 -8.41
N TYR A 42 -1.54 -2.60 -8.10
CA TYR A 42 -0.67 -1.50 -7.67
C TYR A 42 -0.93 -0.25 -8.51
N ALA A 43 -1.15 -0.44 -9.80
CA ALA A 43 -1.41 0.68 -10.70
C ALA A 43 -2.75 1.32 -10.38
N GLU A 44 -3.74 0.50 -10.05
CA GLU A 44 -5.07 1.00 -9.73
C GLU A 44 -5.04 1.79 -8.43
N LEU A 45 -4.42 1.22 -7.41
CA LEU A 45 -4.33 1.89 -6.11
C LEU A 45 -3.61 3.23 -6.24
N ARG A 46 -2.33 3.18 -6.61
CA ARG A 46 -1.54 4.39 -6.76
C ARG A 46 -2.28 5.41 -7.63
N ASP A 47 -2.92 4.94 -8.69
CA ASP A 47 -3.66 5.81 -9.57
C ASP A 47 -4.82 6.48 -8.85
N THR A 48 -5.67 5.66 -8.23
CA THR A 48 -6.82 6.18 -7.50
C THR A 48 -6.40 7.32 -6.57
N ILE A 49 -5.48 7.04 -5.66
CA ILE A 49 -5.02 8.05 -4.72
C ILE A 49 -4.41 9.24 -5.46
N ASN A 50 -3.82 8.98 -6.62
CA ASN A 50 -3.20 10.05 -7.40
C ASN A 50 -4.26 10.98 -7.97
N THR A 51 -5.46 10.46 -8.22
CA THR A 51 -6.54 11.27 -8.78
C THR A 51 -7.84 11.05 -8.01
N SER A 52 -7.74 11.04 -6.68
CA SER A 52 -8.92 10.84 -5.83
C SER A 52 -9.02 11.96 -4.79
N CYS A 53 -10.11 11.95 -4.03
CA CYS A 53 -10.32 12.96 -3.00
C CYS A 53 -11.18 12.40 -1.88
N ASP A 54 -11.16 11.08 -1.72
CA ASP A 54 -11.95 10.42 -0.67
C ASP A 54 -11.04 10.02 0.48
N ILE A 55 -11.35 10.52 1.67
CA ILE A 55 -10.54 10.21 2.85
C ILE A 55 -10.48 8.70 3.10
N GLU A 56 -11.64 8.10 3.37
CA GLU A 56 -11.67 6.66 3.63
C GLU A 56 -10.96 5.89 2.53
N LEU A 57 -11.29 6.20 1.28
CA LEU A 57 -10.68 5.54 0.14
C LEU A 57 -9.16 5.65 0.24
N LEU A 58 -8.66 6.89 0.26
CA LEU A 58 -7.23 7.13 0.36
C LEU A 58 -6.61 6.26 1.46
N ALA A 59 -7.21 6.32 2.64
CA ALA A 59 -6.70 5.54 3.78
C ALA A 59 -6.61 4.07 3.42
N ALA A 60 -7.69 3.53 2.87
CA ALA A 60 -7.73 2.13 2.49
C ALA A 60 -6.51 1.76 1.65
N CYS A 61 -6.34 2.45 0.53
CA CYS A 61 -5.21 2.19 -0.36
C CYS A 61 -3.90 2.15 0.42
N ARG A 62 -3.57 3.27 1.05
CA ARG A 62 -2.33 3.36 1.84
C ARG A 62 -2.17 2.12 2.72
N GLU A 63 -3.24 1.70 3.35
CA GLU A 63 -3.20 0.53 4.22
C GLU A 63 -2.93 -0.73 3.41
N GLU A 64 -3.53 -0.82 2.22
CA GLU A 64 -3.32 -2.00 1.37
C GLU A 64 -1.86 -2.11 0.98
N PHE A 65 -1.19 -0.96 0.90
CA PHE A 65 0.22 -0.95 0.54
C PHE A 65 1.05 -1.48 1.71
N HIS A 66 0.93 -0.81 2.85
CA HIS A 66 1.67 -1.23 4.04
C HIS A 66 1.51 -2.73 4.27
N ARG A 67 0.29 -3.22 4.11
CA ARG A 67 0.01 -4.64 4.32
C ARG A 67 0.79 -5.51 3.34
N ARG A 68 0.54 -5.32 2.04
CA ARG A 68 1.22 -6.13 1.04
C ARG A 68 2.72 -5.84 1.01
N LEU A 69 3.14 -4.76 1.68
CA LEU A 69 4.55 -4.42 1.73
C LEU A 69 5.27 -5.34 2.72
N LYS A 70 4.82 -5.32 3.97
CA LYS A 70 5.42 -6.17 4.99
C LYS A 70 5.32 -7.63 4.58
N VAL A 71 4.16 -8.00 4.04
CA VAL A 71 3.94 -9.37 3.60
C VAL A 71 4.86 -9.70 2.43
N TYR A 72 5.05 -8.73 1.54
CA TYR A 72 5.91 -8.92 0.38
C TYR A 72 7.36 -9.06 0.82
N HIS A 73 7.76 -8.29 1.83
CA HIS A 73 9.12 -8.34 2.34
C HIS A 73 9.35 -9.63 3.11
N ALA A 74 8.29 -10.17 3.71
CA ALA A 74 8.38 -11.40 4.47
C ALA A 74 8.47 -12.60 3.54
N TRP A 75 7.49 -12.71 2.66
CA TRP A 75 7.45 -13.81 1.70
C TRP A 75 8.71 -13.79 0.83
N LYS A 76 9.18 -12.59 0.51
CA LYS A 76 10.39 -12.45 -0.31
C LYS A 76 11.62 -12.86 0.48
N SER A 77 11.67 -12.46 1.75
CA SER A 77 12.80 -12.79 2.60
C SER A 77 12.89 -14.30 2.79
N LYS A 78 11.74 -14.96 2.76
CA LYS A 78 11.70 -16.41 2.94
C LYS A 78 11.90 -17.11 1.60
N ASN A 79 11.36 -16.54 0.53
CA ASN A 79 11.49 -17.12 -0.79
C ASN A 79 12.69 -16.54 -1.52
N LYS A 80 13.52 -15.79 -0.78
CA LYS A 80 14.71 -15.19 -1.37
C LYS A 80 15.48 -16.21 -2.21
N LYS A 81 15.15 -17.48 -2.03
CA LYS A 81 15.81 -18.54 -2.77
C LYS A 81 15.61 -18.35 -4.27
N ARG A 82 16.44 -19.01 -5.06
CA ARG A 82 16.35 -18.91 -6.52
C ARG A 82 16.96 -20.14 -7.18
N ARG A 1 2.27 -3.54 -21.51
CA ARG A 1 2.71 -2.82 -20.33
C ARG A 1 4.23 -2.86 -20.21
N PRO A 2 4.82 -1.88 -19.57
CA PRO A 2 6.30 -1.81 -19.38
C PRO A 2 6.81 -2.93 -18.48
N LYS A 3 8.12 -2.93 -18.24
CA LYS A 3 8.74 -3.95 -17.39
C LYS A 3 8.68 -3.52 -15.93
N MET A 4 7.68 -4.01 -15.21
CA MET A 4 7.53 -3.67 -13.80
C MET A 4 8.31 -4.66 -12.93
N THR A 5 8.78 -4.18 -11.78
CA THR A 5 9.55 -5.02 -10.86
C THR A 5 8.99 -4.90 -9.45
N PRO A 6 9.05 -5.97 -8.67
CA PRO A 6 8.54 -5.96 -7.27
C PRO A 6 9.29 -4.97 -6.39
N GLU A 7 10.60 -4.84 -6.64
CA GLU A 7 11.42 -3.91 -5.87
C GLU A 7 11.03 -2.47 -6.19
N GLN A 8 10.78 -2.21 -7.47
CA GLN A 8 10.39 -0.87 -7.90
C GLN A 8 9.09 -0.45 -7.24
N MET A 9 8.04 -1.25 -7.43
CA MET A 9 6.74 -0.94 -6.84
C MET A 9 6.86 -0.84 -5.32
N ALA A 10 7.72 -1.68 -4.74
CA ALA A 10 7.92 -1.67 -3.30
C ALA A 10 8.53 -0.35 -2.85
N LYS A 11 9.38 0.22 -3.69
CA LYS A 11 10.04 1.48 -3.37
C LYS A 11 9.05 2.64 -3.49
N GLU A 12 8.30 2.66 -4.59
CA GLU A 12 7.32 3.73 -4.81
C GLU A 12 6.22 3.69 -3.75
N MET A 13 5.83 2.48 -3.35
CA MET A 13 4.79 2.32 -2.34
C MET A 13 5.31 2.76 -0.98
N SER A 14 6.41 2.14 -0.54
CA SER A 14 6.99 2.47 0.75
C SER A 14 7.13 3.98 0.93
N GLU A 15 7.81 4.63 -0.02
CA GLU A 15 8.00 6.07 0.06
C GLU A 15 6.66 6.80 0.07
N PHE A 16 5.73 6.33 -0.77
CA PHE A 16 4.40 6.95 -0.83
C PHE A 16 3.85 7.12 0.57
N LEU A 17 3.83 6.03 1.34
CA LEU A 17 3.32 6.08 2.71
C LEU A 17 4.14 7.05 3.55
N SER A 18 5.46 6.93 3.43
CA SER A 18 6.36 7.81 4.19
C SER A 18 5.88 9.26 4.10
N ARG A 19 5.47 9.67 2.90
CA ARG A 19 5.00 11.03 2.70
C ARG A 19 3.61 11.21 3.32
N GLY A 20 2.76 10.21 3.14
CA GLY A 20 1.40 10.27 3.68
C GLY A 20 1.43 10.67 5.16
N PRO A 21 0.28 10.73 5.77
CA PRO A 21 0.16 11.12 7.21
C PRO A 21 0.64 10.01 8.14
N ALA A 22 0.49 10.22 9.45
CA ALA A 22 0.91 9.24 10.44
C ALA A 22 0.12 9.41 11.72
N VAL A 23 -1.20 9.35 11.61
CA VAL A 23 -2.06 9.49 12.79
C VAL A 23 -3.27 8.56 12.68
N LEU A 24 -3.12 7.52 11.88
CA LEU A 24 -4.20 6.55 11.70
C LEU A 24 -4.75 6.10 13.05
N ALA A 25 -6.05 5.83 13.09
CA ALA A 25 -6.70 5.39 14.33
C ALA A 25 -6.55 3.88 14.50
N THR A 26 -5.41 3.35 14.06
CA THR A 26 -5.16 1.92 14.17
C THR A 26 -5.37 1.44 15.61
N LYS A 27 -5.45 2.39 16.53
CA LYS A 27 -5.65 2.07 17.94
C LYS A 27 -6.76 1.04 18.10
N ALA A 28 -6.96 0.58 19.32
CA ALA A 28 -7.99 -0.41 19.60
C ALA A 28 -9.37 0.12 19.21
N ALA A 29 -9.65 0.12 17.91
CA ALA A 29 -10.93 0.61 17.42
C ALA A 29 -11.04 0.40 15.91
N ALA A 30 -9.93 0.64 15.21
CA ALA A 30 -9.92 0.46 13.76
C ALA A 30 -11.14 1.12 13.13
N GLY A 31 -11.33 0.90 11.83
CA GLY A 31 -12.46 1.47 11.11
C GLY A 31 -12.20 1.51 9.62
N THR A 32 -10.95 1.76 9.24
CA THR A 32 -10.58 1.82 7.83
C THR A 32 -10.71 0.45 7.18
N LYS A 33 -10.83 -0.59 8.01
CA LYS A 33 -10.97 -1.94 7.50
C LYS A 33 -12.31 -2.12 6.79
N LYS A 34 -13.04 -1.02 6.65
CA LYS A 34 -14.34 -1.06 5.98
C LYS A 34 -14.18 -1.06 4.47
N TYR A 35 -12.96 -0.74 4.02
CA TYR A 35 -12.68 -0.69 2.58
C TYR A 35 -11.72 -1.81 2.20
N ASP A 36 -12.23 -2.79 1.45
CA ASP A 36 -11.40 -3.91 1.02
C ASP A 36 -10.93 -3.69 -0.42
N LEU A 37 -9.73 -3.15 -0.57
CA LEU A 37 -9.17 -2.90 -1.90
C LEU A 37 -8.10 -3.92 -2.24
N SER A 38 -8.02 -4.97 -1.44
CA SER A 38 -7.02 -6.01 -1.69
C SER A 38 -6.99 -6.42 -3.15
N LYS A 39 -8.18 -6.51 -3.76
CA LYS A 39 -8.29 -6.90 -5.16
C LYS A 39 -7.67 -5.85 -6.09
N TRP A 40 -7.85 -4.57 -5.76
CA TRP A 40 -7.32 -3.50 -6.59
C TRP A 40 -5.86 -3.77 -6.93
N LYS A 41 -5.49 -3.52 -8.19
CA LYS A 41 -4.12 -3.73 -8.63
C LYS A 41 -3.25 -2.53 -8.29
N TYR A 42 -1.95 -2.76 -8.13
CA TYR A 42 -1.02 -1.69 -7.79
C TYR A 42 -1.30 -0.45 -8.63
N ALA A 43 -1.60 -0.66 -9.91
CA ALA A 43 -1.88 0.45 -10.82
C ALA A 43 -3.18 1.14 -10.42
N GLU A 44 -4.17 0.35 -10.02
CA GLU A 44 -5.46 0.89 -9.64
C GLU A 44 -5.34 1.71 -8.36
N LEU A 45 -4.68 1.12 -7.35
CA LEU A 45 -4.50 1.80 -6.08
C LEU A 45 -3.75 3.13 -6.28
N ARG A 46 -2.51 3.04 -6.72
CA ARG A 46 -1.70 4.24 -6.94
C ARG A 46 -2.48 5.27 -7.77
N ASP A 47 -3.18 4.78 -8.79
CA ASP A 47 -3.95 5.67 -9.64
C ASP A 47 -5.04 6.38 -8.84
N THR A 48 -5.90 5.60 -8.19
CA THR A 48 -6.98 6.16 -7.40
C THR A 48 -6.47 7.31 -6.51
N ILE A 49 -5.51 7.01 -5.65
CA ILE A 49 -4.97 8.03 -4.76
C ILE A 49 -4.36 9.17 -5.55
N ASN A 50 -3.86 8.88 -6.75
CA ASN A 50 -3.26 9.92 -7.58
C ASN A 50 -4.33 10.85 -8.13
N THR A 51 -5.55 10.36 -8.27
CA THR A 51 -6.65 11.17 -8.79
C THR A 51 -7.89 11.03 -7.92
N SER A 52 -7.71 11.03 -6.61
CA SER A 52 -8.83 10.91 -5.67
C SER A 52 -8.80 12.05 -4.66
N CYS A 53 -9.88 12.17 -3.89
CA CYS A 53 -9.97 13.22 -2.88
C CYS A 53 -10.79 12.74 -1.68
N ASP A 54 -10.77 11.43 -1.45
CA ASP A 54 -11.51 10.84 -0.32
C ASP A 54 -10.54 10.40 0.77
N ILE A 55 -10.72 10.92 1.97
CA ILE A 55 -9.85 10.57 3.09
C ILE A 55 -9.87 9.07 3.34
N GLU A 56 -11.02 8.54 3.72
CA GLU A 56 -11.15 7.11 4.00
C GLU A 56 -10.56 6.28 2.85
N LEU A 57 -10.97 6.60 1.63
CA LEU A 57 -10.48 5.88 0.47
C LEU A 57 -8.96 5.92 0.43
N LEU A 58 -8.41 7.13 0.40
CA LEU A 58 -6.96 7.30 0.36
C LEU A 58 -6.29 6.41 1.40
N ALA A 59 -6.79 6.47 2.63
CA ALA A 59 -6.24 5.67 3.72
C ALA A 59 -6.27 4.19 3.36
N ALA A 60 -7.43 3.72 2.91
CA ALA A 60 -7.58 2.32 2.55
C ALA A 60 -6.44 1.86 1.64
N CYS A 61 -6.28 2.53 0.51
CA CYS A 61 -5.22 2.19 -0.43
C CYS A 61 -3.88 2.13 0.29
N ARG A 62 -3.48 3.26 0.86
CA ARG A 62 -2.20 3.34 1.57
C ARG A 62 -2.00 2.11 2.45
N GLU A 63 -3.07 1.71 3.14
CA GLU A 63 -3.00 0.54 4.01
C GLU A 63 -2.77 -0.73 3.20
N GLU A 64 -3.46 -0.83 2.07
CA GLU A 64 -3.32 -2.01 1.22
C GLU A 64 -1.87 -2.18 0.80
N PHE A 65 -1.16 -1.06 0.68
CA PHE A 65 0.25 -1.10 0.31
C PHE A 65 1.06 -1.63 1.49
N HIS A 66 0.96 -0.93 2.62
CA HIS A 66 1.68 -1.34 3.82
C HIS A 66 1.62 -2.86 3.96
N ARG A 67 0.46 -3.43 3.68
CA ARG A 67 0.28 -4.88 3.75
C ARG A 67 1.15 -5.55 2.70
N ARG A 68 1.00 -5.12 1.45
CA ARG A 68 1.78 -5.69 0.36
C ARG A 68 3.27 -5.54 0.64
N LEU A 69 3.63 -4.55 1.45
CA LEU A 69 5.04 -4.30 1.78
C LEU A 69 5.56 -5.36 2.75
N LYS A 70 5.03 -5.37 3.97
CA LYS A 70 5.48 -6.34 4.97
C LYS A 70 5.38 -7.76 4.42
N VAL A 71 4.41 -7.99 3.54
CA VAL A 71 4.23 -9.31 2.95
C VAL A 71 5.31 -9.58 1.90
N TYR A 72 5.53 -8.61 1.03
CA TYR A 72 6.53 -8.75 -0.02
C TYR A 72 7.92 -8.89 0.59
N HIS A 73 8.18 -8.13 1.65
CA HIS A 73 9.47 -8.18 2.32
C HIS A 73 9.61 -9.46 3.14
N ALA A 74 8.49 -9.94 3.68
CA ALA A 74 8.50 -11.16 4.47
C ALA A 74 8.72 -12.38 3.58
N TRP A 75 7.89 -12.49 2.54
CA TRP A 75 8.00 -13.60 1.61
C TRP A 75 9.36 -13.57 0.91
N LYS A 76 9.82 -12.37 0.58
CA LYS A 76 11.11 -12.23 -0.10
C LYS A 76 12.26 -12.64 0.82
N SER A 77 12.13 -12.30 2.09
CA SER A 77 13.17 -12.63 3.06
C SER A 77 13.22 -14.15 3.29
N LYS A 78 12.05 -14.78 3.23
CA LYS A 78 11.97 -16.23 3.43
C LYS A 78 12.29 -16.97 2.13
N ASN A 79 12.05 -16.29 1.00
CA ASN A 79 12.30 -16.90 -0.30
C ASN A 79 13.74 -16.60 -0.76
N LYS A 80 14.57 -16.15 0.19
CA LYS A 80 15.96 -15.84 -0.13
C LYS A 80 16.89 -16.46 0.90
N LYS A 81 16.57 -17.69 1.30
CA LYS A 81 17.39 -18.40 2.29
C LYS A 81 18.56 -19.11 1.61
N ARG A 82 19.68 -19.21 2.31
CA ARG A 82 20.86 -19.86 1.76
C ARG A 82 21.08 -19.44 0.30
N ARG A 1 2.11 -1.37 -20.26
CA ARG A 1 2.90 -0.70 -19.23
C ARG A 1 4.38 -1.04 -19.39
N PRO A 2 5.25 -0.19 -18.92
CA PRO A 2 6.73 -0.41 -19.00
C PRO A 2 7.18 -1.59 -18.14
N LYS A 3 8.48 -1.85 -18.17
CA LYS A 3 9.03 -2.96 -17.39
C LYS A 3 8.82 -2.71 -15.89
N MET A 4 7.80 -3.34 -15.33
CA MET A 4 7.50 -3.18 -13.91
C MET A 4 8.20 -4.26 -13.09
N THR A 5 8.68 -3.90 -11.91
CA THR A 5 9.37 -4.85 -11.03
C THR A 5 8.78 -4.81 -9.63
N PRO A 6 8.77 -5.92 -8.92
CA PRO A 6 8.23 -5.98 -7.53
C PRO A 6 9.00 -5.08 -6.58
N GLU A 7 10.30 -4.97 -6.79
CA GLU A 7 11.13 -4.12 -5.95
C GLU A 7 10.83 -2.65 -6.22
N GLN A 8 10.58 -2.33 -7.48
CA GLN A 8 10.28 -0.95 -7.86
C GLN A 8 8.98 -0.49 -7.21
N MET A 9 7.92 -1.29 -7.37
CA MET A 9 6.63 -0.95 -6.78
C MET A 9 6.73 -0.92 -5.26
N ALA A 10 7.54 -1.83 -4.71
CA ALA A 10 7.72 -1.90 -3.27
C ALA A 10 8.34 -0.60 -2.75
N LYS A 11 9.27 -0.05 -3.53
CA LYS A 11 9.93 1.18 -3.14
C LYS A 11 8.99 2.37 -3.31
N GLU A 12 8.27 2.40 -4.42
CA GLU A 12 7.33 3.48 -4.69
C GLU A 12 6.21 3.50 -3.65
N MET A 13 5.81 2.32 -3.20
CA MET A 13 4.76 2.21 -2.20
C MET A 13 5.27 2.69 -0.84
N SER A 14 6.33 2.05 -0.35
CA SER A 14 6.90 2.41 0.93
C SER A 14 7.08 3.93 1.05
N GLU A 15 7.77 4.52 0.09
CA GLU A 15 7.99 5.96 0.12
C GLU A 15 6.66 6.72 0.07
N PHE A 16 5.74 6.26 -0.78
CA PHE A 16 4.44 6.91 -0.89
C PHE A 16 3.86 7.15 0.49
N LEU A 17 3.85 6.10 1.32
CA LEU A 17 3.32 6.21 2.68
C LEU A 17 4.15 7.20 3.48
N SER A 18 5.47 7.03 3.43
CA SER A 18 6.38 7.91 4.16
C SER A 18 5.95 9.36 4.01
N ARG A 19 5.56 9.74 2.79
CA ARG A 19 5.14 11.10 2.53
C ARG A 19 3.71 11.33 3.04
N GLY A 20 2.88 10.30 2.93
CA GLY A 20 1.49 10.39 3.37
C GLY A 20 1.42 11.05 4.75
N PRO A 21 0.23 11.34 5.21
CA PRO A 21 0.00 11.98 6.54
C PRO A 21 0.24 11.00 7.69
N ALA A 22 0.13 11.51 8.91
CA ALA A 22 0.33 10.68 10.09
C ALA A 22 -0.35 11.30 11.31
N VAL A 23 -1.62 11.63 11.16
CA VAL A 23 -2.38 12.23 12.25
C VAL A 23 -2.78 11.17 13.27
N LEU A 24 -2.01 10.08 13.30
CA LEU A 24 -2.29 8.99 14.24
C LEU A 24 -1.92 9.41 15.66
N ALA A 25 -2.47 8.69 16.64
CA ALA A 25 -2.19 8.99 18.04
C ALA A 25 -2.62 7.83 18.93
N THR A 26 -2.19 6.62 18.55
CA THR A 26 -2.53 5.43 19.33
C THR A 26 -4.02 5.40 19.65
N LYS A 27 -4.84 5.74 18.65
CA LYS A 27 -6.29 5.75 18.84
C LYS A 27 -6.77 4.38 19.29
N ALA A 28 -7.52 4.37 20.40
CA ALA A 28 -8.05 3.11 20.93
C ALA A 28 -8.81 2.35 19.85
N ALA A 29 -8.94 1.04 20.04
CA ALA A 29 -9.65 0.21 19.07
C ALA A 29 -9.01 0.33 17.69
N ALA A 30 -9.75 -0.11 16.67
CA ALA A 30 -9.25 -0.04 15.30
C ALA A 30 -10.40 -0.18 14.30
N GLY A 31 -10.06 -0.22 13.02
CA GLY A 31 -11.07 -0.35 11.97
C GLY A 31 -10.52 0.08 10.63
N THR A 32 -10.38 -0.88 9.71
CA THR A 32 -9.86 -0.59 8.38
C THR A 32 -10.37 -1.60 7.37
N LYS A 33 -11.01 -2.65 7.87
CA LYS A 33 -11.55 -3.70 7.00
C LYS A 33 -12.82 -3.21 6.30
N LYS A 34 -12.99 -1.89 6.24
CA LYS A 34 -14.16 -1.31 5.60
C LYS A 34 -13.98 -1.30 4.08
N TYR A 35 -12.74 -1.11 3.64
CA TYR A 35 -12.45 -1.08 2.20
C TYR A 35 -11.40 -2.13 1.86
N ASP A 36 -11.82 -3.16 1.13
CA ASP A 36 -10.90 -4.23 0.72
C ASP A 36 -10.44 -4.01 -0.71
N LEU A 37 -9.29 -3.38 -0.86
CA LEU A 37 -8.74 -3.11 -2.19
C LEU A 37 -7.61 -4.07 -2.52
N SER A 38 -7.47 -5.12 -1.72
CA SER A 38 -6.42 -6.09 -1.93
C SER A 38 -6.35 -6.51 -3.39
N LYS A 39 -7.52 -6.61 -4.04
CA LYS A 39 -7.58 -7.02 -5.44
C LYS A 39 -7.04 -5.94 -6.36
N TRP A 40 -7.32 -4.68 -6.04
CA TRP A 40 -6.87 -3.57 -6.87
C TRP A 40 -5.39 -3.74 -7.22
N LYS A 41 -5.04 -3.41 -8.46
CA LYS A 41 -3.65 -3.54 -8.91
C LYS A 41 -2.84 -2.32 -8.49
N TYR A 42 -1.56 -2.53 -8.22
CA TYR A 42 -0.69 -1.43 -7.81
C TYR A 42 -0.97 -0.18 -8.63
N ALA A 43 -1.21 -0.36 -9.92
CA ALA A 43 -1.49 0.77 -10.80
C ALA A 43 -2.84 1.40 -10.45
N GLU A 44 -3.80 0.56 -10.11
CA GLU A 44 -5.13 1.06 -9.76
C GLU A 44 -5.08 1.84 -8.45
N LEU A 45 -4.43 1.26 -7.45
CA LEU A 45 -4.32 1.91 -6.15
C LEU A 45 -3.61 3.26 -6.28
N ARG A 46 -2.35 3.22 -6.68
CA ARG A 46 -1.56 4.45 -6.83
C ARG A 46 -2.34 5.47 -7.66
N ASP A 47 -2.99 5.00 -8.71
CA ASP A 47 -3.77 5.88 -9.57
C ASP A 47 -4.91 6.53 -8.79
N THR A 48 -5.75 5.69 -8.20
CA THR A 48 -6.88 6.20 -7.43
C THR A 48 -6.45 7.33 -6.50
N ILE A 49 -5.52 7.04 -5.61
CA ILE A 49 -5.04 8.05 -4.67
C ILE A 49 -4.45 9.26 -5.40
N ASN A 50 -3.90 9.01 -6.59
CA ASN A 50 -3.31 10.09 -7.37
C ASN A 50 -4.39 10.99 -7.95
N THR A 51 -5.58 10.43 -8.17
CA THR A 51 -6.70 11.20 -8.72
C THR A 51 -7.97 10.99 -7.91
N SER A 52 -7.83 11.00 -6.59
CA SER A 52 -8.98 10.82 -5.70
C SER A 52 -9.04 11.93 -4.67
N CYS A 53 -10.14 11.98 -3.92
CA CYS A 53 -10.32 13.00 -2.90
C CYS A 53 -11.15 12.47 -1.73
N ASP A 54 -11.11 11.16 -1.53
CA ASP A 54 -11.86 10.53 -0.44
C ASP A 54 -10.90 10.10 0.67
N ILE A 55 -11.15 10.62 1.87
CA ILE A 55 -10.29 10.30 3.01
C ILE A 55 -10.26 8.79 3.28
N GLU A 56 -11.42 8.23 3.62
CA GLU A 56 -11.50 6.80 3.90
C GLU A 56 -10.86 5.99 2.78
N LEU A 57 -11.25 6.28 1.54
CA LEU A 57 -10.70 5.58 0.39
C LEU A 57 -9.18 5.67 0.38
N LEU A 58 -8.68 6.91 0.36
CA LEU A 58 -7.23 7.14 0.36
C LEU A 58 -6.56 6.26 1.42
N ALA A 59 -7.09 6.29 2.63
CA ALA A 59 -6.53 5.50 3.72
C ALA A 59 -6.48 4.03 3.33
N ALA A 60 -7.60 3.51 2.85
CA ALA A 60 -7.67 2.12 2.44
C ALA A 60 -6.48 1.75 1.57
N CYS A 61 -6.33 2.45 0.44
CA CYS A 61 -5.22 2.19 -0.46
C CYS A 61 -3.91 2.15 0.29
N ARG A 62 -3.56 3.27 0.92
CA ARG A 62 -2.31 3.36 1.68
C ARG A 62 -2.14 2.13 2.58
N GLU A 63 -3.22 1.74 3.24
CA GLU A 63 -3.19 0.59 4.13
C GLU A 63 -2.91 -0.69 3.34
N GLU A 64 -3.50 -0.79 2.15
CA GLU A 64 -3.29 -1.97 1.32
C GLU A 64 -1.83 -2.10 0.92
N PHE A 65 -1.16 -0.94 0.81
CA PHE A 65 0.25 -0.94 0.45
C PHE A 65 1.08 -1.46 1.62
N HIS A 66 0.97 -0.79 2.76
CA HIS A 66 1.70 -1.19 3.95
C HIS A 66 1.56 -2.69 4.20
N ARG A 67 0.33 -3.19 4.06
CA ARG A 67 0.05 -4.60 4.27
C ARG A 67 0.83 -5.48 3.29
N ARG A 68 0.57 -5.30 2.01
CA ARG A 68 1.24 -6.12 0.99
C ARG A 68 2.74 -5.83 0.96
N LEU A 69 3.15 -4.75 1.62
CA LEU A 69 4.58 -4.41 1.67
C LEU A 69 5.30 -5.32 2.65
N LYS A 70 4.86 -5.29 3.91
CA LYS A 70 5.47 -6.12 4.94
C LYS A 70 5.36 -7.60 4.54
N VAL A 71 4.21 -7.97 3.99
CA VAL A 71 3.99 -9.34 3.56
C VAL A 71 4.90 -9.67 2.39
N TYR A 72 5.08 -8.70 1.49
CA TYR A 72 5.93 -8.89 0.32
C TYR A 72 7.38 -9.06 0.77
N HIS A 73 7.78 -8.29 1.77
CA HIS A 73 9.15 -8.37 2.28
C HIS A 73 9.34 -9.63 3.11
N ALA A 74 8.26 -10.11 3.72
CA ALA A 74 8.32 -11.31 4.54
C ALA A 74 8.37 -12.55 3.66
N TRP A 75 7.44 -12.65 2.73
CA TRP A 75 7.40 -13.79 1.82
C TRP A 75 8.65 -13.82 0.96
N LYS A 76 9.12 -12.65 0.55
CA LYS A 76 10.32 -12.54 -0.28
C LYS A 76 11.55 -12.93 0.54
N SER A 77 11.59 -12.47 1.78
CA SER A 77 12.72 -12.77 2.66
C SER A 77 12.80 -14.26 2.93
N LYS A 78 11.64 -14.91 2.97
CA LYS A 78 11.58 -16.35 3.23
C LYS A 78 11.78 -17.13 1.94
N ASN A 79 11.30 -16.57 0.83
CA ASN A 79 11.44 -17.23 -0.47
C ASN A 79 12.51 -16.54 -1.31
N LYS A 80 13.61 -16.17 -0.66
CA LYS A 80 14.71 -15.51 -1.36
C LYS A 80 15.52 -16.51 -2.17
N LYS A 81 15.59 -17.75 -1.67
CA LYS A 81 16.33 -18.80 -2.35
C LYS A 81 15.46 -19.50 -3.38
N ARG A 82 15.98 -19.68 -4.58
CA ARG A 82 15.23 -20.34 -5.64
C ARG A 82 15.26 -21.85 -5.46
N ARG A 1 4.42 0.10 -22.50
CA ARG A 1 4.91 0.45 -21.17
C ARG A 1 6.14 -0.40 -20.81
N PRO A 2 7.00 0.11 -19.98
CA PRO A 2 8.23 -0.62 -19.55
C PRO A 2 7.91 -1.84 -18.70
N LYS A 3 8.95 -2.54 -18.27
CA LYS A 3 8.76 -3.74 -17.45
C LYS A 3 8.73 -3.38 -15.97
N MET A 4 7.67 -3.79 -15.28
CA MET A 4 7.52 -3.50 -13.87
C MET A 4 8.35 -4.49 -13.03
N THR A 5 8.82 -4.03 -11.88
CA THR A 5 9.62 -4.86 -11.00
C THR A 5 9.09 -4.81 -9.57
N PRO A 6 9.20 -5.88 -8.82
CA PRO A 6 8.70 -5.93 -7.42
C PRO A 6 9.44 -4.94 -6.52
N GLU A 7 10.73 -4.76 -6.76
CA GLU A 7 11.52 -3.83 -5.97
C GLU A 7 11.11 -2.40 -6.27
N GLN A 8 10.80 -2.14 -7.54
CA GLN A 8 10.39 -0.80 -7.94
C GLN A 8 9.07 -0.41 -7.28
N MET A 9 8.05 -1.24 -7.47
CA MET A 9 6.75 -0.98 -6.88
C MET A 9 6.87 -0.88 -5.36
N ALA A 10 7.74 -1.70 -4.78
CA ALA A 10 7.93 -1.69 -3.34
C ALA A 10 8.52 -0.37 -2.88
N LYS A 11 9.41 0.20 -3.71
CA LYS A 11 10.04 1.46 -3.38
C LYS A 11 9.05 2.62 -3.56
N GLU A 12 8.27 2.58 -4.64
CA GLU A 12 7.29 3.62 -4.90
C GLU A 12 6.19 3.62 -3.85
N MET A 13 5.77 2.42 -3.44
CA MET A 13 4.72 2.30 -2.43
C MET A 13 5.25 2.75 -1.08
N SER A 14 6.36 2.17 -0.65
CA SER A 14 6.96 2.52 0.64
C SER A 14 7.09 4.04 0.78
N GLU A 15 7.79 4.67 -0.15
CA GLU A 15 7.98 6.11 -0.10
C GLU A 15 6.63 6.83 -0.10
N PHE A 16 5.69 6.34 -0.92
CA PHE A 16 4.38 6.96 -0.99
C PHE A 16 3.81 7.15 0.42
N LEU A 17 3.78 6.07 1.20
CA LEU A 17 3.27 6.14 2.57
C LEU A 17 4.09 7.14 3.38
N SER A 18 5.42 7.00 3.31
CA SER A 18 6.31 7.90 4.04
C SER A 18 5.94 9.35 3.76
N ARG A 19 5.54 9.62 2.53
CA ARG A 19 5.17 10.98 2.14
C ARG A 19 3.78 11.33 2.67
N GLY A 20 2.93 10.32 2.79
CA GLY A 20 1.57 10.53 3.29
C GLY A 20 1.60 11.27 4.63
N PRO A 21 0.48 11.35 5.28
CA PRO A 21 0.35 12.04 6.60
C PRO A 21 1.45 11.62 7.58
N ALA A 22 1.36 12.11 8.81
CA ALA A 22 2.35 11.78 9.83
C ALA A 22 1.71 11.84 11.22
N VAL A 23 0.54 11.24 11.35
CA VAL A 23 -0.17 11.22 12.63
C VAL A 23 -0.71 9.83 12.92
N LEU A 24 -0.10 9.16 13.89
CA LEU A 24 -0.53 7.81 14.26
C LEU A 24 -1.74 7.87 15.18
N ALA A 25 -2.15 6.71 15.69
CA ALA A 25 -3.31 6.64 16.58
C ALA A 25 -3.21 5.41 17.48
N THR A 26 -2.12 5.32 18.24
CA THR A 26 -1.92 4.19 19.13
C THR A 26 -2.09 2.87 18.38
N LYS A 27 -1.06 2.47 17.65
CA LYS A 27 -1.11 1.22 16.89
C LYS A 27 -2.40 1.14 16.10
N ALA A 28 -2.60 0.02 15.41
CA ALA A 28 -3.81 -0.18 14.61
C ALA A 28 -4.99 -0.53 15.51
N ALA A 29 -5.95 0.38 15.59
CA ALA A 29 -7.14 0.16 16.41
C ALA A 29 -8.28 1.07 15.99
N ALA A 30 -8.79 0.84 14.78
CA ALA A 30 -9.89 1.64 14.26
C ALA A 30 -10.40 1.08 12.94
N GLY A 31 -11.72 1.12 12.75
CA GLY A 31 -12.32 0.61 11.52
C GLY A 31 -12.11 1.57 10.37
N THR A 32 -10.93 2.18 10.31
CA THR A 32 -10.61 3.13 9.25
C THR A 32 -10.59 2.42 7.89
N LYS A 33 -10.06 1.20 7.88
CA LYS A 33 -9.98 0.43 6.64
C LYS A 33 -11.34 -0.17 6.29
N LYS A 34 -12.39 0.64 6.45
CA LYS A 34 -13.74 0.19 6.15
C LYS A 34 -13.84 -0.28 4.70
N TYR A 35 -12.74 -0.11 3.96
CA TYR A 35 -12.71 -0.52 2.56
C TYR A 35 -11.72 -1.65 2.34
N ASP A 36 -12.09 -2.59 1.48
CA ASP A 36 -11.22 -3.72 1.17
C ASP A 36 -10.76 -3.63 -0.29
N LEU A 37 -9.60 -3.05 -0.51
CA LEU A 37 -9.07 -2.90 -1.86
C LEU A 37 -7.99 -3.93 -2.15
N SER A 38 -7.99 -5.02 -1.38
CA SER A 38 -6.99 -6.07 -1.57
C SER A 38 -6.97 -6.52 -3.03
N LYS A 39 -8.15 -6.62 -3.63
CA LYS A 39 -8.27 -7.05 -5.02
C LYS A 39 -7.70 -6.02 -5.98
N TRP A 40 -7.74 -4.75 -5.60
CA TRP A 40 -7.22 -3.69 -6.47
C TRP A 40 -5.76 -3.94 -6.78
N LYS A 41 -5.34 -3.60 -8.00
CA LYS A 41 -3.96 -3.80 -8.41
C LYS A 41 -3.12 -2.57 -8.05
N TYR A 42 -1.81 -2.74 -8.06
CA TYR A 42 -0.89 -1.66 -7.73
C TYR A 42 -1.19 -0.43 -8.60
N ALA A 43 -1.50 -0.66 -9.87
CA ALA A 43 -1.80 0.43 -10.79
C ALA A 43 -3.11 1.10 -10.42
N GLU A 44 -4.10 0.30 -10.04
CA GLU A 44 -5.40 0.84 -9.66
C GLU A 44 -5.30 1.66 -8.38
N LEU A 45 -4.62 1.10 -7.39
CA LEU A 45 -4.46 1.79 -6.11
C LEU A 45 -3.73 3.12 -6.31
N ARG A 46 -2.48 3.05 -6.75
CA ARG A 46 -1.68 4.25 -6.97
C ARG A 46 -2.45 5.26 -7.81
N ASP A 47 -3.15 4.77 -8.82
CA ASP A 47 -3.93 5.63 -9.71
C ASP A 47 -5.04 6.33 -8.92
N THR A 48 -5.89 5.54 -8.28
CA THR A 48 -7.00 6.09 -7.50
C THR A 48 -6.52 7.23 -6.61
N ILE A 49 -5.60 6.94 -5.70
CA ILE A 49 -5.08 7.96 -4.80
C ILE A 49 -4.45 9.10 -5.58
N ASN A 50 -3.92 8.80 -6.76
CA ASN A 50 -3.30 9.82 -7.59
C ASN A 50 -4.34 10.67 -8.29
N THR A 51 -5.57 10.17 -8.37
CA THR A 51 -6.66 10.90 -9.01
C THR A 51 -7.92 10.88 -8.15
N SER A 52 -7.74 10.73 -6.85
CA SER A 52 -8.87 10.70 -5.91
C SER A 52 -8.75 11.82 -4.89
N CYS A 53 -9.79 12.00 -4.10
CA CYS A 53 -9.81 13.05 -3.08
C CYS A 53 -10.65 12.63 -1.89
N ASP A 54 -10.72 11.32 -1.65
CA ASP A 54 -11.50 10.79 -0.53
C ASP A 54 -10.55 10.33 0.57
N ILE A 55 -10.67 10.93 1.74
CA ILE A 55 -9.81 10.58 2.87
C ILE A 55 -9.91 9.09 3.18
N GLU A 56 -11.09 8.65 3.58
CA GLU A 56 -11.30 7.25 3.92
C GLU A 56 -10.78 6.33 2.82
N LEU A 57 -11.14 6.65 1.57
CA LEU A 57 -10.72 5.85 0.44
C LEU A 57 -9.20 5.80 0.36
N LEU A 58 -8.58 6.98 0.22
CA LEU A 58 -7.14 7.06 0.12
C LEU A 58 -6.47 6.33 1.28
N ALA A 59 -7.02 6.51 2.48
CA ALA A 59 -6.46 5.85 3.66
C ALA A 59 -6.42 4.34 3.44
N ALA A 60 -7.51 3.79 2.91
CA ALA A 60 -7.59 2.37 2.65
C ALA A 60 -6.47 1.94 1.71
N CYS A 61 -6.36 2.60 0.57
CA CYS A 61 -5.32 2.28 -0.40
C CYS A 61 -3.96 2.22 0.29
N ARG A 62 -3.55 3.33 0.88
CA ARG A 62 -2.27 3.39 1.58
C ARG A 62 -2.09 2.15 2.45
N GLU A 63 -3.12 1.81 3.22
CA GLU A 63 -3.05 0.65 4.10
C GLU A 63 -2.86 -0.62 3.28
N GLU A 64 -3.55 -0.71 2.14
CA GLU A 64 -3.45 -1.89 1.30
C GLU A 64 -1.99 -2.09 0.86
N PHE A 65 -1.27 -0.98 0.70
CA PHE A 65 0.13 -1.07 0.31
C PHE A 65 0.93 -1.63 1.48
N HIS A 66 0.89 -0.90 2.60
CA HIS A 66 1.61 -1.33 3.80
C HIS A 66 1.52 -2.84 3.94
N ARG A 67 0.33 -3.38 3.71
CA ARG A 67 0.13 -4.82 3.78
C ARG A 67 0.98 -5.51 2.74
N ARG A 68 0.85 -5.08 1.49
CA ARG A 68 1.63 -5.66 0.40
C ARG A 68 3.12 -5.64 0.73
N LEU A 69 3.57 -4.53 1.30
CA LEU A 69 4.98 -4.40 1.66
C LEU A 69 5.38 -5.47 2.67
N LYS A 70 4.56 -5.64 3.70
CA LYS A 70 4.83 -6.64 4.74
C LYS A 70 4.95 -8.03 4.12
N VAL A 71 3.96 -8.40 3.32
CA VAL A 71 3.96 -9.71 2.68
C VAL A 71 5.12 -9.84 1.70
N TYR A 72 5.39 -8.75 0.98
CA TYR A 72 6.48 -8.74 0.01
C TYR A 72 7.82 -8.88 0.72
N HIS A 73 7.95 -8.25 1.87
CA HIS A 73 9.19 -8.32 2.64
C HIS A 73 9.36 -9.69 3.27
N ALA A 74 8.25 -10.32 3.61
CA ALA A 74 8.29 -11.65 4.22
C ALA A 74 8.57 -12.71 3.15
N TRP A 75 7.72 -12.74 2.12
CA TRP A 75 7.88 -13.71 1.05
C TRP A 75 9.27 -13.57 0.43
N LYS A 76 9.74 -12.33 0.29
CA LYS A 76 11.05 -12.08 -0.29
C LYS A 76 12.15 -12.58 0.65
N SER A 77 12.01 -12.27 1.93
CA SER A 77 12.99 -12.70 2.93
C SER A 77 13.02 -14.22 3.02
N LYS A 78 11.87 -14.84 2.80
CA LYS A 78 11.76 -16.29 2.87
C LYS A 78 12.24 -16.93 1.57
N ASN A 79 12.01 -16.23 0.46
CA ASN A 79 12.41 -16.74 -0.85
C ASN A 79 13.88 -16.44 -1.11
N LYS A 80 14.38 -15.36 -0.51
CA LYS A 80 15.78 -14.98 -0.69
C LYS A 80 16.67 -15.76 0.26
N LYS A 81 16.86 -15.22 1.47
CA LYS A 81 17.69 -15.88 2.46
C LYS A 81 17.34 -17.36 2.57
N ARG A 82 18.34 -18.19 2.83
CA ARG A 82 18.13 -19.63 2.96
C ARG A 82 19.26 -20.27 3.75
N ARG A 1 1.03 -3.69 -20.00
CA ARG A 1 1.85 -2.75 -19.23
C ARG A 1 3.33 -2.98 -19.50
N PRO A 2 4.12 -1.96 -19.37
CA PRO A 2 5.60 -2.06 -19.60
C PRO A 2 6.30 -2.93 -18.56
N LYS A 3 7.62 -2.91 -18.56
CA LYS A 3 8.39 -3.70 -17.61
C LYS A 3 8.16 -3.22 -16.18
N MET A 4 7.96 -4.16 -15.26
CA MET A 4 7.73 -3.82 -13.86
C MET A 4 8.48 -4.78 -12.94
N THR A 5 9.15 -4.22 -11.93
CA THR A 5 9.91 -5.04 -10.98
C THR A 5 9.31 -4.92 -9.58
N PRO A 6 9.39 -5.96 -8.79
CA PRO A 6 8.83 -5.94 -7.40
C PRO A 6 9.54 -4.92 -6.52
N GLU A 7 10.84 -4.76 -6.73
CA GLU A 7 11.62 -3.80 -5.96
C GLU A 7 11.21 -2.37 -6.32
N GLN A 8 10.98 -2.15 -7.61
CA GLN A 8 10.58 -0.83 -8.09
C GLN A 8 9.25 -0.42 -7.48
N MET A 9 8.23 -1.25 -7.68
CA MET A 9 6.90 -0.96 -7.13
C MET A 9 6.98 -0.79 -5.61
N ALA A 10 7.79 -1.62 -4.97
CA ALA A 10 7.94 -1.55 -3.51
C ALA A 10 8.50 -0.20 -3.11
N LYS A 11 9.42 0.32 -3.91
CA LYS A 11 10.03 1.62 -3.62
C LYS A 11 9.00 2.73 -3.75
N GLU A 12 8.20 2.69 -4.81
CA GLU A 12 7.19 3.71 -5.04
C GLU A 12 6.10 3.64 -3.98
N MET A 13 5.69 2.43 -3.63
CA MET A 13 4.65 2.26 -2.62
C MET A 13 5.19 2.62 -1.24
N SER A 14 6.34 2.05 -0.89
CA SER A 14 6.96 2.32 0.41
C SER A 14 7.06 3.81 0.65
N GLU A 15 7.71 4.53 -0.28
CA GLU A 15 7.86 5.97 -0.12
C GLU A 15 6.49 6.64 -0.02
N PHE A 16 5.56 6.22 -0.86
CA PHE A 16 4.22 6.80 -0.84
C PHE A 16 3.73 6.89 0.61
N LEU A 17 3.79 5.78 1.32
CA LEU A 17 3.35 5.75 2.72
C LEU A 17 4.20 6.71 3.55
N SER A 18 5.52 6.63 3.38
CA SER A 18 6.43 7.49 4.11
C SER A 18 5.95 8.94 4.06
N ARG A 19 5.47 9.36 2.89
CA ARG A 19 4.98 10.73 2.73
C ARG A 19 3.57 10.87 3.30
N GLY A 20 2.82 9.76 3.28
CA GLY A 20 1.46 9.77 3.81
C GLY A 20 1.42 10.30 5.23
N PRO A 21 0.33 10.11 5.91
CA PRO A 21 0.15 10.58 7.32
C PRO A 21 1.33 10.18 8.20
N ALA A 22 1.22 10.46 9.49
CA ALA A 22 2.28 10.13 10.44
C ALA A 22 1.70 9.84 11.82
N VAL A 23 0.66 9.00 11.85
CA VAL A 23 0.01 8.64 13.11
C VAL A 23 -0.38 7.17 13.10
N LEU A 24 0.55 6.31 13.49
CA LEU A 24 0.29 4.87 13.53
C LEU A 24 -0.49 4.51 14.79
N ALA A 25 -0.65 3.21 15.01
CA ALA A 25 -1.37 2.72 16.17
C ALA A 25 -2.78 3.31 16.20
N THR A 26 -3.22 3.80 15.05
CA THR A 26 -4.56 4.38 14.93
C THR A 26 -5.59 3.30 14.66
N LYS A 27 -5.13 2.15 14.18
CA LYS A 27 -6.03 1.04 13.88
C LYS A 27 -6.89 0.71 15.10
N ALA A 28 -8.20 0.92 14.96
CA ALA A 28 -9.13 0.63 16.06
C ALA A 28 -9.44 -0.85 16.11
N ALA A 29 -9.22 -1.46 17.28
CA ALA A 29 -9.47 -2.89 17.46
C ALA A 29 -8.79 -3.69 16.36
N ALA A 30 -9.56 -4.06 15.34
CA ALA A 30 -9.03 -4.84 14.23
C ALA A 30 -10.09 -5.05 13.16
N GLY A 31 -9.66 -5.00 11.89
CA GLY A 31 -10.59 -5.18 10.78
C GLY A 31 -11.50 -3.97 10.63
N THR A 32 -10.95 -2.79 10.90
CA THR A 32 -11.72 -1.56 10.79
C THR A 32 -11.78 -1.09 9.33
N LYS A 33 -10.80 -1.50 8.55
CA LYS A 33 -10.75 -1.13 7.14
C LYS A 33 -12.05 -1.50 6.44
N LYS A 34 -13.05 -0.64 6.56
CA LYS A 34 -14.35 -0.90 5.93
C LYS A 34 -14.19 -1.01 4.41
N TYR A 35 -13.09 -0.48 3.90
CA TYR A 35 -12.82 -0.52 2.46
C TYR A 35 -11.84 -1.65 2.14
N ASP A 36 -12.34 -2.68 1.46
CA ASP A 36 -11.50 -3.82 1.08
C ASP A 36 -11.02 -3.65 -0.36
N LEU A 37 -9.81 -3.11 -0.52
CA LEU A 37 -9.24 -2.90 -1.85
C LEU A 37 -8.20 -3.97 -2.16
N SER A 38 -8.15 -4.99 -1.32
CA SER A 38 -7.18 -6.07 -1.51
C SER A 38 -7.14 -6.52 -2.96
N LYS A 39 -8.32 -6.62 -3.57
CA LYS A 39 -8.42 -7.07 -4.96
C LYS A 39 -7.79 -6.06 -5.93
N TRP A 40 -7.95 -4.77 -5.65
CA TRP A 40 -7.41 -3.74 -6.51
C TRP A 40 -5.95 -4.05 -6.86
N LYS A 41 -5.56 -3.73 -8.09
CA LYS A 41 -4.19 -3.98 -8.55
C LYS A 41 -3.28 -2.80 -8.19
N TYR A 42 -1.97 -3.04 -8.24
CA TYR A 42 -1.01 -1.99 -7.93
C TYR A 42 -1.30 -0.73 -8.75
N ALA A 43 -1.59 -0.92 -10.03
CA ALA A 43 -1.88 0.20 -10.92
C ALA A 43 -3.19 0.90 -10.51
N GLU A 44 -4.16 0.11 -10.10
CA GLU A 44 -5.45 0.66 -9.69
C GLU A 44 -5.30 1.48 -8.41
N LEU A 45 -4.67 0.88 -7.40
CA LEU A 45 -4.46 1.56 -6.13
C LEU A 45 -3.69 2.87 -6.32
N ARG A 46 -2.45 2.76 -6.77
CA ARG A 46 -1.63 3.93 -6.99
C ARG A 46 -2.38 4.98 -7.80
N ASP A 47 -3.03 4.54 -8.87
CA ASP A 47 -3.78 5.46 -9.73
C ASP A 47 -4.89 6.17 -8.94
N THR A 48 -5.72 5.39 -8.27
CA THR A 48 -6.82 5.96 -7.49
C THR A 48 -6.33 7.08 -6.59
N ILE A 49 -5.41 6.74 -5.69
CA ILE A 49 -4.87 7.73 -4.76
C ILE A 49 -4.19 8.87 -5.52
N ASN A 50 -3.71 8.58 -6.72
CA ASN A 50 -3.05 9.60 -7.52
C ASN A 50 -4.06 10.50 -8.22
N THR A 51 -5.29 10.00 -8.35
CA THR A 51 -6.36 10.77 -8.99
C THR A 51 -7.64 10.72 -8.17
N SER A 52 -7.49 10.73 -6.85
CA SER A 52 -8.64 10.69 -5.95
C SER A 52 -8.62 11.90 -5.01
N CYS A 53 -9.70 12.06 -4.25
CA CYS A 53 -9.81 13.17 -3.32
C CYS A 53 -10.66 12.77 -2.11
N ASP A 54 -10.68 11.47 -1.81
CA ASP A 54 -11.45 10.98 -0.67
C ASP A 54 -10.51 10.60 0.47
N ILE A 55 -10.88 10.99 1.68
CA ILE A 55 -10.05 10.70 2.86
C ILE A 55 -10.07 9.21 3.18
N GLU A 56 -11.24 8.69 3.53
CA GLU A 56 -11.38 7.28 3.87
C GLU A 56 -10.77 6.40 2.77
N LEU A 57 -11.15 6.69 1.53
CA LEU A 57 -10.64 5.92 0.39
C LEU A 57 -9.11 5.92 0.40
N LEU A 58 -8.54 7.10 0.37
CA LEU A 58 -7.08 7.23 0.38
C LEU A 58 -6.48 6.37 1.49
N ALA A 59 -7.00 6.54 2.70
CA ALA A 59 -6.51 5.77 3.85
C ALA A 59 -6.53 4.28 3.54
N ALA A 60 -7.66 3.80 3.03
CA ALA A 60 -7.79 2.38 2.70
C ALA A 60 -6.61 1.92 1.84
N CYS A 61 -6.43 2.57 0.70
CA CYS A 61 -5.35 2.22 -0.21
C CYS A 61 -4.02 2.14 0.55
N ARG A 62 -3.61 3.26 1.14
CA ARG A 62 -2.35 3.31 1.88
C ARG A 62 -2.19 2.05 2.73
N GLU A 63 -3.25 1.67 3.43
CA GLU A 63 -3.21 0.49 4.28
C GLU A 63 -3.01 -0.77 3.45
N GLU A 64 -3.68 -0.85 2.30
CA GLU A 64 -3.56 -2.02 1.44
C GLU A 64 -2.11 -2.22 1.01
N PHE A 65 -1.38 -1.12 0.86
CA PHE A 65 0.01 -1.19 0.47
C PHE A 65 0.82 -1.74 1.64
N HIS A 66 0.76 -1.04 2.76
CA HIS A 66 1.49 -1.47 3.96
C HIS A 66 1.40 -2.98 4.10
N ARG A 67 0.19 -3.51 3.93
CA ARG A 67 0.00 -4.95 4.02
C ARG A 67 0.84 -5.65 2.96
N ARG A 68 0.69 -5.21 1.71
CA ARG A 68 1.45 -5.80 0.62
C ARG A 68 2.94 -5.77 0.94
N LEU A 69 3.48 -4.57 1.10
CA LEU A 69 4.91 -4.41 1.41
C LEU A 69 5.36 -5.46 2.41
N LYS A 70 4.70 -5.51 3.56
CA LYS A 70 5.06 -6.47 4.60
C LYS A 70 5.13 -7.88 4.02
N VAL A 71 4.14 -8.24 3.21
CA VAL A 71 4.10 -9.57 2.60
C VAL A 71 5.24 -9.73 1.60
N TYR A 72 5.55 -8.64 0.90
CA TYR A 72 6.62 -8.67 -0.09
C TYR A 72 7.98 -8.82 0.59
N HIS A 73 8.13 -8.16 1.73
CA HIS A 73 9.38 -8.22 2.48
C HIS A 73 9.54 -9.60 3.12
N ALA A 74 8.42 -10.20 3.50
CA ALA A 74 8.45 -11.53 4.12
C ALA A 74 8.71 -12.60 3.07
N TRP A 75 7.85 -12.64 2.06
CA TRP A 75 7.99 -13.61 0.99
C TRP A 75 9.38 -13.51 0.37
N LYS A 76 9.88 -12.29 0.24
CA LYS A 76 11.20 -12.06 -0.32
C LYS A 76 12.28 -12.59 0.61
N SER A 77 12.12 -12.31 1.91
CA SER A 77 13.10 -12.76 2.90
C SER A 77 13.09 -14.29 2.98
N LYS A 78 11.93 -14.88 2.76
CA LYS A 78 11.81 -16.34 2.81
C LYS A 78 12.24 -16.96 1.49
N ASN A 79 12.05 -16.23 0.40
CA ASN A 79 12.43 -16.72 -0.92
C ASN A 79 13.72 -16.07 -1.39
N LYS A 80 14.49 -15.53 -0.44
CA LYS A 80 15.74 -14.88 -0.77
C LYS A 80 16.69 -15.86 -1.44
N LYS A 81 16.46 -17.15 -1.22
CA LYS A 81 17.30 -18.19 -1.80
C LYS A 81 17.47 -17.95 -3.31
N ARG A 82 18.62 -18.36 -3.84
CA ARG A 82 18.91 -18.18 -5.25
C ARG A 82 18.06 -19.14 -6.09
N ARG A 1 8.80 3.14 -21.15
CA ARG A 1 9.28 2.86 -19.80
C ARG A 1 9.52 1.36 -19.63
N PRO A 2 10.41 1.00 -18.75
CA PRO A 2 10.74 -0.44 -18.48
C PRO A 2 9.58 -1.19 -17.85
N LYS A 3 9.78 -2.47 -17.58
CA LYS A 3 8.74 -3.29 -16.97
C LYS A 3 8.67 -3.05 -15.47
N MET A 4 7.50 -3.26 -14.88
CA MET A 4 7.32 -3.06 -13.44
C MET A 4 7.85 -4.26 -12.67
N THR A 5 8.72 -3.97 -11.70
CA THR A 5 9.31 -5.03 -10.87
C THR A 5 8.76 -4.94 -9.45
N PRO A 6 8.65 -6.04 -8.75
CA PRO A 6 8.14 -6.05 -7.36
C PRO A 6 8.92 -5.11 -6.44
N GLU A 7 10.24 -5.05 -6.66
CA GLU A 7 11.09 -4.18 -5.86
C GLU A 7 10.79 -2.72 -6.17
N GLN A 8 10.57 -2.42 -7.45
CA GLN A 8 10.28 -1.05 -7.86
C GLN A 8 8.99 -0.56 -7.19
N MET A 9 7.91 -1.31 -7.40
CA MET A 9 6.62 -0.94 -6.82
C MET A 9 6.74 -0.85 -5.30
N ALA A 10 7.56 -1.72 -4.72
CA ALA A 10 7.76 -1.73 -3.28
C ALA A 10 8.37 -0.42 -2.82
N LYS A 11 9.31 0.10 -3.60
CA LYS A 11 9.98 1.35 -3.27
C LYS A 11 9.00 2.52 -3.43
N GLU A 12 8.24 2.52 -4.52
CA GLU A 12 7.28 3.59 -4.77
C GLU A 12 6.18 3.58 -3.71
N MET A 13 5.79 2.39 -3.27
CA MET A 13 4.75 2.27 -2.25
C MET A 13 5.27 2.74 -0.90
N SER A 14 6.33 2.11 -0.43
CA SER A 14 6.92 2.46 0.86
C SER A 14 7.09 3.97 0.98
N GLU A 15 7.76 4.59 0.00
CA GLU A 15 7.98 6.03 0.04
C GLU A 15 6.64 6.78 0.01
N PHE A 16 5.72 6.31 -0.82
CA PHE A 16 4.42 6.95 -0.92
C PHE A 16 3.84 7.18 0.48
N LEU A 17 3.85 6.13 1.30
CA LEU A 17 3.33 6.23 2.66
C LEU A 17 4.17 7.21 3.46
N SER A 18 5.48 7.03 3.43
CA SER A 18 6.39 7.89 4.17
C SER A 18 6.09 9.36 3.87
N ARG A 19 5.77 9.65 2.62
CA ARG A 19 5.46 11.01 2.20
C ARG A 19 4.05 11.40 2.65
N GLY A 20 3.16 10.42 2.70
CA GLY A 20 1.78 10.68 3.11
C GLY A 20 1.72 11.01 4.59
N PRO A 21 0.52 11.22 5.10
CA PRO A 21 0.31 11.55 6.53
C PRO A 21 1.09 10.63 7.47
N ALA A 22 1.22 11.03 8.73
CA ALA A 22 1.95 10.24 9.71
C ALA A 22 1.02 9.23 10.37
N VAL A 23 0.03 8.76 9.61
CA VAL A 23 -0.93 7.80 10.13
C VAL A 23 -1.34 8.14 11.55
N LEU A 24 -2.46 8.84 11.69
CA LEU A 24 -2.96 9.23 13.01
C LEU A 24 -3.20 8.00 13.87
N ALA A 25 -3.55 8.23 15.14
CA ALA A 25 -3.80 7.14 16.07
C ALA A 25 -4.62 7.62 17.25
N THR A 26 -5.31 8.74 17.07
CA THR A 26 -6.14 9.30 18.14
C THR A 26 -7.44 8.53 18.27
N LYS A 27 -8.49 9.05 17.64
CA LYS A 27 -9.79 8.41 17.70
C LYS A 27 -9.67 6.91 17.44
N ALA A 28 -10.24 6.11 18.32
CA ALA A 28 -10.17 4.65 18.18
C ALA A 28 -11.10 4.19 17.06
N ALA A 29 -11.00 4.84 15.91
CA ALA A 29 -11.85 4.48 14.77
C ALA A 29 -11.79 2.98 14.51
N ALA A 30 -12.78 2.26 15.05
CA ALA A 30 -12.83 0.81 14.86
C ALA A 30 -13.36 0.46 13.48
N GLY A 31 -13.29 -0.82 13.13
CA GLY A 31 -13.78 -1.27 11.84
C GLY A 31 -13.17 -0.44 10.70
N THR A 32 -11.86 -0.31 10.73
CA THR A 32 -11.16 0.46 9.70
C THR A 32 -11.02 -0.34 8.42
N LYS A 33 -10.91 -1.66 8.56
CA LYS A 33 -10.78 -2.54 7.42
C LYS A 33 -12.13 -2.75 6.73
N LYS A 34 -12.77 -1.65 6.35
CA LYS A 34 -14.06 -1.71 5.68
C LYS A 34 -13.89 -1.67 4.16
N TYR A 35 -12.70 -1.26 3.73
CA TYR A 35 -12.42 -1.18 2.29
C TYR A 35 -11.38 -2.23 1.89
N ASP A 36 -11.82 -3.23 1.13
CA ASP A 36 -10.91 -4.29 0.69
C ASP A 36 -10.45 -4.01 -0.74
N LEU A 37 -9.29 -3.39 -0.88
CA LEU A 37 -8.75 -3.07 -2.20
C LEU A 37 -7.59 -4.02 -2.54
N SER A 38 -7.45 -5.08 -1.77
CA SER A 38 -6.39 -6.04 -2.00
C SER A 38 -6.33 -6.46 -3.47
N LYS A 39 -7.51 -6.55 -4.10
CA LYS A 39 -7.59 -6.96 -5.50
C LYS A 39 -7.07 -5.87 -6.43
N TRP A 40 -7.32 -4.61 -6.07
CA TRP A 40 -6.88 -3.50 -6.90
C TRP A 40 -5.40 -3.66 -7.27
N LYS A 41 -5.07 -3.36 -8.52
CA LYS A 41 -3.70 -3.48 -8.98
C LYS A 41 -2.89 -2.27 -8.56
N TYR A 42 -1.60 -2.48 -8.29
CA TYR A 42 -0.73 -1.38 -7.87
C TYR A 42 -1.02 -0.12 -8.67
N ALA A 43 -1.26 -0.29 -9.97
CA ALA A 43 -1.55 0.84 -10.84
C ALA A 43 -2.89 1.47 -10.48
N GLU A 44 -3.85 0.63 -10.13
CA GLU A 44 -5.18 1.11 -9.76
C GLU A 44 -5.13 1.89 -8.45
N LEU A 45 -4.47 1.30 -7.45
CA LEU A 45 -4.35 1.95 -6.15
C LEU A 45 -3.65 3.30 -6.28
N ARG A 46 -2.38 3.26 -6.69
CA ARG A 46 -1.61 4.49 -6.84
C ARG A 46 -2.38 5.52 -7.66
N ASP A 47 -3.04 5.05 -8.71
CA ASP A 47 -3.82 5.94 -9.57
C ASP A 47 -4.96 6.58 -8.78
N THR A 48 -5.80 5.75 -8.19
CA THR A 48 -6.93 6.24 -7.42
C THR A 48 -6.50 7.37 -6.49
N ILE A 49 -5.55 7.09 -5.59
CA ILE A 49 -5.08 8.09 -4.66
C ILE A 49 -4.50 9.30 -5.40
N ASN A 50 -3.95 9.05 -6.58
CA ASN A 50 -3.36 10.13 -7.37
C ASN A 50 -4.45 11.04 -7.94
N THR A 51 -5.64 10.48 -8.14
CA THR A 51 -6.75 11.26 -8.69
C THR A 51 -8.03 11.04 -7.87
N SER A 52 -7.88 11.05 -6.55
CA SER A 52 -9.03 10.85 -5.66
C SER A 52 -9.09 11.98 -4.63
N CYS A 53 -10.17 12.01 -3.86
CA CYS A 53 -10.34 13.03 -2.84
C CYS A 53 -11.16 12.50 -1.67
N ASP A 54 -11.13 11.18 -1.48
CA ASP A 54 -11.87 10.55 -0.39
C ASP A 54 -10.91 10.12 0.72
N ILE A 55 -11.15 10.63 1.92
CA ILE A 55 -10.29 10.31 3.06
C ILE A 55 -10.25 8.81 3.31
N GLU A 56 -11.40 8.24 3.66
CA GLU A 56 -11.48 6.81 3.94
C GLU A 56 -10.85 6.00 2.81
N LEU A 57 -11.23 6.31 1.57
CA LEU A 57 -10.70 5.60 0.42
C LEU A 57 -9.17 5.70 0.40
N LEU A 58 -8.67 6.93 0.39
CA LEU A 58 -7.23 7.16 0.38
C LEU A 58 -6.55 6.29 1.43
N ALA A 59 -7.08 6.32 2.65
CA ALA A 59 -6.51 5.53 3.73
C ALA A 59 -6.46 4.05 3.34
N ALA A 60 -7.58 3.54 2.86
CA ALA A 60 -7.66 2.14 2.45
C ALA A 60 -6.48 1.77 1.58
N CYS A 61 -6.33 2.46 0.46
CA CYS A 61 -5.23 2.21 -0.46
C CYS A 61 -3.90 2.17 0.29
N ARG A 62 -3.56 3.29 0.91
CA ARG A 62 -2.30 3.38 1.66
C ARG A 62 -2.12 2.14 2.56
N GLU A 63 -3.19 1.75 3.22
CA GLU A 63 -3.14 0.59 4.10
C GLU A 63 -2.87 -0.68 3.30
N GLU A 64 -3.47 -0.77 2.11
CA GLU A 64 -3.27 -1.95 1.28
C GLU A 64 -1.80 -2.07 0.87
N PHE A 65 -1.14 -0.93 0.76
CA PHE A 65 0.28 -0.91 0.41
C PHE A 65 1.10 -1.44 1.56
N HIS A 66 0.98 -0.77 2.71
CA HIS A 66 1.72 -1.18 3.91
C HIS A 66 1.58 -2.68 4.14
N ARG A 67 0.36 -3.19 3.98
CA ARG A 67 0.10 -4.60 4.19
C ARG A 67 0.87 -5.47 3.21
N ARG A 68 0.62 -5.28 1.92
CA ARG A 68 1.29 -6.08 0.90
C ARG A 68 2.79 -5.79 0.88
N LEU A 69 3.20 -4.72 1.55
CA LEU A 69 4.61 -4.37 1.60
C LEU A 69 5.33 -5.28 2.59
N LYS A 70 4.85 -5.29 3.83
CA LYS A 70 5.44 -6.13 4.85
C LYS A 70 5.41 -7.59 4.41
N VAL A 71 4.25 -8.02 3.93
CA VAL A 71 4.10 -9.39 3.46
C VAL A 71 5.04 -9.66 2.30
N TYR A 72 5.14 -8.69 1.40
CA TYR A 72 6.03 -8.82 0.24
C TYR A 72 7.48 -8.97 0.70
N HIS A 73 7.84 -8.23 1.75
CA HIS A 73 9.19 -8.29 2.28
C HIS A 73 9.40 -9.57 3.08
N ALA A 74 8.32 -10.10 3.64
CA ALA A 74 8.39 -11.33 4.42
C ALA A 74 8.55 -12.54 3.51
N TRP A 75 7.67 -12.64 2.51
CA TRP A 75 7.72 -13.74 1.58
C TRP A 75 9.00 -13.67 0.75
N LYS A 76 9.40 -12.47 0.37
CA LYS A 76 10.61 -12.28 -0.42
C LYS A 76 11.83 -12.65 0.41
N SER A 77 11.83 -12.25 1.68
CA SER A 77 12.94 -12.55 2.57
C SER A 77 13.03 -14.04 2.83
N LYS A 78 11.89 -14.70 2.85
CA LYS A 78 11.83 -16.14 3.08
C LYS A 78 12.05 -16.91 1.78
N ASN A 79 11.88 -16.21 0.65
CA ASN A 79 12.05 -16.84 -0.65
C ASN A 79 12.95 -15.99 -1.54
N LYS A 80 14.05 -15.50 -0.95
CA LYS A 80 14.98 -14.67 -1.70
C LYS A 80 15.90 -15.53 -2.56
N LYS A 81 16.45 -16.58 -1.95
CA LYS A 81 17.34 -17.49 -2.67
C LYS A 81 16.54 -18.49 -3.50
N ARG A 82 17.17 -19.01 -4.56
CA ARG A 82 16.51 -19.98 -5.42
C ARG A 82 17.52 -21.00 -5.96
N ARG A 1 5.53 0.42 -22.14
CA ARG A 1 6.17 0.62 -20.83
C ARG A 1 7.14 -0.52 -20.55
N PRO A 2 8.17 -0.24 -19.76
CA PRO A 2 9.19 -1.27 -19.40
C PRO A 2 8.61 -2.37 -18.51
N LYS A 3 9.45 -3.32 -18.13
CA LYS A 3 9.01 -4.42 -17.28
C LYS A 3 8.95 -3.99 -15.82
N MET A 4 7.85 -4.33 -15.16
CA MET A 4 7.69 -3.96 -13.75
C MET A 4 8.46 -4.92 -12.85
N THR A 5 8.92 -4.41 -11.71
CA THR A 5 9.68 -5.22 -10.76
C THR A 5 9.11 -5.07 -9.36
N PRO A 6 9.17 -6.11 -8.55
CA PRO A 6 8.64 -6.08 -7.15
C PRO A 6 9.38 -5.05 -6.30
N GLU A 7 10.68 -4.92 -6.52
CA GLU A 7 11.48 -3.97 -5.76
C GLU A 7 11.10 -2.54 -6.13
N GLN A 8 10.83 -2.32 -7.41
CA GLN A 8 10.45 -1.00 -7.90
C GLN A 8 9.13 -0.57 -7.26
N MET A 9 8.09 -1.37 -7.47
CA MET A 9 6.77 -1.07 -6.91
C MET A 9 6.87 -0.91 -5.40
N ALA A 10 7.71 -1.72 -4.77
CA ALA A 10 7.88 -1.66 -3.33
C ALA A 10 8.47 -0.33 -2.91
N LYS A 11 9.38 0.20 -3.73
CA LYS A 11 10.02 1.47 -3.44
C LYS A 11 9.01 2.62 -3.57
N GLU A 12 8.24 2.61 -4.65
CA GLU A 12 7.25 3.65 -4.89
C GLU A 12 6.15 3.62 -3.83
N MET A 13 5.72 2.41 -3.46
CA MET A 13 4.67 2.28 -2.46
C MET A 13 5.19 2.69 -1.08
N SER A 14 6.32 2.12 -0.69
CA SER A 14 6.92 2.42 0.61
C SER A 14 7.06 3.93 0.80
N GLU A 15 7.76 4.58 -0.12
CA GLU A 15 7.95 6.02 -0.03
C GLU A 15 6.61 6.74 -0.01
N PHE A 16 5.67 6.28 -0.83
CA PHE A 16 4.35 6.88 -0.87
C PHE A 16 3.79 7.05 0.53
N LEU A 17 3.74 5.94 1.28
CA LEU A 17 3.23 5.99 2.65
C LEU A 17 4.05 6.96 3.49
N SER A 18 5.37 6.80 3.44
CA SER A 18 6.26 7.67 4.21
C SER A 18 5.91 9.14 3.97
N ARG A 19 5.66 9.49 2.71
CA ARG A 19 5.32 10.87 2.37
C ARG A 19 3.86 11.14 2.69
N GLY A 20 3.07 10.08 2.80
CA GLY A 20 1.65 10.22 3.11
C GLY A 20 1.44 11.22 4.25
N PRO A 21 0.20 11.58 4.50
CA PRO A 21 -0.14 12.55 5.58
C PRO A 21 0.00 11.93 6.98
N ALA A 22 -0.11 12.77 8.00
CA ALA A 22 0.00 12.29 9.38
C ALA A 22 -0.67 13.26 10.34
N VAL A 23 -1.78 13.85 9.89
CA VAL A 23 -2.51 14.78 10.71
C VAL A 23 -3.30 14.06 11.80
N LEU A 24 -4.52 14.51 12.04
CA LEU A 24 -5.37 13.89 13.06
C LEU A 24 -6.12 12.70 12.47
N ALA A 25 -5.82 11.51 13.00
CA ALA A 25 -6.48 10.30 12.52
C ALA A 25 -7.85 10.14 13.17
N THR A 26 -8.43 11.26 13.59
CA THR A 26 -9.75 11.23 14.22
C THR A 26 -9.80 10.14 15.29
N LYS A 27 -9.25 10.43 16.46
CA LYS A 27 -9.24 9.48 17.55
C LYS A 27 -8.65 8.14 17.10
N ALA A 28 -8.37 7.27 18.06
CA ALA A 28 -7.81 5.95 17.74
C ALA A 28 -8.84 5.09 17.02
N ALA A 29 -9.01 5.33 15.72
CA ALA A 29 -9.96 4.57 14.93
C ALA A 29 -9.76 3.08 15.14
N ALA A 30 -8.79 2.51 14.45
CA ALA A 30 -8.51 1.08 14.57
C ALA A 30 -9.72 0.25 14.16
N GLY A 31 -9.47 -0.94 13.64
CA GLY A 31 -10.57 -1.82 13.22
C GLY A 31 -11.61 -1.05 12.44
N THR A 32 -11.16 -0.07 11.66
CA THR A 32 -12.07 0.74 10.86
C THR A 32 -12.00 0.33 9.39
N LYS A 33 -11.04 -0.53 9.07
CA LYS A 33 -10.87 -1.00 7.71
C LYS A 33 -12.21 -1.42 7.11
N LYS A 34 -12.92 -0.47 6.51
CA LYS A 34 -14.21 -0.76 5.90
C LYS A 34 -14.09 -0.87 4.39
N TYR A 35 -12.96 -0.41 3.86
CA TYR A 35 -12.72 -0.47 2.42
C TYR A 35 -11.73 -1.59 2.09
N ASP A 36 -12.23 -2.63 1.42
CA ASP A 36 -11.38 -3.75 1.05
C ASP A 36 -10.94 -3.61 -0.41
N LEU A 37 -9.74 -3.05 -0.60
CA LEU A 37 -9.20 -2.85 -1.94
C LEU A 37 -8.17 -3.92 -2.27
N SER A 38 -8.10 -4.95 -1.45
CA SER A 38 -7.14 -6.03 -1.66
C SER A 38 -7.11 -6.46 -3.13
N LYS A 39 -8.29 -6.54 -3.74
CA LYS A 39 -8.40 -6.95 -5.13
C LYS A 39 -7.78 -5.92 -6.09
N TRP A 40 -7.94 -4.64 -5.77
CA TRP A 40 -7.40 -3.59 -6.62
C TRP A 40 -5.94 -3.89 -6.97
N LYS A 41 -5.54 -3.51 -8.17
CA LYS A 41 -4.17 -3.74 -8.62
C LYS A 41 -3.28 -2.55 -8.25
N TYR A 42 -1.97 -2.78 -8.23
CA TYR A 42 -1.03 -1.73 -7.88
C TYR A 42 -1.30 -0.47 -8.71
N ALA A 43 -1.59 -0.65 -9.99
CA ALA A 43 -1.86 0.47 -10.88
C ALA A 43 -3.17 1.15 -10.49
N GLU A 44 -4.16 0.35 -10.11
CA GLU A 44 -5.46 0.89 -9.72
C GLU A 44 -5.35 1.70 -8.44
N LEU A 45 -4.70 1.10 -7.43
CA LEU A 45 -4.53 1.77 -6.14
C LEU A 45 -3.78 3.09 -6.32
N ARG A 46 -2.54 3.01 -6.76
CA ARG A 46 -1.72 4.22 -6.97
C ARG A 46 -2.49 5.24 -7.79
N ASP A 47 -3.19 4.77 -8.82
CA ASP A 47 -3.95 5.66 -9.69
C ASP A 47 -5.04 6.37 -8.89
N THR A 48 -5.89 5.59 -8.24
CA THR A 48 -6.98 6.15 -7.46
C THR A 48 -6.49 7.29 -6.57
N ILE A 49 -5.53 6.99 -5.70
CA ILE A 49 -5.00 8.00 -4.79
C ILE A 49 -4.38 9.15 -5.57
N ASN A 50 -3.88 8.86 -6.76
CA ASN A 50 -3.25 9.90 -7.58
C ASN A 50 -4.30 10.85 -8.14
N THR A 51 -5.53 10.36 -8.30
CA THR A 51 -6.61 11.20 -8.84
C THR A 51 -7.87 11.05 -8.00
N SER A 52 -7.71 11.04 -6.68
CA SER A 52 -8.85 10.91 -5.77
C SER A 52 -8.89 12.08 -4.79
N CYS A 53 -9.98 12.17 -4.04
CA CYS A 53 -10.14 13.23 -3.05
C CYS A 53 -10.98 12.75 -1.88
N ASP A 54 -10.90 11.45 -1.59
CA ASP A 54 -11.63 10.86 -0.48
C ASP A 54 -10.67 10.41 0.61
N ILE A 55 -10.80 11.01 1.78
CA ILE A 55 -9.92 10.68 2.90
C ILE A 55 -9.93 9.19 3.18
N GLU A 56 -11.08 8.69 3.59
CA GLU A 56 -11.22 7.27 3.91
C GLU A 56 -10.66 6.40 2.79
N LEU A 57 -11.07 6.70 1.56
CA LEU A 57 -10.60 5.95 0.40
C LEU A 57 -9.07 5.95 0.36
N LEU A 58 -8.50 7.16 0.34
CA LEU A 58 -7.05 7.31 0.31
C LEU A 58 -6.40 6.42 1.37
N ALA A 59 -6.88 6.52 2.60
CA ALA A 59 -6.34 5.73 3.69
C ALA A 59 -6.40 4.25 3.34
N ALA A 60 -7.55 3.80 2.89
CA ALA A 60 -7.73 2.40 2.53
C ALA A 60 -6.59 1.92 1.64
N CYS A 61 -6.41 2.58 0.51
CA CYS A 61 -5.34 2.22 -0.42
C CYS A 61 -4.00 2.14 0.30
N ARG A 62 -3.59 3.26 0.89
CA ARG A 62 -2.32 3.31 1.61
C ARG A 62 -2.16 2.07 2.50
N GLU A 63 -3.22 1.72 3.21
CA GLU A 63 -3.19 0.56 4.09
C GLU A 63 -3.00 -0.72 3.28
N GLU A 64 -3.66 -0.80 2.14
CA GLU A 64 -3.54 -1.99 1.29
C GLU A 64 -2.09 -2.20 0.87
N PHE A 65 -1.35 -1.10 0.73
CA PHE A 65 0.05 -1.19 0.36
C PHE A 65 0.84 -1.74 1.54
N HIS A 66 0.79 -1.01 2.66
CA HIS A 66 1.48 -1.45 3.87
C HIS A 66 1.37 -2.95 4.02
N ARG A 67 0.17 -3.47 3.80
CA ARG A 67 -0.05 -4.92 3.90
C ARG A 67 0.80 -5.63 2.87
N ARG A 68 0.70 -5.19 1.61
CA ARG A 68 1.48 -5.79 0.53
C ARG A 68 2.96 -5.78 0.89
N LEU A 69 3.49 -4.60 1.19
CA LEU A 69 4.90 -4.47 1.54
C LEU A 69 5.33 -5.54 2.54
N LYS A 70 4.64 -5.59 3.68
CA LYS A 70 4.97 -6.57 4.71
C LYS A 70 5.04 -7.98 4.12
N VAL A 71 4.01 -8.37 3.38
CA VAL A 71 3.97 -9.70 2.78
C VAL A 71 5.10 -9.88 1.78
N TYR A 72 5.43 -8.80 1.08
CA TYR A 72 6.50 -8.84 0.08
C TYR A 72 7.86 -8.97 0.76
N HIS A 73 8.00 -8.30 1.90
CA HIS A 73 9.25 -8.34 2.65
C HIS A 73 9.40 -9.70 3.34
N ALA A 74 8.28 -10.34 3.63
CA ALA A 74 8.30 -11.64 4.29
C ALA A 74 8.70 -12.72 3.30
N TRP A 75 7.99 -12.78 2.19
CA TRP A 75 8.28 -13.77 1.16
C TRP A 75 9.69 -13.55 0.60
N LYS A 76 10.08 -12.29 0.49
CA LYS A 76 11.40 -11.95 -0.01
C LYS A 76 12.49 -12.38 0.97
N SER A 77 12.22 -12.15 2.26
CA SER A 77 13.18 -12.52 3.29
C SER A 77 13.35 -14.03 3.36
N LYS A 78 12.26 -14.74 3.08
CA LYS A 78 12.28 -16.20 3.12
C LYS A 78 12.82 -16.76 1.80
N ASN A 79 12.60 -16.03 0.72
CA ASN A 79 13.06 -16.45 -0.60
C ASN A 79 14.34 -15.73 -0.98
N LYS A 80 15.36 -15.83 -0.14
CA LYS A 80 16.64 -15.17 -0.39
C LYS A 80 17.76 -16.20 -0.45
N LYS A 81 17.46 -17.43 -0.04
CA LYS A 81 18.46 -18.49 -0.05
C LYS A 81 19.23 -18.49 -1.37
N ARG A 82 20.55 -18.40 -1.27
CA ARG A 82 21.39 -18.40 -2.47
C ARG A 82 21.27 -19.71 -3.22
N ARG A 1 4.83 -0.19 -22.34
CA ARG A 1 5.06 0.20 -20.95
C ARG A 1 6.40 -0.36 -20.46
N PRO A 2 6.96 0.24 -19.43
CA PRO A 2 8.26 -0.20 -18.86
C PRO A 2 8.14 -1.56 -18.16
N LYS A 3 9.26 -2.03 -17.62
CA LYS A 3 9.28 -3.32 -16.92
C LYS A 3 9.08 -3.12 -15.43
N MET A 4 7.87 -3.42 -14.95
CA MET A 4 7.56 -3.27 -13.54
C MET A 4 8.08 -4.47 -12.75
N THR A 5 8.84 -4.18 -11.69
CA THR A 5 9.39 -5.23 -10.83
C THR A 5 8.86 -5.08 -9.41
N PRO A 6 8.73 -6.15 -8.68
CA PRO A 6 8.21 -6.12 -7.28
C PRO A 6 8.97 -5.11 -6.43
N GLU A 7 10.28 -5.01 -6.64
CA GLU A 7 11.10 -4.07 -5.89
C GLU A 7 10.77 -2.64 -6.31
N GLN A 8 10.54 -2.44 -7.61
CA GLN A 8 10.21 -1.12 -8.13
C GLN A 8 8.89 -0.63 -7.52
N MET A 9 7.84 -1.41 -7.70
CA MET A 9 6.53 -1.03 -7.17
C MET A 9 6.62 -0.82 -5.66
N ALA A 10 7.40 -1.66 -5.00
CA ALA A 10 7.56 -1.56 -3.55
C ALA A 10 8.23 -0.24 -3.18
N LYS A 11 9.15 0.21 -4.02
CA LYS A 11 9.85 1.47 -3.77
C LYS A 11 8.89 2.65 -3.88
N GLU A 12 8.12 2.66 -4.96
CA GLU A 12 7.16 3.74 -5.18
C GLU A 12 6.08 3.73 -4.10
N MET A 13 5.70 2.54 -3.66
CA MET A 13 4.68 2.41 -2.63
C MET A 13 5.25 2.83 -1.28
N SER A 14 6.29 2.12 -0.84
CA SER A 14 6.91 2.41 0.44
C SER A 14 7.12 3.91 0.62
N GLU A 15 7.75 4.56 -0.36
CA GLU A 15 7.99 5.99 -0.28
C GLU A 15 6.68 6.76 -0.26
N PHE A 16 5.75 6.37 -1.12
CA PHE A 16 4.45 7.05 -1.17
C PHE A 16 3.92 7.25 0.25
N LEU A 17 3.94 6.19 1.04
CA LEU A 17 3.47 6.27 2.41
C LEU A 17 4.37 7.19 3.23
N SER A 18 5.67 6.98 3.12
CA SER A 18 6.63 7.80 3.85
C SER A 18 6.31 9.29 3.68
N ARG A 19 5.98 9.68 2.45
CA ARG A 19 5.65 11.07 2.17
C ARG A 19 4.33 11.45 2.81
N GLY A 20 3.33 10.58 2.65
CA GLY A 20 2.01 10.83 3.22
C GLY A 20 2.07 10.82 4.74
N PRO A 21 1.02 11.27 5.37
CA PRO A 21 0.94 11.33 6.87
C PRO A 21 0.82 9.94 7.48
N ALA A 22 1.06 9.86 8.79
CA ALA A 22 0.98 8.59 9.50
C ALA A 22 0.78 8.81 10.99
N VAL A 23 0.09 9.90 11.33
CA VAL A 23 -0.17 10.21 12.73
C VAL A 23 -1.34 11.19 12.86
N LEU A 24 -2.37 10.78 13.60
CA LEU A 24 -3.54 11.63 13.79
C LEU A 24 -3.58 12.17 15.21
N ALA A 25 -4.68 12.86 15.55
CA ALA A 25 -4.83 13.43 16.89
C ALA A 25 -6.17 13.02 17.48
N THR A 26 -6.75 11.95 16.96
CA THR A 26 -8.04 11.46 17.45
C THR A 26 -7.83 10.44 18.56
N LYS A 27 -6.67 9.80 18.56
CA LYS A 27 -6.36 8.80 19.57
C LYS A 27 -7.50 7.80 19.71
N ALA A 28 -8.33 7.71 18.67
CA ALA A 28 -9.46 6.79 18.68
C ALA A 28 -9.93 6.51 17.26
N ALA A 29 -9.64 5.30 16.78
CA ALA A 29 -10.04 4.92 15.43
C ALA A 29 -9.81 3.43 15.21
N ALA A 30 -10.49 2.60 16.01
CA ALA A 30 -10.35 1.16 15.89
C ALA A 30 -11.17 0.63 14.71
N GLY A 31 -10.52 -0.10 13.83
CA GLY A 31 -11.20 -0.66 12.65
C GLY A 31 -11.23 0.35 11.52
N THR A 32 -10.52 0.04 10.43
CA THR A 32 -10.48 0.92 9.28
C THR A 32 -10.39 0.12 7.99
N LYS A 33 -10.21 -1.19 8.13
CA LYS A 33 -10.11 -2.07 6.96
C LYS A 33 -11.50 -2.33 6.37
N LYS A 34 -12.37 -1.33 6.45
CA LYS A 34 -13.73 -1.47 5.93
C LYS A 34 -13.72 -1.45 4.39
N TYR A 35 -12.60 -1.00 3.82
CA TYR A 35 -12.47 -0.92 2.37
C TYR A 35 -11.52 -2.01 1.87
N ASP A 36 -12.08 -2.99 1.16
CA ASP A 36 -11.26 -4.07 0.62
C ASP A 36 -10.80 -3.73 -0.79
N LEU A 37 -9.51 -3.43 -0.93
CA LEU A 37 -8.94 -3.09 -2.23
C LEU A 37 -7.78 -4.01 -2.55
N SER A 38 -7.59 -5.01 -1.69
CA SER A 38 -6.52 -5.96 -1.87
C SER A 38 -6.47 -6.47 -3.30
N LYS A 39 -7.64 -6.52 -3.95
CA LYS A 39 -7.72 -7.01 -5.33
C LYS A 39 -7.25 -5.95 -6.33
N TRP A 40 -7.53 -4.68 -6.02
CA TRP A 40 -7.12 -3.60 -6.91
C TRP A 40 -5.67 -3.78 -7.34
N LYS A 41 -5.38 -3.47 -8.60
CA LYS A 41 -4.02 -3.61 -9.11
C LYS A 41 -3.18 -2.40 -8.71
N TYR A 42 -1.91 -2.64 -8.42
CA TYR A 42 -0.99 -1.57 -8.03
C TYR A 42 -1.27 -0.30 -8.83
N ALA A 43 -1.51 -0.47 -10.13
CA ALA A 43 -1.79 0.66 -11.00
C ALA A 43 -3.11 1.32 -10.62
N GLU A 44 -4.09 0.49 -10.26
CA GLU A 44 -5.40 1.00 -9.88
C GLU A 44 -5.33 1.79 -8.58
N LEU A 45 -4.68 1.22 -7.58
CA LEU A 45 -4.53 1.89 -6.29
C LEU A 45 -3.80 3.22 -6.45
N ARG A 46 -2.54 3.16 -6.86
CA ARG A 46 -1.75 4.37 -7.05
C ARG A 46 -2.53 5.40 -7.88
N ASP A 47 -3.20 4.92 -8.92
CA ASP A 47 -3.97 5.81 -9.79
C ASP A 47 -5.09 6.48 -9.00
N THR A 48 -5.92 5.67 -8.37
CA THR A 48 -7.04 6.19 -7.59
C THR A 48 -6.59 7.33 -6.68
N ILE A 49 -5.63 7.05 -5.80
CA ILE A 49 -5.13 8.07 -4.89
C ILE A 49 -4.55 9.25 -5.66
N ASN A 50 -4.02 8.98 -6.84
CA ASN A 50 -3.43 10.05 -7.66
C ASN A 50 -4.51 10.96 -8.22
N THR A 51 -5.72 10.42 -8.39
CA THR A 51 -6.83 11.21 -8.92
C THR A 51 -8.09 11.01 -8.10
N SER A 52 -7.94 11.01 -6.78
CA SER A 52 -9.08 10.83 -5.88
C SER A 52 -9.14 11.98 -4.86
N CYS A 53 -10.21 11.99 -4.07
CA CYS A 53 -10.38 13.04 -3.06
C CYS A 53 -11.17 12.51 -1.87
N ASP A 54 -11.13 11.20 -1.67
CA ASP A 54 -11.84 10.58 -0.56
C ASP A 54 -10.86 10.19 0.54
N ILE A 55 -11.08 10.72 1.73
CA ILE A 55 -10.20 10.43 2.87
C ILE A 55 -10.14 8.93 3.15
N GLU A 56 -11.28 8.37 3.54
CA GLU A 56 -11.34 6.95 3.85
C GLU A 56 -10.72 6.11 2.73
N LEU A 57 -11.15 6.38 1.49
CA LEU A 57 -10.63 5.66 0.34
C LEU A 57 -9.11 5.77 0.30
N LEU A 58 -8.61 7.00 0.24
CA LEU A 58 -7.18 7.25 0.21
C LEU A 58 -6.47 6.40 1.27
N ALA A 59 -6.96 6.48 2.50
CA ALA A 59 -6.37 5.71 3.59
C ALA A 59 -6.33 4.22 3.25
N ALA A 60 -7.46 3.70 2.82
CA ALA A 60 -7.56 2.29 2.47
C ALA A 60 -6.39 1.89 1.56
N CYS A 61 -6.28 2.55 0.42
CA CYS A 61 -5.21 2.25 -0.52
C CYS A 61 -3.86 2.23 0.20
N ARG A 62 -3.49 3.36 0.78
CA ARG A 62 -2.22 3.46 1.49
C ARG A 62 -2.02 2.25 2.40
N GLU A 63 -3.07 1.89 3.12
CA GLU A 63 -2.99 0.74 4.03
C GLU A 63 -2.78 -0.54 3.25
N GLU A 64 -3.40 -0.64 2.07
CA GLU A 64 -3.25 -1.84 1.24
C GLU A 64 -1.81 -1.99 0.79
N PHE A 65 -1.12 -0.87 0.65
CA PHE A 65 0.28 -0.89 0.24
C PHE A 65 1.14 -1.40 1.39
N HIS A 66 0.99 -0.77 2.54
CA HIS A 66 1.75 -1.16 3.73
C HIS A 66 1.58 -2.63 4.02
N ARG A 67 0.35 -3.12 3.93
CA ARG A 67 0.06 -4.52 4.21
C ARG A 67 0.75 -5.44 3.20
N ARG A 68 0.41 -5.30 1.93
CA ARG A 68 1.03 -6.15 0.91
C ARG A 68 2.54 -5.97 0.87
N LEU A 69 3.03 -4.84 1.38
CA LEU A 69 4.47 -4.61 1.39
C LEU A 69 5.11 -5.49 2.47
N LYS A 70 4.55 -5.45 3.67
CA LYS A 70 5.07 -6.25 4.77
C LYS A 70 5.13 -7.71 4.34
N VAL A 71 4.01 -8.21 3.82
CA VAL A 71 3.94 -9.60 3.37
C VAL A 71 4.93 -9.83 2.24
N TYR A 72 5.04 -8.86 1.34
CA TYR A 72 5.96 -8.96 0.22
C TYR A 72 7.41 -9.05 0.72
N HIS A 73 7.70 -8.31 1.77
CA HIS A 73 9.04 -8.31 2.35
C HIS A 73 9.29 -9.62 3.09
N ALA A 74 8.21 -10.22 3.61
CA ALA A 74 8.33 -11.48 4.33
C ALA A 74 8.59 -12.61 3.36
N TRP A 75 7.73 -12.73 2.35
CA TRP A 75 7.88 -13.78 1.36
C TRP A 75 9.22 -13.65 0.65
N LYS A 76 9.63 -12.42 0.40
CA LYS A 76 10.90 -12.16 -0.27
C LYS A 76 12.07 -12.62 0.62
N SER A 77 11.98 -12.30 1.91
CA SER A 77 13.02 -12.69 2.85
C SER A 77 13.11 -14.21 2.95
N LYS A 78 11.98 -14.87 2.80
CA LYS A 78 11.94 -16.33 2.88
C LYS A 78 12.36 -16.95 1.55
N ASN A 79 12.05 -16.27 0.45
CA ASN A 79 12.39 -16.76 -0.87
C ASN A 79 13.85 -16.44 -1.20
N LYS A 80 14.34 -15.32 -0.67
CA LYS A 80 15.72 -14.91 -0.91
C LYS A 80 16.70 -15.94 -0.34
N LYS A 81 16.83 -15.94 0.98
CA LYS A 81 17.74 -16.88 1.64
C LYS A 81 17.24 -18.31 1.46
N ARG A 82 18.17 -19.26 1.47
CA ARG A 82 17.82 -20.67 1.31
C ARG A 82 18.77 -21.55 2.12
N ARG A 1 3.74 -0.69 -21.65
CA ARG A 1 4.38 -0.19 -20.44
C ARG A 1 5.75 -0.85 -20.26
N PRO A 2 6.64 -0.21 -19.54
CA PRO A 2 8.01 -0.74 -19.29
C PRO A 2 7.99 -1.99 -18.41
N LYS A 3 9.18 -2.51 -18.10
CA LYS A 3 9.29 -3.70 -17.26
C LYS A 3 9.11 -3.33 -15.79
N MET A 4 8.09 -3.91 -15.16
CA MET A 4 7.83 -3.64 -13.76
C MET A 4 8.56 -4.64 -12.87
N THR A 5 8.99 -4.18 -11.69
CA THR A 5 9.70 -5.05 -10.75
C THR A 5 9.09 -4.94 -9.36
N PRO A 6 9.13 -5.99 -8.59
CA PRO A 6 8.55 -6.00 -7.21
C PRO A 6 9.26 -4.99 -6.30
N GLU A 7 10.58 -4.85 -6.50
CA GLU A 7 11.35 -3.92 -5.70
C GLU A 7 10.99 -2.48 -6.07
N GLN A 8 10.72 -2.25 -7.35
CA GLN A 8 10.37 -0.92 -7.83
C GLN A 8 9.02 -0.49 -7.23
N MET A 9 8.00 -1.31 -7.41
CA MET A 9 6.68 -0.99 -6.87
C MET A 9 6.74 -0.83 -5.36
N ALA A 10 7.53 -1.68 -4.71
CA ALA A 10 7.67 -1.62 -3.27
C ALA A 10 8.32 -0.31 -2.84
N LYS A 11 9.25 0.18 -3.65
CA LYS A 11 9.94 1.43 -3.35
C LYS A 11 8.99 2.61 -3.50
N GLU A 12 8.26 2.64 -4.61
CA GLU A 12 7.31 3.72 -4.87
C GLU A 12 6.20 3.72 -3.83
N MET A 13 5.79 2.52 -3.41
CA MET A 13 4.73 2.40 -2.42
C MET A 13 5.23 2.86 -1.05
N SER A 14 6.28 2.22 -0.57
CA SER A 14 6.85 2.56 0.74
C SER A 14 7.03 4.07 0.88
N GLU A 15 7.73 4.67 -0.08
CA GLU A 15 7.96 6.12 -0.03
C GLU A 15 6.63 6.88 -0.08
N PHE A 16 5.70 6.41 -0.91
CA PHE A 16 4.40 7.06 -1.03
C PHE A 16 3.83 7.27 0.37
N LEU A 17 3.81 6.22 1.17
CA LEU A 17 3.29 6.31 2.53
C LEU A 17 4.09 7.32 3.34
N SER A 18 5.41 7.16 3.32
CA SER A 18 6.29 8.06 4.05
C SER A 18 6.05 9.51 3.63
N ARG A 19 5.55 9.68 2.42
CA ARG A 19 5.27 11.02 1.90
C ARG A 19 3.87 11.48 2.30
N GLY A 20 2.94 10.53 2.34
CA GLY A 20 1.56 10.84 2.71
C GLY A 20 1.52 11.75 3.94
N PRO A 21 0.36 12.28 4.24
CA PRO A 21 0.19 13.19 5.41
C PRO A 21 0.24 12.43 6.73
N ALA A 22 0.06 13.16 7.84
CA ALA A 22 0.09 12.55 9.16
C ALA A 22 -0.64 13.42 10.17
N VAL A 23 -1.90 13.75 9.87
CA VAL A 23 -2.69 14.57 10.76
C VAL A 23 -2.96 13.86 12.07
N LEU A 24 -2.00 13.94 12.98
CA LEU A 24 -2.12 13.30 14.28
C LEU A 24 -2.70 11.88 14.14
N ALA A 25 -3.03 11.28 15.26
CA ALA A 25 -3.59 9.93 15.26
C ALA A 25 -4.34 9.66 16.56
N THR A 26 -5.00 10.69 17.08
CA THR A 26 -5.75 10.54 18.31
C THR A 26 -7.09 9.86 18.05
N LYS A 27 -7.08 8.92 17.10
CA LYS A 27 -8.30 8.19 16.76
C LYS A 27 -8.54 7.05 17.75
N ALA A 28 -9.01 5.91 17.23
CA ALA A 28 -9.27 4.76 18.08
C ALA A 28 -7.97 4.05 18.45
N ALA A 29 -7.68 2.96 17.74
CA ALA A 29 -6.46 2.20 18.00
C ALA A 29 -6.30 1.09 16.96
N ALA A 30 -7.42 0.51 16.54
CA ALA A 30 -7.40 -0.56 15.55
C ALA A 30 -8.78 -0.78 14.95
N GLY A 31 -8.85 -1.63 13.94
CA GLY A 31 -10.13 -1.91 13.28
C GLY A 31 -10.55 -0.75 12.38
N THR A 32 -10.06 -0.76 11.14
CA THR A 32 -10.39 0.30 10.20
C THR A 32 -10.25 -0.19 8.76
N LYS A 33 -9.75 -1.42 8.61
CA LYS A 33 -9.58 -2.01 7.30
C LYS A 33 -10.92 -2.41 6.69
N LYS A 34 -11.94 -1.60 6.95
CA LYS A 34 -13.28 -1.87 6.43
C LYS A 34 -13.27 -1.85 4.91
N TYR A 35 -12.27 -1.19 4.34
CA TYR A 35 -12.17 -1.09 2.89
C TYR A 35 -11.19 -2.14 2.36
N ASP A 36 -11.72 -3.13 1.66
CA ASP A 36 -10.89 -4.20 1.11
C ASP A 36 -10.53 -3.91 -0.34
N LEU A 37 -9.35 -3.33 -0.55
CA LEU A 37 -8.88 -3.00 -1.90
C LEU A 37 -7.76 -3.94 -2.31
N SER A 38 -7.56 -4.99 -1.52
CA SER A 38 -6.50 -5.95 -1.80
C SER A 38 -6.52 -6.37 -3.26
N LYS A 39 -7.73 -6.56 -3.81
CA LYS A 39 -7.88 -6.98 -5.20
C LYS A 39 -7.35 -5.93 -6.17
N TRP A 40 -7.50 -4.67 -5.82
CA TRP A 40 -7.03 -3.58 -6.68
C TRP A 40 -5.56 -3.79 -7.04
N LYS A 41 -5.23 -3.57 -8.31
CA LYS A 41 -3.86 -3.73 -8.77
C LYS A 41 -3.03 -2.51 -8.41
N TYR A 42 -1.74 -2.72 -8.15
CA TYR A 42 -0.85 -1.62 -7.79
C TYR A 42 -1.14 -0.39 -8.64
N ALA A 43 -1.40 -0.61 -9.92
CA ALA A 43 -1.69 0.48 -10.84
C ALA A 43 -3.02 1.14 -10.49
N GLU A 44 -4.00 0.33 -10.11
CA GLU A 44 -5.31 0.85 -9.75
C GLU A 44 -5.23 1.68 -8.47
N LEU A 45 -4.59 1.12 -7.45
CA LEU A 45 -4.46 1.83 -6.18
C LEU A 45 -3.74 3.16 -6.37
N ARG A 46 -2.47 3.09 -6.79
CA ARG A 46 -1.69 4.30 -7.00
C ARG A 46 -2.46 5.30 -7.86
N ASP A 47 -3.14 4.80 -8.88
CA ASP A 47 -3.91 5.65 -9.77
C ASP A 47 -5.03 6.35 -9.01
N THR A 48 -5.87 5.56 -8.33
CA THR A 48 -6.98 6.11 -7.58
C THR A 48 -6.53 7.26 -6.69
N ILE A 49 -5.56 6.99 -5.82
CA ILE A 49 -5.06 8.03 -4.92
C ILE A 49 -4.46 9.19 -5.71
N ASN A 50 -3.93 8.90 -6.89
CA ASN A 50 -3.33 9.93 -7.72
C ASN A 50 -4.40 10.87 -8.29
N THR A 51 -5.62 10.34 -8.47
CA THR A 51 -6.71 11.15 -9.01
C THR A 51 -7.98 10.97 -8.18
N SER A 52 -7.83 10.99 -6.85
CA SER A 52 -8.98 10.84 -5.96
C SER A 52 -9.05 12.01 -4.98
N CYS A 53 -10.12 12.04 -4.19
CA CYS A 53 -10.30 13.11 -3.22
C CYS A 53 -11.11 12.60 -2.02
N ASP A 54 -11.05 11.29 -1.78
CA ASP A 54 -11.77 10.69 -0.66
C ASP A 54 -10.80 10.34 0.46
N ILE A 55 -11.21 10.62 1.69
CA ILE A 55 -10.36 10.34 2.85
C ILE A 55 -10.25 8.84 3.10
N GLU A 56 -11.38 8.21 3.42
CA GLU A 56 -11.38 6.77 3.70
C GLU A 56 -10.72 6.01 2.55
N LEU A 57 -11.09 6.35 1.33
CA LEU A 57 -10.53 5.70 0.16
C LEU A 57 -9.01 5.80 0.17
N LEU A 58 -8.52 7.04 0.19
CA LEU A 58 -7.08 7.28 0.21
C LEU A 58 -6.41 6.43 1.29
N ALA A 59 -6.95 6.48 2.50
CA ALA A 59 -6.39 5.71 3.61
C ALA A 59 -6.37 4.22 3.28
N ALA A 60 -7.49 3.71 2.80
CA ALA A 60 -7.59 2.31 2.45
C ALA A 60 -6.40 1.89 1.58
N CYS A 61 -6.27 2.54 0.43
CA CYS A 61 -5.17 2.22 -0.48
C CYS A 61 -3.84 2.20 0.26
N ARG A 62 -3.48 3.34 0.83
CA ARG A 62 -2.22 3.44 1.57
C ARG A 62 -2.04 2.23 2.49
N GLU A 63 -3.09 1.86 3.18
CA GLU A 63 -3.04 0.71 4.08
C GLU A 63 -2.80 -0.58 3.31
N GLU A 64 -3.41 -0.68 2.13
CA GLU A 64 -3.25 -1.87 1.32
C GLU A 64 -1.79 -2.02 0.88
N PHE A 65 -1.11 -0.89 0.75
CA PHE A 65 0.30 -0.90 0.35
C PHE A 65 1.15 -1.41 1.50
N HIS A 66 1.01 -0.77 2.66
CA HIS A 66 1.76 -1.17 3.83
C HIS A 66 1.59 -2.65 4.13
N ARG A 67 0.36 -3.13 4.04
CA ARG A 67 0.06 -4.53 4.30
C ARG A 67 0.77 -5.44 3.31
N ARG A 68 0.44 -5.30 2.03
CA ARG A 68 1.05 -6.15 1.00
C ARG A 68 2.56 -5.96 0.97
N LEU A 69 3.04 -4.82 1.46
CA LEU A 69 4.49 -4.58 1.47
C LEU A 69 5.14 -5.49 2.49
N LYS A 70 4.67 -5.43 3.73
CA LYS A 70 5.21 -6.27 4.79
C LYS A 70 5.21 -7.73 4.34
N VAL A 71 4.06 -8.18 3.84
CA VAL A 71 3.93 -9.55 3.37
C VAL A 71 4.91 -9.81 2.22
N TYR A 72 5.09 -8.79 1.38
CA TYR A 72 6.00 -8.91 0.24
C TYR A 72 7.43 -9.04 0.73
N HIS A 73 7.75 -8.32 1.80
CA HIS A 73 9.09 -8.35 2.36
C HIS A 73 9.36 -9.71 3.02
N ALA A 74 8.32 -10.27 3.64
CA ALA A 74 8.45 -11.56 4.30
C ALA A 74 8.57 -12.68 3.27
N TRP A 75 7.57 -12.77 2.39
CA TRP A 75 7.58 -13.78 1.35
C TRP A 75 8.88 -13.73 0.57
N LYS A 76 9.36 -12.52 0.29
CA LYS A 76 10.60 -12.35 -0.44
C LYS A 76 11.78 -12.84 0.39
N SER A 77 11.75 -12.55 1.68
CA SER A 77 12.81 -12.96 2.58
C SER A 77 12.85 -14.48 2.71
N LYS A 78 11.68 -15.10 2.57
CA LYS A 78 11.57 -16.56 2.67
C LYS A 78 11.86 -17.20 1.31
N ASN A 79 11.53 -16.49 0.24
CA ASN A 79 11.77 -17.01 -1.10
C ASN A 79 13.01 -16.38 -1.72
N LYS A 80 13.92 -15.93 -0.87
CA LYS A 80 15.15 -15.30 -1.34
C LYS A 80 16.14 -16.37 -1.79
N LYS A 81 16.18 -17.48 -1.07
CA LYS A 81 17.10 -18.58 -1.40
C LYS A 81 16.44 -19.52 -2.40
N ARG A 82 17.23 -19.99 -3.37
CA ARG A 82 16.73 -20.92 -4.38
C ARG A 82 15.97 -22.07 -3.72
N ARG A 1 7.25 3.82 -20.42
CA ARG A 1 8.06 3.37 -19.29
C ARG A 1 8.50 1.92 -19.50
N PRO A 2 9.56 1.51 -18.85
CA PRO A 2 10.09 0.12 -18.96
C PRO A 2 9.14 -0.90 -18.33
N LYS A 3 9.64 -2.10 -18.11
CA LYS A 3 8.84 -3.16 -17.51
C LYS A 3 8.69 -2.93 -16.01
N MET A 4 7.56 -3.35 -15.45
CA MET A 4 7.31 -3.18 -14.03
C MET A 4 8.04 -4.27 -13.24
N THR A 5 8.52 -3.90 -12.05
CA THR A 5 9.24 -4.85 -11.20
C THR A 5 8.68 -4.82 -9.78
N PRO A 6 8.70 -5.93 -9.08
CA PRO A 6 8.19 -6.01 -7.68
C PRO A 6 8.97 -5.10 -6.73
N GLU A 7 10.27 -4.99 -6.97
CA GLU A 7 11.11 -4.14 -6.14
C GLU A 7 10.80 -2.67 -6.39
N GLN A 8 10.51 -2.35 -7.64
CA GLN A 8 10.19 -0.97 -8.01
C GLN A 8 8.91 -0.53 -7.33
N MET A 9 7.85 -1.31 -7.48
CA MET A 9 6.57 -0.98 -6.87
C MET A 9 6.70 -0.96 -5.35
N ALA A 10 7.52 -1.86 -4.82
CA ALA A 10 7.73 -1.93 -3.38
C ALA A 10 8.37 -0.63 -2.88
N LYS A 11 9.29 -0.08 -3.66
CA LYS A 11 9.95 1.15 -3.30
C LYS A 11 9.01 2.34 -3.47
N GLU A 12 8.26 2.34 -4.58
CA GLU A 12 7.32 3.42 -4.85
C GLU A 12 6.22 3.45 -3.79
N MET A 13 5.82 2.28 -3.31
CA MET A 13 4.79 2.19 -2.30
C MET A 13 5.31 2.69 -0.96
N SER A 14 6.36 2.06 -0.47
CA SER A 14 6.96 2.43 0.80
C SER A 14 7.14 3.94 0.90
N GLU A 15 7.81 4.53 -0.10
CA GLU A 15 8.04 5.97 -0.09
C GLU A 15 6.72 6.73 -0.15
N PHE A 16 5.79 6.26 -0.98
CA PHE A 16 4.49 6.91 -1.09
C PHE A 16 3.92 7.18 0.30
N LEU A 17 3.93 6.16 1.15
CA LEU A 17 3.42 6.29 2.51
C LEU A 17 4.28 7.28 3.29
N SER A 18 5.59 7.09 3.25
CA SER A 18 6.51 7.97 3.96
C SER A 18 6.21 9.43 3.65
N ARG A 19 5.77 9.68 2.41
CA ARG A 19 5.45 11.04 1.99
C ARG A 19 4.09 11.46 2.54
N GLY A 20 3.12 10.56 2.47
CA GLY A 20 1.78 10.85 2.96
C GLY A 20 1.83 11.41 4.37
N PRO A 21 0.69 11.64 4.97
CA PRO A 21 0.58 12.19 6.35
C PRO A 21 1.49 11.44 7.32
N ALA A 22 1.40 11.81 8.61
CA ALA A 22 2.22 11.17 9.63
C ALA A 22 1.54 11.28 10.99
N VAL A 23 0.21 11.26 10.99
CA VAL A 23 -0.56 11.35 12.22
C VAL A 23 -2.02 11.02 11.98
N LEU A 24 -2.55 10.06 12.74
CA LEU A 24 -3.94 9.65 12.60
C LEU A 24 -4.63 9.63 13.96
N ALA A 25 -5.94 9.89 13.96
CA ALA A 25 -6.70 9.88 15.19
C ALA A 25 -8.20 9.99 14.91
N THR A 26 -8.58 9.65 13.68
CA THR A 26 -9.98 9.71 13.28
C THR A 26 -10.70 8.43 13.68
N LYS A 27 -9.94 7.41 14.03
CA LYS A 27 -10.52 6.13 14.41
C LYS A 27 -11.60 6.33 15.48
N ALA A 28 -12.57 5.43 15.52
CA ALA A 28 -13.65 5.53 16.49
C ALA A 28 -14.32 4.17 16.69
N ALA A 29 -15.27 3.86 15.82
CA ALA A 29 -15.98 2.59 15.91
C ALA A 29 -15.12 1.45 15.34
N ALA A 30 -15.55 0.22 15.58
CA ALA A 30 -14.81 -0.94 15.11
C ALA A 30 -14.82 -0.98 13.58
N GLY A 31 -14.34 -2.09 13.02
CA GLY A 31 -14.30 -2.24 11.57
C GLY A 31 -13.33 -1.23 10.95
N THR A 32 -12.04 -1.47 11.12
CA THR A 32 -11.02 -0.58 10.58
C THR A 32 -10.83 -0.84 9.09
N LYS A 33 -10.74 -2.11 8.72
CA LYS A 33 -10.55 -2.48 7.32
C LYS A 33 -11.90 -2.63 6.61
N LYS A 34 -12.65 -1.52 6.56
CA LYS A 34 -13.95 -1.54 5.90
C LYS A 34 -13.80 -1.52 4.39
N TYR A 35 -12.63 -1.10 3.93
CA TYR A 35 -12.35 -1.04 2.49
C TYR A 35 -11.34 -2.10 2.09
N ASP A 36 -11.80 -3.10 1.35
CA ASP A 36 -10.92 -4.17 0.90
C ASP A 36 -10.48 -3.93 -0.53
N LEU A 37 -9.30 -3.32 -0.70
CA LEU A 37 -8.78 -3.02 -2.03
C LEU A 37 -7.65 -3.99 -2.38
N SER A 38 -7.48 -5.03 -1.57
CA SER A 38 -6.43 -6.00 -1.80
C SER A 38 -6.40 -6.43 -3.27
N LYS A 39 -7.58 -6.54 -3.87
CA LYS A 39 -7.68 -6.97 -5.27
C LYS A 39 -7.15 -5.90 -6.22
N TRP A 40 -7.40 -4.63 -5.89
CA TRP A 40 -6.96 -3.53 -6.74
C TRP A 40 -5.49 -3.73 -7.11
N LYS A 41 -5.16 -3.47 -8.38
CA LYS A 41 -3.79 -3.61 -8.85
C LYS A 41 -2.97 -2.38 -8.45
N TYR A 42 -1.68 -2.60 -8.20
CA TYR A 42 -0.80 -1.51 -7.82
C TYR A 42 -1.09 -0.26 -8.64
N ALA A 43 -1.35 -0.45 -9.94
CA ALA A 43 -1.64 0.67 -10.83
C ALA A 43 -2.98 1.31 -10.45
N GLU A 44 -3.94 0.48 -10.08
CA GLU A 44 -5.26 0.98 -9.71
C GLU A 44 -5.19 1.79 -8.42
N LEU A 45 -4.52 1.22 -7.40
CA LEU A 45 -4.38 1.90 -6.12
C LEU A 45 -3.67 3.24 -6.29
N ARG A 46 -2.41 3.18 -6.72
CA ARG A 46 -1.63 4.40 -6.91
C ARG A 46 -2.40 5.41 -7.74
N ASP A 47 -3.08 4.92 -8.77
CA ASP A 47 -3.86 5.81 -9.63
C ASP A 47 -4.98 6.46 -8.85
N THR A 48 -5.82 5.65 -8.21
CA THR A 48 -6.94 6.17 -7.44
C THR A 48 -6.49 7.32 -6.54
N ILE A 49 -5.53 7.05 -5.65
CA ILE A 49 -5.03 8.07 -4.75
C ILE A 49 -4.45 9.24 -5.52
N ASN A 50 -3.92 8.98 -6.70
CA ASN A 50 -3.34 10.04 -7.51
C ASN A 50 -4.43 10.94 -8.10
N THR A 51 -5.63 10.38 -8.28
CA THR A 51 -6.74 11.15 -8.83
C THR A 51 -8.00 10.96 -7.99
N SER A 52 -7.84 10.99 -6.66
CA SER A 52 -8.97 10.83 -5.76
C SER A 52 -9.02 11.98 -4.74
N CYS A 53 -10.10 12.04 -3.97
CA CYS A 53 -10.24 13.09 -2.96
C CYS A 53 -11.06 12.58 -1.78
N ASP A 54 -11.01 11.27 -1.56
CA ASP A 54 -11.75 10.66 -0.45
C ASP A 54 -10.78 10.25 0.66
N ILE A 55 -10.99 10.79 1.86
CA ILE A 55 -10.13 10.49 2.99
C ILE A 55 -10.10 8.98 3.27
N GLU A 56 -11.24 8.44 3.65
CA GLU A 56 -11.33 7.01 3.96
C GLU A 56 -10.72 6.18 2.84
N LEU A 57 -11.13 6.46 1.60
CA LEU A 57 -10.61 5.72 0.46
C LEU A 57 -9.08 5.81 0.42
N LEU A 58 -8.58 7.04 0.37
CA LEU A 58 -7.14 7.26 0.34
C LEU A 58 -6.44 6.40 1.39
N ALA A 59 -6.95 6.45 2.62
CA ALA A 59 -6.38 5.68 3.71
C ALA A 59 -6.35 4.19 3.35
N ALA A 60 -7.49 3.68 2.90
CA ALA A 60 -7.59 2.28 2.52
C ALA A 60 -6.41 1.88 1.63
N CYS A 61 -6.28 2.55 0.49
CA CYS A 61 -5.19 2.26 -0.43
C CYS A 61 -3.85 2.23 0.29
N ARG A 62 -3.49 3.36 0.90
CA ARG A 62 -2.23 3.45 1.62
C ARG A 62 -2.04 2.24 2.53
N GLU A 63 -3.11 1.85 3.22
CA GLU A 63 -3.05 0.72 4.12
C GLU A 63 -2.80 -0.57 3.35
N GLU A 64 -3.42 -0.69 2.18
CA GLU A 64 -3.24 -1.89 1.37
C GLU A 64 -1.78 -2.02 0.95
N PHE A 65 -1.11 -0.88 0.80
CA PHE A 65 0.30 -0.89 0.42
C PHE A 65 1.14 -1.40 1.59
N HIS A 66 1.06 -0.69 2.71
CA HIS A 66 1.81 -1.07 3.90
C HIS A 66 1.68 -2.57 4.16
N ARG A 67 0.45 -3.08 4.05
CA ARG A 67 0.20 -4.49 4.29
C ARG A 67 0.95 -5.38 3.29
N ARG A 68 0.62 -5.25 2.02
CA ARG A 68 1.27 -6.06 1.00
C ARG A 68 2.77 -5.77 0.95
N LEU A 69 3.20 -4.72 1.66
CA LEU A 69 4.62 -4.37 1.68
C LEU A 69 5.35 -5.26 2.67
N LYS A 70 4.92 -5.24 3.94
CA LYS A 70 5.54 -6.06 4.96
C LYS A 70 5.43 -7.54 4.58
N VAL A 71 4.33 -7.90 3.93
CA VAL A 71 4.11 -9.28 3.52
C VAL A 71 5.02 -9.61 2.34
N TYR A 72 5.15 -8.67 1.41
CA TYR A 72 5.99 -8.86 0.24
C TYR A 72 7.46 -8.98 0.65
N HIS A 73 7.85 -8.16 1.64
CA HIS A 73 9.23 -8.17 2.12
C HIS A 73 9.48 -9.39 3.00
N ALA A 74 8.44 -9.87 3.66
CA ALA A 74 8.56 -11.04 4.53
C ALA A 74 8.62 -12.31 3.71
N TRP A 75 7.68 -12.45 2.78
CA TRP A 75 7.64 -13.63 1.92
C TRP A 75 8.85 -13.66 0.99
N LYS A 76 9.24 -12.50 0.48
CA LYS A 76 10.39 -12.42 -0.42
C LYS A 76 11.68 -12.66 0.36
N SER A 77 11.75 -12.13 1.58
CA SER A 77 12.93 -12.31 2.41
C SER A 77 13.11 -13.77 2.77
N LYS A 78 12.00 -14.46 2.96
CA LYS A 78 12.03 -15.88 3.31
C LYS A 78 12.22 -16.74 2.05
N ASN A 79 11.63 -16.29 0.95
CA ASN A 79 11.74 -17.02 -0.31
C ASN A 79 12.79 -16.38 -1.21
N LYS A 80 13.76 -15.69 -0.59
CA LYS A 80 14.82 -15.04 -1.35
C LYS A 80 15.62 -16.06 -2.15
N LYS A 81 15.40 -17.34 -1.85
CA LYS A 81 16.10 -18.42 -2.54
C LYS A 81 15.17 -19.60 -2.79
N ARG A 82 15.57 -20.49 -3.69
CA ARG A 82 14.75 -21.66 -4.01
C ARG A 82 14.20 -22.29 -2.73
N ARG A 1 0.32 -4.77 -21.13
CA ARG A 1 0.76 -3.97 -19.98
C ARG A 1 2.26 -3.72 -20.04
N PRO A 2 2.72 -2.66 -19.44
CA PRO A 2 4.18 -2.29 -19.43
C PRO A 2 5.00 -3.30 -18.63
N LYS A 3 6.30 -3.06 -18.54
CA LYS A 3 7.19 -3.94 -17.81
C LYS A 3 7.34 -3.48 -16.36
N MET A 4 6.56 -4.08 -15.48
CA MET A 4 6.61 -3.73 -14.06
C MET A 4 7.39 -4.79 -13.27
N THR A 5 7.94 -4.38 -12.14
CA THR A 5 8.72 -5.31 -11.30
C THR A 5 8.24 -5.22 -9.85
N PRO A 6 8.29 -6.32 -9.12
CA PRO A 6 7.87 -6.35 -7.69
C PRO A 6 8.72 -5.45 -6.82
N GLU A 7 10.02 -5.42 -7.10
CA GLU A 7 10.94 -4.58 -6.33
C GLU A 7 10.62 -3.11 -6.55
N GLN A 8 10.33 -2.75 -7.80
CA GLN A 8 10.01 -1.38 -8.14
C GLN A 8 8.77 -0.92 -7.39
N MET A 9 7.66 -1.59 -7.66
CA MET A 9 6.40 -1.25 -6.99
C MET A 9 6.59 -1.22 -5.49
N ALA A 10 7.42 -2.12 -4.97
CA ALA A 10 7.67 -2.19 -3.54
C ALA A 10 8.30 -0.89 -3.06
N LYS A 11 9.23 -0.37 -3.84
CA LYS A 11 9.91 0.88 -3.49
C LYS A 11 8.97 2.07 -3.62
N GLU A 12 8.25 2.13 -4.74
CA GLU A 12 7.31 3.23 -4.97
C GLU A 12 6.23 3.27 -3.90
N MET A 13 5.74 2.10 -3.50
CA MET A 13 4.71 2.03 -2.50
C MET A 13 5.25 2.50 -1.14
N SER A 14 6.35 1.89 -0.72
CA SER A 14 6.98 2.25 0.55
C SER A 14 7.12 3.76 0.68
N GLU A 15 7.83 4.38 -0.26
CA GLU A 15 8.04 5.82 -0.22
C GLU A 15 6.69 6.55 -0.21
N PHE A 16 5.73 6.04 -0.97
CA PHE A 16 4.41 6.67 -1.02
C PHE A 16 3.88 6.87 0.39
N LEU A 17 3.89 5.80 1.18
CA LEU A 17 3.40 5.88 2.56
C LEU A 17 4.24 6.87 3.37
N SER A 18 5.56 6.74 3.25
CA SER A 18 6.46 7.63 3.98
C SER A 18 6.10 9.09 3.72
N ARG A 19 5.85 9.42 2.46
CA ARG A 19 5.49 10.80 2.10
C ARG A 19 4.03 11.08 2.45
N GLY A 20 3.23 10.03 2.51
CA GLY A 20 1.81 10.17 2.82
C GLY A 20 1.63 10.73 4.23
N PRO A 21 0.41 10.85 4.67
CA PRO A 21 0.08 11.39 6.03
C PRO A 21 0.92 10.73 7.12
N ALA A 22 0.64 11.10 8.37
CA ALA A 22 1.38 10.55 9.50
C ALA A 22 0.50 10.51 10.75
N VAL A 23 -0.78 10.21 10.55
CA VAL A 23 -1.72 10.15 11.67
C VAL A 23 -3.06 9.59 11.21
N LEU A 24 -3.54 8.56 11.90
CA LEU A 24 -4.82 7.94 11.57
C LEU A 24 -5.70 7.82 12.80
N ALA A 25 -7.00 7.76 12.59
CA ALA A 25 -7.95 7.63 13.70
C ALA A 25 -7.94 6.22 14.26
N THR A 26 -6.78 5.56 14.18
CA THR A 26 -6.65 4.20 14.68
C THR A 26 -7.09 4.12 16.14
N LYS A 27 -7.08 5.27 16.82
CA LYS A 27 -7.47 5.32 18.22
C LYS A 27 -8.93 4.89 18.37
N ALA A 28 -9.42 4.90 19.61
CA ALA A 28 -10.80 4.52 19.88
C ALA A 28 -11.18 3.27 19.09
N ALA A 29 -12.47 3.11 18.83
CA ALA A 29 -12.95 1.96 18.08
C ALA A 29 -12.38 1.97 16.66
N ALA A 30 -11.63 0.94 16.34
CA ALA A 30 -11.02 0.82 15.01
C ALA A 30 -12.05 0.34 13.99
N GLY A 31 -12.11 1.01 12.85
CA GLY A 31 -13.05 0.64 11.80
C GLY A 31 -12.64 1.24 10.47
N THR A 32 -11.34 1.34 10.24
CA THR A 32 -10.83 1.91 8.99
C THR A 32 -10.76 0.84 7.92
N LYS A 33 -10.69 -0.43 8.34
CA LYS A 33 -10.60 -1.54 7.41
C LYS A 33 -11.96 -1.80 6.76
N LYS A 34 -12.78 -0.75 6.69
CA LYS A 34 -14.11 -0.88 6.09
C LYS A 34 -14.01 -0.94 4.57
N TYR A 35 -12.87 -0.52 4.04
CA TYR A 35 -12.64 -0.53 2.60
C TYR A 35 -11.67 -1.64 2.22
N ASP A 36 -12.18 -2.67 1.54
CA ASP A 36 -11.34 -3.78 1.11
C ASP A 36 -10.91 -3.61 -0.33
N LEU A 37 -9.72 -3.04 -0.52
CA LEU A 37 -9.20 -2.82 -1.88
C LEU A 37 -8.16 -3.87 -2.23
N SER A 38 -8.08 -4.93 -1.44
CA SER A 38 -7.12 -5.99 -1.67
C SER A 38 -7.11 -6.39 -3.15
N LYS A 39 -8.30 -6.49 -3.74
CA LYS A 39 -8.42 -6.89 -5.14
C LYS A 39 -7.80 -5.86 -6.08
N TRP A 40 -7.96 -4.58 -5.75
CA TRP A 40 -7.41 -3.52 -6.59
C TRP A 40 -5.95 -3.81 -6.93
N LYS A 41 -5.58 -3.55 -8.18
CA LYS A 41 -4.21 -3.79 -8.62
C LYS A 41 -3.32 -2.59 -8.29
N TYR A 42 -2.03 -2.84 -8.17
CA TYR A 42 -1.08 -1.77 -7.84
C TYR A 42 -1.36 -0.53 -8.68
N ALA A 43 -1.68 -0.74 -9.95
CA ALA A 43 -1.96 0.37 -10.86
C ALA A 43 -3.26 1.07 -10.47
N GLU A 44 -4.25 0.28 -10.06
CA GLU A 44 -5.54 0.82 -9.66
C GLU A 44 -5.40 1.64 -8.38
N LEU A 45 -4.73 1.07 -7.39
CA LEU A 45 -4.54 1.76 -6.11
C LEU A 45 -3.79 3.07 -6.32
N ARG A 46 -2.55 2.98 -6.77
CA ARG A 46 -1.73 4.16 -7.00
C ARG A 46 -2.49 5.19 -7.83
N ASP A 47 -3.23 4.71 -8.83
CA ASP A 47 -4.00 5.60 -9.68
C ASP A 47 -5.08 6.31 -8.88
N THR A 48 -5.95 5.54 -8.24
CA THR A 48 -7.03 6.11 -7.44
C THR A 48 -6.51 7.25 -6.57
N ILE A 49 -5.55 6.95 -5.70
CA ILE A 49 -5.00 7.96 -4.81
C ILE A 49 -4.41 9.12 -5.61
N ASN A 50 -3.89 8.82 -6.80
CA ASN A 50 -3.30 9.85 -7.64
C ASN A 50 -4.38 10.74 -8.24
N THR A 51 -5.59 10.18 -8.41
CA THR A 51 -6.69 10.94 -8.99
C THR A 51 -7.93 10.82 -8.10
N SER A 52 -7.74 10.95 -6.79
CA SER A 52 -8.86 10.86 -5.85
C SER A 52 -8.86 12.07 -4.91
N CYS A 53 -9.92 12.19 -4.11
CA CYS A 53 -10.03 13.29 -3.17
C CYS A 53 -10.83 12.86 -1.94
N ASP A 54 -10.78 11.57 -1.63
CA ASP A 54 -11.51 11.03 -0.48
C ASP A 54 -10.52 10.66 0.62
N ILE A 55 -10.84 11.02 1.86
CA ILE A 55 -9.97 10.72 2.98
C ILE A 55 -9.95 9.22 3.28
N GLU A 56 -11.10 8.68 3.67
CA GLU A 56 -11.19 7.27 3.99
C GLU A 56 -10.64 6.42 2.85
N LEU A 57 -11.06 6.71 1.63
CA LEU A 57 -10.60 5.97 0.46
C LEU A 57 -9.08 5.98 0.42
N LEU A 58 -8.51 7.19 0.38
CA LEU A 58 -7.05 7.33 0.33
C LEU A 58 -6.40 6.44 1.39
N ALA A 59 -6.87 6.57 2.63
CA ALA A 59 -6.32 5.78 3.72
C ALA A 59 -6.35 4.29 3.38
N ALA A 60 -7.51 3.82 2.92
CA ALA A 60 -7.67 2.43 2.55
C ALA A 60 -6.52 1.97 1.65
N CYS A 61 -6.37 2.64 0.52
CA CYS A 61 -5.31 2.29 -0.42
C CYS A 61 -3.97 2.21 0.29
N ARG A 62 -3.54 3.32 0.88
CA ARG A 62 -2.27 3.36 1.58
C ARG A 62 -2.11 2.13 2.47
N GLU A 63 -3.18 1.77 3.19
CA GLU A 63 -3.15 0.62 4.07
C GLU A 63 -2.95 -0.66 3.26
N GLU A 64 -3.65 -0.77 2.13
CA GLU A 64 -3.54 -1.96 1.30
C GLU A 64 -2.10 -2.16 0.87
N PHE A 65 -1.36 -1.07 0.71
CA PHE A 65 0.05 -1.17 0.34
C PHE A 65 0.83 -1.71 1.51
N HIS A 66 0.79 -0.99 2.63
CA HIS A 66 1.49 -1.42 3.83
C HIS A 66 1.39 -2.93 3.99
N ARG A 67 0.19 -3.45 3.74
CA ARG A 67 -0.02 -4.90 3.83
C ARG A 67 0.85 -5.59 2.80
N ARG A 68 0.77 -5.14 1.55
CA ARG A 68 1.57 -5.72 0.48
C ARG A 68 3.05 -5.66 0.84
N LEU A 69 3.47 -4.58 1.49
CA LEU A 69 4.87 -4.42 1.87
C LEU A 69 5.25 -5.46 2.92
N LYS A 70 4.34 -5.73 3.85
CA LYS A 70 4.61 -6.72 4.89
C LYS A 70 4.85 -8.10 4.26
N VAL A 71 3.91 -8.51 3.41
CA VAL A 71 4.03 -9.80 2.73
C VAL A 71 5.23 -9.80 1.78
N TYR A 72 5.41 -8.70 1.07
CA TYR A 72 6.52 -8.56 0.13
C TYR A 72 7.85 -8.57 0.87
N HIS A 73 7.81 -8.16 2.15
CA HIS A 73 9.02 -8.12 2.96
C HIS A 73 9.35 -9.53 3.45
N ALA A 74 8.32 -10.29 3.80
CA ALA A 74 8.52 -11.65 4.29
C ALA A 74 9.03 -12.54 3.17
N TRP A 75 8.45 -12.37 1.98
CA TRP A 75 8.85 -13.16 0.82
C TRP A 75 10.24 -12.76 0.35
N LYS A 76 10.49 -11.45 0.30
CA LYS A 76 11.79 -10.95 -0.13
C LYS A 76 12.87 -11.29 0.90
N SER A 77 12.49 -11.26 2.17
CA SER A 77 13.44 -11.57 3.23
C SER A 77 13.76 -13.06 3.23
N LYS A 78 12.77 -13.88 2.91
CA LYS A 78 12.95 -15.32 2.87
C LYS A 78 13.56 -15.76 1.54
N ASN A 79 13.48 -14.88 0.55
CA ASN A 79 14.03 -15.17 -0.78
C ASN A 79 15.03 -14.09 -1.19
N LYS A 80 15.87 -13.68 -0.25
CA LYS A 80 16.86 -12.66 -0.52
C LYS A 80 18.08 -13.27 -1.20
N LYS A 81 18.11 -14.60 -1.28
CA LYS A 81 19.22 -15.30 -1.91
C LYS A 81 19.60 -14.63 -3.22
N ARG A 82 20.90 -14.57 -3.50
CA ARG A 82 21.39 -13.95 -4.73
C ARG A 82 20.63 -12.66 -5.01
N ARG A 1 6.74 3.83 -20.40
CA ARG A 1 7.57 3.49 -19.24
C ARG A 1 8.19 2.10 -19.42
N PRO A 2 9.31 1.86 -18.80
CA PRO A 2 10.01 0.54 -18.89
C PRO A 2 9.21 -0.58 -18.24
N LYS A 3 9.87 -1.71 -18.01
CA LYS A 3 9.22 -2.85 -17.39
C LYS A 3 9.06 -2.63 -15.89
N MET A 4 7.94 -3.08 -15.33
CA MET A 4 7.68 -2.92 -13.90
C MET A 4 8.41 -4.00 -13.11
N THR A 5 8.87 -3.64 -11.92
CA THR A 5 9.58 -4.59 -11.06
C THR A 5 8.99 -4.59 -9.65
N PRO A 6 9.02 -5.70 -8.97
CA PRO A 6 8.47 -5.81 -7.58
C PRO A 6 9.21 -4.90 -6.61
N GLU A 7 10.51 -4.77 -6.80
CA GLU A 7 11.32 -3.91 -5.93
C GLU A 7 10.99 -2.45 -6.18
N GLN A 8 10.72 -2.12 -7.45
CA GLN A 8 10.38 -0.75 -7.80
C GLN A 8 9.07 -0.33 -7.14
N MET A 9 8.02 -1.12 -7.37
CA MET A 9 6.72 -0.82 -6.78
C MET A 9 6.81 -0.80 -5.26
N ALA A 10 7.62 -1.69 -4.72
CA ALA A 10 7.80 -1.76 -3.26
C ALA A 10 8.41 -0.46 -2.75
N LYS A 11 9.34 0.10 -3.51
CA LYS A 11 9.99 1.35 -3.13
C LYS A 11 9.03 2.53 -3.32
N GLU A 12 8.31 2.52 -4.44
CA GLU A 12 7.36 3.59 -4.72
C GLU A 12 6.24 3.61 -3.69
N MET A 13 5.85 2.43 -3.24
CA MET A 13 4.78 2.32 -2.24
C MET A 13 5.28 2.83 -0.88
N SER A 14 6.33 2.20 -0.38
CA SER A 14 6.90 2.59 0.91
C SER A 14 7.05 4.11 1.00
N GLU A 15 7.75 4.70 0.04
CA GLU A 15 7.95 6.14 0.05
C GLU A 15 6.60 6.88 -0.03
N PHE A 16 5.70 6.39 -0.86
CA PHE A 16 4.39 7.02 -0.99
C PHE A 16 3.79 7.26 0.40
N LEU A 17 3.85 6.24 1.25
CA LEU A 17 3.32 6.36 2.61
C LEU A 17 4.12 7.38 3.40
N SER A 18 5.45 7.25 3.34
CA SER A 18 6.32 8.16 4.07
C SER A 18 6.05 9.61 3.66
N ARG A 19 5.66 9.81 2.41
CA ARG A 19 5.37 11.15 1.91
C ARG A 19 3.96 11.58 2.31
N GLY A 20 3.00 10.68 2.14
CA GLY A 20 1.62 10.97 2.48
C GLY A 20 1.49 11.33 3.96
N PRO A 21 0.29 11.57 4.41
CA PRO A 21 0.02 11.94 5.84
C PRO A 21 0.73 11.01 6.81
N ALA A 22 0.48 11.21 8.10
CA ALA A 22 1.09 10.39 9.14
C ALA A 22 0.04 9.85 10.10
N VAL A 23 -1.17 9.63 9.58
CA VAL A 23 -2.26 9.13 10.40
C VAL A 23 -2.23 7.60 10.47
N LEU A 24 -1.46 7.08 11.41
CA LEU A 24 -1.34 5.63 11.56
C LEU A 24 -2.60 5.06 12.21
N ALA A 25 -2.60 3.75 12.42
CA ALA A 25 -3.74 3.08 13.03
C ALA A 25 -3.38 1.66 13.47
N THR A 26 -2.12 1.47 13.81
CA THR A 26 -1.65 0.17 14.25
C THR A 26 -2.24 -0.20 15.60
N LYS A 27 -2.68 0.81 16.34
CA LYS A 27 -3.27 0.59 17.65
C LYS A 27 -4.44 -0.39 17.56
N ALA A 28 -4.25 -1.58 18.10
CA ALA A 28 -5.30 -2.60 18.06
C ALA A 28 -5.96 -2.65 16.69
N ALA A 29 -5.24 -2.18 15.68
CA ALA A 29 -5.76 -2.18 14.32
C ALA A 29 -7.16 -1.58 14.29
N ALA A 30 -8.17 -2.44 14.15
CA ALA A 30 -9.56 -1.99 14.11
C ALA A 30 -9.76 -1.00 12.97
N GLY A 31 -10.99 -0.94 12.46
CA GLY A 31 -11.31 -0.03 11.36
C GLY A 31 -10.25 -0.10 10.27
N THR A 32 -10.21 -1.22 9.56
CA THR A 32 -9.23 -1.41 8.50
C THR A 32 -9.75 -2.42 7.47
N LYS A 33 -10.32 -3.51 7.96
CA LYS A 33 -10.85 -4.55 7.08
C LYS A 33 -12.15 -4.08 6.43
N LYS A 34 -12.48 -2.81 6.63
CA LYS A 34 -13.72 -2.26 6.07
C LYS A 34 -13.59 -2.14 4.55
N TYR A 35 -12.53 -1.49 4.09
CA TYR A 35 -12.31 -1.30 2.67
C TYR A 35 -11.34 -2.36 2.14
N ASP A 36 -11.86 -3.28 1.34
CA ASP A 36 -11.02 -4.35 0.78
C ASP A 36 -10.58 -4.00 -0.64
N LEU A 37 -9.38 -3.43 -0.75
CA LEU A 37 -8.85 -3.05 -2.06
C LEU A 37 -7.69 -3.97 -2.44
N SER A 38 -7.49 -5.01 -1.66
CA SER A 38 -6.40 -5.95 -1.92
C SER A 38 -6.37 -6.36 -3.39
N LYS A 39 -7.56 -6.52 -3.98
CA LYS A 39 -7.67 -6.92 -5.39
C LYS A 39 -7.16 -5.83 -6.32
N TRP A 40 -7.34 -4.57 -5.94
CA TRP A 40 -6.88 -3.46 -6.78
C TRP A 40 -5.41 -3.64 -7.13
N LYS A 41 -5.07 -3.38 -8.39
CA LYS A 41 -3.69 -3.51 -8.84
C LYS A 41 -2.88 -2.28 -8.43
N TYR A 42 -1.60 -2.48 -8.16
CA TYR A 42 -0.72 -1.38 -7.76
C TYR A 42 -1.03 -0.13 -8.58
N ALA A 43 -1.27 -0.31 -9.88
CA ALA A 43 -1.57 0.80 -10.76
C ALA A 43 -2.91 1.42 -10.41
N GLU A 44 -3.88 0.59 -10.05
CA GLU A 44 -5.20 1.06 -9.69
C GLU A 44 -5.16 1.86 -8.40
N LEU A 45 -4.50 1.29 -7.39
CA LEU A 45 -4.39 1.96 -6.10
C LEU A 45 -3.69 3.30 -6.24
N ARG A 46 -2.42 3.27 -6.64
CA ARG A 46 -1.66 4.50 -6.81
C ARG A 46 -2.43 5.51 -7.64
N ASP A 47 -3.09 5.02 -8.70
CA ASP A 47 -3.87 5.91 -9.56
C ASP A 47 -5.02 6.55 -8.78
N THR A 48 -5.85 5.72 -8.16
CA THR A 48 -6.99 6.22 -7.40
C THR A 48 -6.56 7.36 -6.48
N ILE A 49 -5.60 7.08 -5.59
CA ILE A 49 -5.13 8.11 -4.66
C ILE A 49 -4.56 9.31 -5.41
N ASN A 50 -4.00 9.05 -6.59
CA ASN A 50 -3.41 10.13 -7.38
C ASN A 50 -4.51 11.03 -7.96
N THR A 51 -5.70 10.47 -8.18
CA THR A 51 -6.81 11.24 -8.72
C THR A 51 -8.08 11.02 -7.91
N SER A 52 -7.94 11.05 -6.58
CA SER A 52 -9.09 10.86 -5.70
C SER A 52 -9.19 12.01 -4.70
N CYS A 53 -10.25 12.00 -3.90
CA CYS A 53 -10.46 13.04 -2.90
C CYS A 53 -11.28 12.49 -1.73
N ASP A 54 -11.20 11.18 -1.53
CA ASP A 54 -11.92 10.54 -0.43
C ASP A 54 -10.96 10.18 0.70
N ILE A 55 -11.38 10.45 1.93
CA ILE A 55 -10.55 10.16 3.09
C ILE A 55 -10.42 8.66 3.32
N GLU A 56 -11.54 8.02 3.63
CA GLU A 56 -11.54 6.58 3.88
C GLU A 56 -10.85 5.84 2.73
N LEU A 57 -11.22 6.19 1.50
CA LEU A 57 -10.62 5.55 0.34
C LEU A 57 -9.11 5.68 0.38
N LEU A 58 -8.64 6.93 0.41
CA LEU A 58 -7.20 7.18 0.45
C LEU A 58 -6.54 6.31 1.53
N ALA A 59 -7.10 6.36 2.73
CA ALA A 59 -6.54 5.59 3.85
C ALA A 59 -6.46 4.10 3.50
N ALA A 60 -7.57 3.57 2.98
CA ALA A 60 -7.62 2.16 2.61
C ALA A 60 -6.42 1.79 1.73
N CYS A 61 -6.30 2.48 0.60
CA CYS A 61 -5.19 2.21 -0.32
C CYS A 61 -3.87 2.20 0.42
N ARG A 62 -3.52 3.33 1.03
CA ARG A 62 -2.26 3.44 1.77
C ARG A 62 -2.05 2.20 2.64
N GLU A 63 -3.11 1.77 3.32
CA GLU A 63 -3.02 0.61 4.19
C GLU A 63 -2.78 -0.65 3.37
N GLU A 64 -3.39 -0.74 2.19
CA GLU A 64 -3.21 -1.91 1.34
C GLU A 64 -1.75 -2.03 0.92
N PHE A 65 -1.08 -0.88 0.81
CA PHE A 65 0.33 -0.86 0.43
C PHE A 65 1.16 -1.38 1.59
N HIS A 66 1.08 -0.69 2.72
CA HIS A 66 1.84 -1.09 3.90
C HIS A 66 1.71 -2.59 4.16
N ARG A 67 0.50 -3.10 4.00
CA ARG A 67 0.25 -4.52 4.22
C ARG A 67 1.00 -5.38 3.22
N ARG A 68 0.69 -5.23 1.94
CA ARG A 68 1.37 -6.03 0.92
C ARG A 68 2.86 -5.72 0.88
N LEU A 69 3.27 -4.68 1.59
CA LEU A 69 4.68 -4.31 1.64
C LEU A 69 5.42 -5.22 2.63
N LYS A 70 4.96 -5.22 3.87
CA LYS A 70 5.59 -6.05 4.90
C LYS A 70 5.47 -7.53 4.52
N VAL A 71 4.39 -7.88 3.84
CA VAL A 71 4.19 -9.26 3.42
C VAL A 71 5.13 -9.60 2.27
N TYR A 72 5.24 -8.69 1.31
CA TYR A 72 6.11 -8.89 0.16
C TYR A 72 7.57 -8.98 0.62
N HIS A 73 7.94 -8.16 1.60
CA HIS A 73 9.29 -8.15 2.12
C HIS A 73 9.52 -9.35 3.03
N ALA A 74 8.46 -9.82 3.66
CA ALA A 74 8.55 -10.97 4.56
C ALA A 74 8.68 -12.26 3.77
N TRP A 75 7.80 -12.44 2.79
CA TRP A 75 7.82 -13.64 1.96
C TRP A 75 9.08 -13.66 1.10
N LYS A 76 9.46 -12.50 0.57
CA LYS A 76 10.65 -12.41 -0.27
C LYS A 76 11.91 -12.65 0.57
N SER A 77 11.95 -12.06 1.76
CA SER A 77 13.09 -12.22 2.64
C SER A 77 13.23 -13.68 3.07
N LYS A 78 12.09 -14.35 3.24
CA LYS A 78 12.09 -15.75 3.64
C LYS A 78 12.37 -16.66 2.44
N ASN A 79 11.92 -16.23 1.27
CA ASN A 79 12.12 -17.02 0.06
C ASN A 79 13.51 -16.76 -0.52
N LYS A 80 14.16 -15.70 -0.04
CA LYS A 80 15.49 -15.35 -0.52
C LYS A 80 16.54 -16.21 0.16
N LYS A 81 16.69 -16.04 1.47
CA LYS A 81 17.66 -16.81 2.23
C LYS A 81 17.20 -18.25 2.39
N ARG A 82 18.11 -19.19 2.14
CA ARG A 82 17.78 -20.60 2.27
C ARG A 82 17.58 -20.98 3.72
N ARG A 1 6.61 0.74 -22.32
CA ARG A 1 7.17 0.91 -20.99
C ARG A 1 7.98 -0.33 -20.59
N PRO A 2 8.96 -0.16 -19.74
CA PRO A 2 9.81 -1.30 -19.28
C PRO A 2 9.04 -2.29 -18.42
N LYS A 3 9.72 -3.32 -17.94
CA LYS A 3 9.08 -4.34 -17.11
C LYS A 3 9.01 -3.87 -15.66
N MET A 4 7.91 -4.22 -14.98
CA MET A 4 7.73 -3.84 -13.59
C MET A 4 8.54 -4.75 -12.67
N THR A 5 8.98 -4.21 -11.54
CA THR A 5 9.76 -4.99 -10.59
C THR A 5 9.19 -4.83 -9.18
N PRO A 6 9.27 -5.87 -8.37
CA PRO A 6 8.74 -5.82 -6.96
C PRO A 6 9.46 -4.78 -6.12
N GLU A 7 10.76 -4.63 -6.35
CA GLU A 7 11.54 -3.65 -5.60
C GLU A 7 11.14 -2.24 -5.98
N GLN A 8 10.85 -2.03 -7.26
CA GLN A 8 10.45 -0.72 -7.75
C GLN A 8 9.12 -0.31 -7.14
N MET A 9 8.10 -1.15 -7.31
CA MET A 9 6.78 -0.85 -6.77
C MET A 9 6.85 -0.67 -5.25
N ALA A 10 7.71 -1.47 -4.61
CA ALA A 10 7.86 -1.39 -3.16
C ALA A 10 8.44 -0.05 -2.75
N LYS A 11 9.37 0.46 -3.56
CA LYS A 11 10.00 1.75 -3.29
C LYS A 11 8.99 2.87 -3.38
N GLU A 12 8.23 2.90 -4.47
CA GLU A 12 7.22 3.95 -4.66
C GLU A 12 6.14 3.86 -3.59
N MET A 13 5.78 2.64 -3.21
CA MET A 13 4.76 2.45 -2.19
C MET A 13 5.28 2.87 -0.83
N SER A 14 6.38 2.25 -0.41
CA SER A 14 6.99 2.55 0.88
C SER A 14 7.09 4.07 1.09
N GLU A 15 7.74 4.76 0.15
CA GLU A 15 7.90 6.20 0.27
C GLU A 15 6.54 6.89 0.30
N PHE A 16 5.62 6.44 -0.54
CA PHE A 16 4.29 7.03 -0.58
C PHE A 16 3.73 7.15 0.84
N LEU A 17 3.73 6.05 1.57
CA LEU A 17 3.22 6.06 2.94
C LEU A 17 4.04 7.01 3.80
N SER A 18 5.35 6.88 3.74
CA SER A 18 6.24 7.74 4.51
C SER A 18 5.85 9.20 4.33
N ARG A 19 5.63 9.61 3.09
CA ARG A 19 5.26 10.98 2.79
C ARG A 19 3.92 11.33 3.45
N GLY A 20 2.95 10.44 3.32
CA GLY A 20 1.64 10.66 3.92
C GLY A 20 1.12 12.06 3.57
N PRO A 21 -0.06 12.38 4.04
CA PRO A 21 -0.69 13.71 3.78
C PRO A 21 -0.03 14.82 4.59
N ALA A 22 -0.34 16.07 4.22
CA ALA A 22 0.23 17.22 4.92
C ALA A 22 -0.77 17.78 5.93
N VAL A 23 -1.31 16.91 6.78
CA VAL A 23 -2.27 17.32 7.78
C VAL A 23 -2.18 16.43 9.01
N LEU A 24 -3.32 16.15 9.63
CA LEU A 24 -3.35 15.30 10.82
C LEU A 24 -3.73 13.87 10.43
N ALA A 25 -3.41 12.93 11.32
CA ALA A 25 -3.73 11.53 11.07
C ALA A 25 -3.34 10.67 12.27
N THR A 26 -3.70 11.12 13.46
CA THR A 26 -3.40 10.38 14.67
C THR A 26 -4.37 9.22 14.86
N LYS A 27 -5.62 9.44 14.48
CA LYS A 27 -6.64 8.41 14.60
C LYS A 27 -6.50 7.67 15.92
N ALA A 28 -7.16 8.18 16.96
CA ALA A 28 -7.11 7.55 18.27
C ALA A 28 -8.02 6.33 18.33
N ALA A 29 -7.86 5.43 17.37
CA ALA A 29 -8.68 4.22 17.32
C ALA A 29 -8.06 3.18 16.41
N ALA A 30 -8.81 2.13 16.11
CA ALA A 30 -8.32 1.06 15.24
C ALA A 30 -9.45 0.13 14.84
N GLY A 31 -9.20 -0.68 13.82
CA GLY A 31 -10.21 -1.62 13.34
C GLY A 31 -11.27 -0.90 12.52
N THR A 32 -10.86 0.12 11.78
CA THR A 32 -11.79 0.89 10.95
C THR A 32 -11.73 0.42 9.50
N LYS A 33 -10.77 -0.46 9.21
CA LYS A 33 -10.63 -0.99 7.86
C LYS A 33 -11.97 -1.45 7.30
N LYS A 34 -12.69 -0.52 6.68
CA LYS A 34 -14.00 -0.84 6.11
C LYS A 34 -13.90 -0.95 4.59
N TYR A 35 -12.81 -0.43 4.03
CA TYR A 35 -12.60 -0.48 2.58
C TYR A 35 -11.64 -1.61 2.22
N ASP A 36 -12.16 -2.64 1.56
CA ASP A 36 -11.33 -3.76 1.16
C ASP A 36 -10.91 -3.61 -0.30
N LEU A 37 -9.71 -3.06 -0.50
CA LEU A 37 -9.20 -2.87 -1.86
C LEU A 37 -8.14 -3.90 -2.19
N SER A 38 -8.15 -5.02 -1.46
CA SER A 38 -7.16 -6.07 -1.69
C SER A 38 -7.17 -6.48 -3.16
N LYS A 39 -8.36 -6.54 -3.74
CA LYS A 39 -8.50 -6.94 -5.14
C LYS A 39 -7.91 -5.91 -6.09
N TRP A 40 -7.92 -4.64 -5.69
CA TRP A 40 -7.38 -3.59 -6.53
C TRP A 40 -5.92 -3.87 -6.87
N LYS A 41 -5.52 -3.56 -8.11
CA LYS A 41 -4.14 -3.78 -8.53
C LYS A 41 -3.28 -2.58 -8.19
N TYR A 42 -1.97 -2.81 -8.10
CA TYR A 42 -1.03 -1.74 -7.77
C TYR A 42 -1.30 -0.50 -8.61
N ALA A 43 -1.58 -0.72 -9.90
CA ALA A 43 -1.87 0.39 -10.81
C ALA A 43 -3.17 1.08 -10.44
N GLU A 44 -4.16 0.28 -10.04
CA GLU A 44 -5.45 0.83 -9.66
C GLU A 44 -5.34 1.66 -8.39
N LEU A 45 -4.70 1.08 -7.37
CA LEU A 45 -4.53 1.78 -6.10
C LEU A 45 -3.78 3.10 -6.30
N ARG A 46 -2.53 3.00 -6.74
CA ARG A 46 -1.72 4.20 -6.95
C ARG A 46 -2.49 5.22 -7.79
N ASP A 47 -3.18 4.74 -8.82
CA ASP A 47 -3.94 5.61 -9.69
C ASP A 47 -5.03 6.33 -8.90
N THR A 48 -5.88 5.57 -8.24
CA THR A 48 -6.97 6.13 -7.45
C THR A 48 -6.47 7.28 -6.58
N ILE A 49 -5.50 6.99 -5.71
CA ILE A 49 -4.97 8.01 -4.82
C ILE A 49 -4.35 9.16 -5.62
N ASN A 50 -3.87 8.85 -6.81
CA ASN A 50 -3.25 9.87 -7.65
C ASN A 50 -4.30 10.82 -8.23
N THR A 51 -5.54 10.31 -8.36
CA THR A 51 -6.62 11.13 -8.90
C THR A 51 -7.87 11.00 -8.04
N SER A 52 -7.70 11.02 -6.73
CA SER A 52 -8.82 10.90 -5.80
C SER A 52 -8.81 12.06 -4.80
N CYS A 53 -9.90 12.18 -4.04
CA CYS A 53 -10.01 13.26 -3.06
C CYS A 53 -10.83 12.80 -1.86
N ASP A 54 -10.79 11.49 -1.59
CA ASP A 54 -11.54 10.92 -0.46
C ASP A 54 -10.58 10.48 0.63
N ILE A 55 -10.75 11.02 1.83
CA ILE A 55 -9.89 10.68 2.95
C ILE A 55 -9.90 9.18 3.22
N GLU A 56 -11.06 8.66 3.61
CA GLU A 56 -11.18 7.23 3.90
C GLU A 56 -10.60 6.39 2.77
N LEU A 57 -11.03 6.69 1.55
CA LEU A 57 -10.54 5.96 0.38
C LEU A 57 -9.02 5.99 0.34
N LEU A 58 -8.47 7.19 0.30
CA LEU A 58 -7.02 7.36 0.26
C LEU A 58 -6.35 6.46 1.31
N ALA A 59 -6.84 6.56 2.55
CA ALA A 59 -6.28 5.76 3.63
C ALA A 59 -6.34 4.28 3.28
N ALA A 60 -7.51 3.83 2.85
CA ALA A 60 -7.70 2.43 2.48
C ALA A 60 -6.56 1.95 1.60
N CYS A 61 -6.37 2.60 0.46
CA CYS A 61 -5.31 2.24 -0.45
C CYS A 61 -3.96 2.15 0.28
N ARG A 62 -3.55 3.25 0.87
CA ARG A 62 -2.29 3.29 1.60
C ARG A 62 -2.14 2.06 2.47
N GLU A 63 -3.21 1.70 3.17
CA GLU A 63 -3.19 0.53 4.04
C GLU A 63 -3.01 -0.75 3.23
N GLU A 64 -3.65 -0.81 2.06
CA GLU A 64 -3.54 -1.99 1.21
C GLU A 64 -2.09 -2.21 0.79
N PHE A 65 -1.35 -1.10 0.67
CA PHE A 65 0.06 -1.20 0.30
C PHE A 65 0.85 -1.76 1.47
N HIS A 66 0.77 -1.08 2.60
CA HIS A 66 1.46 -1.52 3.81
C HIS A 66 1.34 -3.04 3.94
N ARG A 67 0.11 -3.53 3.77
CA ARG A 67 -0.13 -4.97 3.85
C ARG A 67 0.74 -5.69 2.82
N ARG A 68 0.63 -5.25 1.56
CA ARG A 68 1.42 -5.85 0.49
C ARG A 68 2.89 -5.85 0.85
N LEU A 69 3.46 -4.65 0.96
CA LEU A 69 4.89 -4.52 1.30
C LEU A 69 5.30 -5.53 2.36
N LYS A 70 4.49 -5.66 3.41
CA LYS A 70 4.81 -6.60 4.48
C LYS A 70 4.84 -8.03 3.95
N VAL A 71 3.90 -8.35 3.06
CA VAL A 71 3.83 -9.69 2.49
C VAL A 71 4.97 -9.91 1.50
N TYR A 72 5.35 -8.84 0.81
CA TYR A 72 6.44 -8.90 -0.16
C TYR A 72 7.79 -9.01 0.55
N HIS A 73 7.92 -8.30 1.65
CA HIS A 73 9.15 -8.31 2.43
C HIS A 73 9.28 -9.63 3.20
N ALA A 74 8.14 -10.20 3.57
CA ALA A 74 8.14 -11.46 4.31
C ALA A 74 8.46 -12.62 3.38
N TRP A 75 7.71 -12.72 2.30
CA TRP A 75 7.93 -13.79 1.32
C TRP A 75 9.33 -13.69 0.74
N LYS A 76 9.78 -12.47 0.47
CA LYS A 76 11.11 -12.26 -0.08
C LYS A 76 12.18 -12.66 0.94
N SER A 77 11.94 -12.29 2.19
CA SER A 77 12.89 -12.61 3.27
C SER A 77 13.01 -14.11 3.44
N LYS A 78 11.90 -14.82 3.18
CA LYS A 78 11.89 -16.27 3.32
C LYS A 78 12.43 -16.92 2.04
N ASN A 79 12.15 -16.31 0.90
CA ASN A 79 12.61 -16.85 -0.38
C ASN A 79 13.83 -16.07 -0.88
N LYS A 80 14.63 -15.57 0.05
CA LYS A 80 15.82 -14.81 -0.32
C LYS A 80 16.92 -15.74 -0.80
N LYS A 81 16.96 -16.95 -0.24
CA LYS A 81 17.97 -17.93 -0.63
C LYS A 81 17.60 -18.58 -1.95
N ARG A 82 18.60 -19.05 -2.69
CA ARG A 82 18.37 -19.69 -3.97
C ARG A 82 17.90 -21.14 -3.77
N ARG A 1 5.00 2.49 -20.24
CA ARG A 1 5.98 2.37 -19.17
C ARG A 1 6.87 1.15 -19.39
N PRO A 2 8.08 1.18 -18.89
CA PRO A 2 9.04 0.05 -19.04
C PRO A 2 8.59 -1.18 -18.26
N LYS A 3 9.47 -2.19 -18.19
CA LYS A 3 9.15 -3.42 -17.48
C LYS A 3 8.99 -3.14 -15.99
N MET A 4 7.84 -3.52 -15.44
CA MET A 4 7.57 -3.31 -14.02
C MET A 4 8.26 -4.39 -13.19
N THR A 5 8.72 -4.02 -12.00
CA THR A 5 9.39 -4.97 -11.11
C THR A 5 8.79 -4.90 -9.71
N PRO A 6 8.77 -5.99 -8.99
CA PRO A 6 8.21 -6.03 -7.61
C PRO A 6 8.99 -5.12 -6.66
N GLU A 7 10.30 -5.04 -6.87
CA GLU A 7 11.14 -4.19 -6.03
C GLU A 7 10.83 -2.72 -6.31
N GLN A 8 10.62 -2.40 -7.58
CA GLN A 8 10.31 -1.03 -7.97
C GLN A 8 9.01 -0.57 -7.32
N MET A 9 7.94 -1.31 -7.54
CA MET A 9 6.65 -0.97 -6.96
C MET A 9 6.74 -0.91 -5.44
N ALA A 10 7.53 -1.81 -4.88
CA ALA A 10 7.71 -1.87 -3.43
C ALA A 10 8.34 -0.57 -2.94
N LYS A 11 9.26 -0.04 -3.72
CA LYS A 11 9.93 1.21 -3.36
C LYS A 11 9.00 2.40 -3.53
N GLU A 12 8.27 2.42 -4.65
CA GLU A 12 7.34 3.51 -4.92
C GLU A 12 6.23 3.55 -3.87
N MET A 13 5.82 2.36 -3.41
CA MET A 13 4.78 2.28 -2.41
C MET A 13 5.29 2.77 -1.06
N SER A 14 6.35 2.12 -0.58
CA SER A 14 6.94 2.49 0.71
C SER A 14 7.11 4.00 0.82
N GLU A 15 7.79 4.59 -0.16
CA GLU A 15 8.02 6.04 -0.14
C GLU A 15 6.70 6.79 -0.19
N PHE A 16 5.77 6.33 -1.02
CA PHE A 16 4.47 6.99 -1.13
C PHE A 16 3.89 7.24 0.25
N LEU A 17 3.92 6.20 1.09
CA LEU A 17 3.40 6.33 2.45
C LEU A 17 4.24 7.31 3.25
N SER A 18 5.56 7.13 3.20
CA SER A 18 6.47 8.02 3.92
C SER A 18 6.12 9.48 3.65
N ARG A 19 5.71 9.77 2.42
CA ARG A 19 5.35 11.14 2.05
C ARG A 19 3.94 11.46 2.52
N GLY A 20 3.01 10.55 2.30
CA GLY A 20 1.62 10.75 2.71
C GLY A 20 1.55 11.14 4.18
N PRO A 21 0.39 11.54 4.63
CA PRO A 21 0.17 11.94 6.05
C PRO A 21 0.16 10.74 6.99
N ALA A 22 -0.14 11.00 8.27
CA ALA A 22 -0.18 9.94 9.27
C ALA A 22 -1.28 10.21 10.28
N VAL A 23 -2.50 10.36 9.79
CA VAL A 23 -3.65 10.61 10.67
C VAL A 23 -3.80 9.49 11.69
N LEU A 24 -3.06 9.61 12.79
CA LEU A 24 -3.12 8.60 13.84
C LEU A 24 -4.56 8.23 14.15
N ALA A 25 -4.73 7.22 14.99
CA ALA A 25 -6.07 6.76 15.37
C ALA A 25 -6.02 5.94 16.65
N THR A 26 -5.51 6.56 17.72
CA THR A 26 -5.41 5.87 19.01
C THR A 26 -4.74 4.52 18.83
N LYS A 27 -3.73 4.47 17.97
CA LYS A 27 -3.00 3.22 17.73
C LYS A 27 -3.98 2.05 17.58
N ALA A 28 -4.91 2.19 16.63
CA ALA A 28 -5.89 1.15 16.39
C ALA A 28 -5.23 -0.08 15.78
N ALA A 29 -4.80 0.04 14.53
CA ALA A 29 -4.15 -1.07 13.84
C ALA A 29 -4.97 -2.35 13.98
N ALA A 30 -6.29 -2.21 13.95
CA ALA A 30 -7.18 -3.35 14.08
C ALA A 30 -8.61 -2.97 13.71
N GLY A 31 -9.25 -3.82 12.91
CA GLY A 31 -10.63 -3.56 12.48
C GLY A 31 -10.79 -2.12 12.01
N THR A 32 -10.26 -1.81 10.84
CA THR A 32 -10.35 -0.46 10.29
C THR A 32 -10.24 -0.49 8.78
N LYS A 33 -9.94 -1.66 8.22
CA LYS A 33 -9.80 -1.81 6.78
C LYS A 33 -11.15 -2.15 6.15
N LYS A 34 -12.18 -1.42 6.55
CA LYS A 34 -13.52 -1.65 6.00
C LYS A 34 -13.48 -1.67 4.47
N TYR A 35 -12.38 -1.17 3.91
CA TYR A 35 -12.22 -1.14 2.46
C TYR A 35 -11.21 -2.19 2.01
N ASP A 36 -11.67 -3.16 1.22
CA ASP A 36 -10.80 -4.22 0.73
C ASP A 36 -10.39 -3.94 -0.71
N LEU A 37 -9.21 -3.33 -0.88
CA LEU A 37 -8.71 -3.01 -2.21
C LEU A 37 -7.59 -3.95 -2.60
N SER A 38 -7.41 -5.01 -1.82
CA SER A 38 -6.35 -5.98 -2.08
C SER A 38 -6.33 -6.37 -3.56
N LYS A 39 -7.51 -6.49 -4.15
CA LYS A 39 -7.61 -6.89 -5.56
C LYS A 39 -7.09 -5.80 -6.48
N TRP A 40 -7.36 -4.54 -6.13
CA TRP A 40 -6.91 -3.42 -6.95
C TRP A 40 -5.45 -3.59 -7.33
N LYS A 41 -5.12 -3.30 -8.60
CA LYS A 41 -3.75 -3.43 -9.07
C LYS A 41 -2.93 -2.21 -8.65
N TYR A 42 -1.65 -2.42 -8.38
CA TYR A 42 -0.77 -1.34 -7.97
C TYR A 42 -1.06 -0.07 -8.77
N ALA A 43 -1.31 -0.24 -10.06
CA ALA A 43 -1.61 0.90 -10.93
C ALA A 43 -2.94 1.52 -10.56
N GLU A 44 -3.91 0.68 -10.21
CA GLU A 44 -5.23 1.17 -9.84
C GLU A 44 -5.16 1.95 -8.52
N LEU A 45 -4.50 1.37 -7.53
CA LEU A 45 -4.37 2.02 -6.23
C LEU A 45 -3.67 3.36 -6.37
N ARG A 46 -2.40 3.34 -6.79
CA ARG A 46 -1.65 4.58 -6.95
C ARG A 46 -2.44 5.59 -7.75
N ASP A 47 -3.13 5.12 -8.79
CA ASP A 47 -3.92 6.00 -9.64
C ASP A 47 -5.05 6.64 -8.83
N THR A 48 -5.88 5.79 -8.23
CA THR A 48 -7.00 6.27 -7.42
C THR A 48 -6.56 7.40 -6.50
N ILE A 49 -5.60 7.12 -5.62
CA ILE A 49 -5.12 8.14 -4.70
C ILE A 49 -4.58 9.34 -5.45
N ASN A 50 -4.03 9.11 -6.63
CA ASN A 50 -3.47 10.20 -7.43
C ASN A 50 -4.59 11.06 -8.01
N THR A 51 -5.76 10.45 -8.23
CA THR A 51 -6.90 11.17 -8.79
C THR A 51 -8.15 10.95 -7.95
N SER A 52 -7.99 11.04 -6.62
CA SER A 52 -9.11 10.85 -5.70
C SER A 52 -9.21 12.02 -4.72
N CYS A 53 -10.27 12.04 -3.94
CA CYS A 53 -10.46 13.11 -2.96
C CYS A 53 -11.25 12.60 -1.76
N ASP A 54 -11.15 11.30 -1.50
CA ASP A 54 -11.85 10.69 -0.37
C ASP A 54 -10.84 10.33 0.73
N ILE A 55 -11.21 10.64 1.97
CA ILE A 55 -10.32 10.35 3.10
C ILE A 55 -10.23 8.84 3.36
N GLU A 56 -11.35 8.24 3.73
CA GLU A 56 -11.37 6.81 4.02
C GLU A 56 -10.75 6.02 2.86
N LEU A 57 -11.19 6.32 1.64
CA LEU A 57 -10.68 5.64 0.46
C LEU A 57 -9.15 5.75 0.42
N LEU A 58 -8.65 6.98 0.41
CA LEU A 58 -7.22 7.21 0.37
C LEU A 58 -6.51 6.34 1.41
N ALA A 59 -7.00 6.38 2.65
CA ALA A 59 -6.42 5.59 3.72
C ALA A 59 -6.37 4.12 3.32
N ALA A 60 -7.50 3.60 2.86
CA ALA A 60 -7.58 2.21 2.45
C ALA A 60 -6.40 1.84 1.55
N CYS A 61 -6.28 2.55 0.43
CA CYS A 61 -5.20 2.30 -0.51
C CYS A 61 -3.85 2.25 0.21
N ARG A 62 -3.50 3.36 0.87
CA ARG A 62 -2.23 3.43 1.60
C ARG A 62 -2.06 2.20 2.48
N GLU A 63 -3.14 1.79 3.14
CA GLU A 63 -3.08 0.62 4.01
C GLU A 63 -2.81 -0.64 3.21
N GLU A 64 -3.42 -0.75 2.03
CA GLU A 64 -3.23 -1.92 1.20
C GLU A 64 -1.76 -2.03 0.78
N PHE A 65 -1.11 -0.88 0.65
CA PHE A 65 0.30 -0.85 0.28
C PHE A 65 1.14 -1.38 1.43
N HIS A 66 1.07 -0.69 2.57
CA HIS A 66 1.81 -1.08 3.75
C HIS A 66 1.72 -2.59 3.97
N ARG A 67 0.51 -3.12 3.89
CA ARG A 67 0.29 -4.55 4.08
C ARG A 67 1.06 -5.37 3.05
N ARG A 68 0.65 -5.27 1.79
CA ARG A 68 1.32 -6.04 0.73
C ARG A 68 2.81 -5.74 0.71
N LEU A 69 3.22 -4.69 1.41
CA LEU A 69 4.64 -4.32 1.47
C LEU A 69 5.37 -5.21 2.47
N LYS A 70 4.98 -5.10 3.74
CA LYS A 70 5.61 -5.89 4.78
C LYS A 70 5.45 -7.38 4.47
N VAL A 71 4.35 -7.72 3.81
CA VAL A 71 4.09 -9.11 3.44
C VAL A 71 5.00 -9.52 2.29
N TYR A 72 5.12 -8.64 1.30
CA TYR A 72 5.96 -8.92 0.15
C TYR A 72 7.43 -9.07 0.59
N HIS A 73 7.83 -8.23 1.53
CA HIS A 73 9.20 -8.28 2.03
C HIS A 73 9.40 -9.50 2.93
N ALA A 74 8.34 -9.89 3.63
CA ALA A 74 8.40 -11.04 4.51
C ALA A 74 8.48 -12.33 3.71
N TRP A 75 7.51 -12.52 2.82
CA TRP A 75 7.48 -13.71 1.98
C TRP A 75 8.75 -13.79 1.14
N LYS A 76 9.19 -12.65 0.63
CA LYS A 76 10.40 -12.60 -0.19
C LYS A 76 11.62 -13.01 0.64
N SER A 77 11.67 -12.54 1.88
CA SER A 77 12.79 -12.86 2.76
C SER A 77 12.80 -14.34 3.10
N LYS A 78 11.61 -14.94 3.15
CA LYS A 78 11.48 -16.34 3.47
C LYS A 78 11.66 -17.20 2.22
N ASN A 79 11.37 -16.62 1.06
CA ASN A 79 11.50 -17.34 -0.20
C ASN A 79 12.68 -16.80 -1.01
N LYS A 80 13.70 -16.31 -0.31
CA LYS A 80 14.88 -15.77 -0.97
C LYS A 80 15.87 -16.88 -1.29
N LYS A 81 15.96 -17.87 -0.39
CA LYS A 81 16.87 -18.98 -0.59
C LYS A 81 16.44 -19.83 -1.77
N ARG A 82 17.41 -20.50 -2.40
CA ARG A 82 17.12 -21.33 -3.56
C ARG A 82 16.53 -22.67 -3.10
N ARG A 1 1.32 -2.45 -20.13
CA ARG A 1 2.16 -1.79 -19.14
C ARG A 1 3.62 -2.22 -19.30
N PRO A 2 4.55 -1.39 -18.92
CA PRO A 2 6.01 -1.70 -19.03
C PRO A 2 6.42 -2.82 -18.10
N LYS A 3 7.72 -3.15 -18.11
CA LYS A 3 8.23 -4.22 -17.25
C LYS A 3 8.30 -3.75 -15.80
N MET A 4 7.27 -4.10 -15.03
CA MET A 4 7.22 -3.71 -13.62
C MET A 4 8.01 -4.70 -12.77
N THR A 5 8.54 -4.21 -11.65
CA THR A 5 9.32 -5.05 -10.74
C THR A 5 8.83 -4.90 -9.31
N PRO A 6 8.90 -5.94 -8.52
CA PRO A 6 8.43 -5.91 -7.11
C PRO A 6 9.22 -4.92 -6.26
N GLU A 7 10.52 -4.82 -6.54
CA GLU A 7 11.38 -3.90 -5.80
C GLU A 7 11.02 -2.47 -6.14
N GLN A 8 10.72 -2.21 -7.41
CA GLN A 8 10.36 -0.88 -7.86
C GLN A 8 9.08 -0.42 -7.19
N MET A 9 8.02 -1.19 -7.35
CA MET A 9 6.73 -0.85 -6.74
C MET A 9 6.87 -0.72 -5.23
N ALA A 10 7.71 -1.55 -4.64
CA ALA A 10 7.93 -1.52 -3.20
C ALA A 10 8.54 -0.17 -2.79
N LYS A 11 9.46 0.33 -3.60
CA LYS A 11 10.11 1.60 -3.32
C LYS A 11 9.11 2.75 -3.43
N GLU A 12 8.40 2.81 -4.56
CA GLU A 12 7.41 3.86 -4.79
C GLU A 12 6.31 3.82 -3.73
N MET A 13 5.92 2.61 -3.34
CA MET A 13 4.88 2.45 -2.33
C MET A 13 5.38 2.93 -0.96
N SER A 14 6.50 2.38 -0.53
CA SER A 14 7.08 2.76 0.76
C SER A 14 7.15 4.28 0.90
N GLU A 15 7.84 4.93 -0.02
CA GLU A 15 7.98 6.38 0.02
C GLU A 15 6.60 7.05 0.00
N PHE A 16 5.68 6.51 -0.80
CA PHE A 16 4.34 7.08 -0.88
C PHE A 16 3.75 7.24 0.52
N LEU A 17 3.75 6.16 1.30
CA LEU A 17 3.22 6.21 2.65
C LEU A 17 3.98 7.23 3.49
N SER A 18 5.30 7.14 3.45
CA SER A 18 6.14 8.06 4.21
C SER A 18 5.80 9.51 3.87
N ARG A 19 5.50 9.76 2.61
CA ARG A 19 5.15 11.10 2.16
C ARG A 19 3.76 11.48 2.62
N GLY A 20 2.89 10.48 2.74
CA GLY A 20 1.52 10.72 3.18
C GLY A 20 1.49 11.61 4.41
N PRO A 21 0.31 11.96 4.86
CA PRO A 21 0.14 12.84 6.06
C PRO A 21 0.50 12.11 7.36
N ALA A 22 0.29 12.79 8.48
CA ALA A 22 0.60 12.21 9.79
C ALA A 22 -0.37 12.71 10.84
N VAL A 23 -1.65 12.80 10.48
CA VAL A 23 -2.67 13.27 11.40
C VAL A 23 -3.02 12.17 12.40
N LEU A 24 -2.11 11.22 12.56
CA LEU A 24 -2.33 10.12 13.49
C LEU A 24 -2.62 10.64 14.89
N ALA A 25 -3.21 9.80 15.73
CA ALA A 25 -3.53 10.19 17.10
C ALA A 25 -4.02 8.99 17.90
N THR A 26 -3.44 7.82 17.61
CA THR A 26 -3.82 6.60 18.31
C THR A 26 -5.28 6.26 18.02
N LYS A 27 -5.96 7.12 17.28
CA LYS A 27 -7.36 6.89 16.93
C LYS A 27 -8.14 6.42 18.16
N ALA A 28 -9.17 5.61 17.93
CA ALA A 28 -9.99 5.09 19.01
C ALA A 28 -10.73 3.84 18.58
N ALA A 29 -11.86 4.03 17.90
CA ALA A 29 -12.65 2.90 17.42
C ALA A 29 -12.04 2.30 16.16
N ALA A 30 -11.46 1.12 16.30
CA ALA A 30 -10.84 0.45 15.16
C ALA A 30 -11.91 -0.09 14.21
N GLY A 31 -11.66 0.05 12.91
CA GLY A 31 -12.60 -0.43 11.91
C GLY A 31 -12.31 0.19 10.55
N THR A 32 -11.03 0.39 10.25
CA THR A 32 -10.64 0.99 8.98
C THR A 32 -10.65 -0.07 7.88
N LYS A 33 -10.77 -1.32 8.27
CA LYS A 33 -10.80 -2.42 7.30
C LYS A 33 -12.16 -2.49 6.61
N LYS A 34 -12.88 -1.38 6.62
CA LYS A 34 -14.20 -1.32 5.98
C LYS A 34 -14.05 -1.28 4.46
N TYR A 35 -12.85 -0.92 3.99
CA TYR A 35 -12.60 -0.84 2.55
C TYR A 35 -11.64 -1.96 2.13
N ASP A 36 -12.15 -2.92 1.38
CA ASP A 36 -11.34 -4.03 0.90
C ASP A 36 -10.88 -3.78 -0.54
N LEU A 37 -9.67 -3.23 -0.69
CA LEU A 37 -9.14 -2.94 -2.01
C LEU A 37 -8.07 -3.95 -2.39
N SER A 38 -7.98 -5.03 -1.63
CA SER A 38 -6.99 -6.07 -1.89
C SER A 38 -6.96 -6.42 -3.37
N LYS A 39 -8.14 -6.53 -3.98
CA LYS A 39 -8.24 -6.88 -5.39
C LYS A 39 -7.61 -5.81 -6.29
N TRP A 40 -7.80 -4.55 -5.93
CA TRP A 40 -7.25 -3.46 -6.73
C TRP A 40 -5.79 -3.71 -7.05
N LYS A 41 -5.42 -3.49 -8.31
CA LYS A 41 -4.04 -3.70 -8.73
C LYS A 41 -3.18 -2.49 -8.38
N TYR A 42 -1.88 -2.73 -8.21
CA TYR A 42 -0.95 -1.64 -7.87
C TYR A 42 -1.25 -0.40 -8.70
N ALA A 43 -1.55 -0.61 -9.99
CA ALA A 43 -1.85 0.51 -10.88
C ALA A 43 -3.16 1.18 -10.49
N GLU A 44 -4.14 0.37 -10.10
CA GLU A 44 -5.44 0.90 -9.71
C GLU A 44 -5.32 1.71 -8.42
N LEU A 45 -4.65 1.13 -7.42
CA LEU A 45 -4.48 1.80 -6.15
C LEU A 45 -3.75 3.13 -6.33
N ARG A 46 -2.50 3.06 -6.78
CA ARG A 46 -1.70 4.26 -6.99
C ARG A 46 -2.49 5.29 -7.80
N ASP A 47 -3.19 4.82 -8.82
CA ASP A 47 -3.98 5.70 -9.68
C ASP A 47 -5.07 6.39 -8.86
N THR A 48 -5.92 5.60 -8.22
CA THR A 48 -7.00 6.15 -7.42
C THR A 48 -6.50 7.29 -6.53
N ILE A 49 -5.53 6.99 -5.67
CA ILE A 49 -5.00 8.00 -4.77
C ILE A 49 -4.39 9.16 -5.55
N ASN A 50 -3.90 8.88 -6.75
CA ASN A 50 -3.30 9.92 -7.57
C ASN A 50 -4.37 10.86 -8.14
N THR A 51 -5.59 10.33 -8.30
CA THR A 51 -6.69 11.13 -8.84
C THR A 51 -7.94 10.98 -7.97
N SER A 52 -7.75 11.03 -6.65
CA SER A 52 -8.87 10.90 -5.72
C SER A 52 -8.88 12.07 -4.74
N CYS A 53 -9.94 12.15 -3.93
CA CYS A 53 -10.06 13.23 -2.96
C CYS A 53 -10.86 12.75 -1.74
N ASP A 54 -10.81 11.45 -1.48
CA ASP A 54 -11.52 10.87 -0.34
C ASP A 54 -10.53 10.47 0.74
N ILE A 55 -10.86 10.78 1.99
CA ILE A 55 -9.98 10.44 3.11
C ILE A 55 -9.94 8.94 3.35
N GLU A 56 -11.08 8.37 3.72
CA GLU A 56 -11.16 6.94 3.99
C GLU A 56 -10.58 6.15 2.82
N LEU A 57 -10.99 6.49 1.61
CA LEU A 57 -10.50 5.80 0.42
C LEU A 57 -8.98 5.84 0.37
N LEU A 58 -8.43 7.05 0.38
CA LEU A 58 -6.99 7.23 0.34
C LEU A 58 -6.31 6.32 1.37
N ALA A 59 -6.81 6.37 2.60
CA ALA A 59 -6.25 5.54 3.67
C ALA A 59 -6.30 4.06 3.30
N ALA A 60 -7.45 3.61 2.84
CA ALA A 60 -7.62 2.22 2.45
C ALA A 60 -6.48 1.77 1.55
N CYS A 61 -6.32 2.46 0.42
CA CYS A 61 -5.25 2.11 -0.52
C CYS A 61 -3.90 2.06 0.19
N ARG A 62 -3.51 3.17 0.79
CA ARG A 62 -2.24 3.24 1.51
C ARG A 62 -2.04 1.99 2.37
N GLU A 63 -3.11 1.58 3.06
CA GLU A 63 -3.03 0.41 3.91
C GLU A 63 -2.80 -0.86 3.08
N GLU A 64 -3.49 -0.96 1.94
CA GLU A 64 -3.32 -2.13 1.09
C GLU A 64 -1.87 -2.27 0.67
N PHE A 65 -1.18 -1.14 0.55
CA PHE A 65 0.23 -1.17 0.18
C PHE A 65 1.04 -1.71 1.34
N HIS A 66 0.96 -1.01 2.48
CA HIS A 66 1.69 -1.44 3.67
C HIS A 66 1.61 -2.96 3.82
N ARG A 67 0.45 -3.51 3.50
CA ARG A 67 0.25 -4.96 3.58
C ARG A 67 1.08 -5.66 2.50
N ARG A 68 1.05 -5.10 1.29
CA ARG A 68 1.79 -5.69 0.18
C ARG A 68 3.30 -5.55 0.42
N LEU A 69 3.69 -4.54 1.18
CA LEU A 69 5.11 -4.32 1.47
C LEU A 69 5.59 -5.26 2.57
N LYS A 70 4.98 -5.18 3.74
CA LYS A 70 5.38 -6.03 4.85
C LYS A 70 5.35 -7.50 4.43
N VAL A 71 4.35 -7.88 3.65
CA VAL A 71 4.24 -9.26 3.18
C VAL A 71 5.28 -9.55 2.11
N TYR A 72 5.46 -8.59 1.21
CA TYR A 72 6.43 -8.76 0.13
C TYR A 72 7.83 -8.92 0.73
N HIS A 73 8.08 -8.19 1.80
CA HIS A 73 9.38 -8.24 2.47
C HIS A 73 9.51 -9.54 3.27
N ALA A 74 8.40 -9.99 3.84
CA ALA A 74 8.41 -11.23 4.62
C ALA A 74 8.61 -12.44 3.71
N TRP A 75 7.75 -12.55 2.70
CA TRP A 75 7.84 -13.66 1.75
C TRP A 75 9.18 -13.62 1.02
N LYS A 76 9.64 -12.42 0.70
CA LYS A 76 10.91 -12.25 0.00
C LYS A 76 12.07 -12.67 0.89
N SER A 77 11.95 -12.38 2.18
CA SER A 77 12.99 -12.74 3.14
C SER A 77 13.08 -14.25 3.29
N LYS A 78 11.92 -14.91 3.26
CA LYS A 78 11.87 -16.36 3.39
C LYS A 78 12.24 -17.02 2.07
N ASN A 79 11.98 -16.33 0.97
CA ASN A 79 12.28 -16.85 -0.36
C ASN A 79 13.47 -16.12 -0.97
N LYS A 80 14.34 -15.59 -0.12
CA LYS A 80 15.51 -14.85 -0.59
C LYS A 80 16.49 -15.80 -1.26
N LYS A 81 16.59 -17.02 -0.76
CA LYS A 81 17.49 -18.00 -1.33
C LYS A 81 17.22 -18.19 -2.82
N ARG A 82 18.28 -18.48 -3.57
CA ARG A 82 18.15 -18.67 -5.01
C ARG A 82 17.54 -20.05 -5.32
N ARG A 1 4.02 2.03 -20.04
CA ARG A 1 5.14 2.05 -19.11
C ARG A 1 6.05 0.84 -19.34
N PRO A 2 7.30 0.96 -18.98
CA PRO A 2 8.29 -0.15 -19.14
C PRO A 2 7.97 -1.34 -18.24
N LYS A 3 8.84 -2.35 -18.28
CA LYS A 3 8.64 -3.55 -17.48
C LYS A 3 8.55 -3.19 -16.00
N MET A 4 7.64 -3.86 -15.30
CA MET A 4 7.45 -3.61 -13.86
C MET A 4 8.25 -4.62 -13.04
N THR A 5 8.73 -4.17 -11.88
CA THR A 5 9.50 -5.05 -11.01
C THR A 5 8.97 -4.97 -9.57
N PRO A 6 9.05 -6.04 -8.82
CA PRO A 6 8.55 -6.07 -7.41
C PRO A 6 9.30 -5.07 -6.52
N GLU A 7 10.59 -4.93 -6.77
CA GLU A 7 11.40 -3.99 -5.98
C GLU A 7 11.03 -2.56 -6.32
N GLN A 8 10.69 -2.32 -7.58
CA GLN A 8 10.31 -0.98 -8.03
C GLN A 8 9.01 -0.56 -7.37
N MET A 9 7.97 -1.39 -7.51
CA MET A 9 6.68 -1.09 -6.92
C MET A 9 6.81 -0.92 -5.40
N ALA A 10 7.62 -1.78 -4.79
CA ALA A 10 7.81 -1.72 -3.35
C ALA A 10 8.43 -0.39 -2.95
N LYS A 11 9.36 0.09 -3.77
CA LYS A 11 10.01 1.37 -3.50
C LYS A 11 9.02 2.52 -3.64
N GLU A 12 8.25 2.51 -4.73
CA GLU A 12 7.27 3.56 -4.97
C GLU A 12 6.17 3.53 -3.91
N MET A 13 5.78 2.33 -3.50
CA MET A 13 4.75 2.19 -2.48
C MET A 13 5.27 2.64 -1.13
N SER A 14 6.40 2.06 -0.72
CA SER A 14 7.00 2.40 0.56
C SER A 14 7.11 3.91 0.73
N GLU A 15 7.75 4.58 -0.22
CA GLU A 15 7.90 6.03 -0.14
C GLU A 15 6.53 6.71 -0.11
N PHE A 16 5.60 6.24 -0.94
CA PHE A 16 4.27 6.83 -0.97
C PHE A 16 3.74 7.00 0.45
N LEU A 17 3.77 5.91 1.22
CA LEU A 17 3.30 5.95 2.60
C LEU A 17 4.13 6.93 3.41
N SER A 18 5.45 6.81 3.31
CA SER A 18 6.35 7.71 4.03
C SER A 18 5.88 9.15 3.91
N ARG A 19 5.55 9.56 2.69
CA ARG A 19 5.10 10.92 2.43
C ARG A 19 3.74 11.16 3.09
N GLY A 20 2.86 10.16 2.99
CA GLY A 20 1.53 10.27 3.57
C GLY A 20 1.60 10.76 5.02
N PRO A 21 0.48 10.93 5.65
CA PRO A 21 0.41 11.40 7.07
C PRO A 21 0.86 10.32 8.06
N ALA A 22 1.10 10.74 9.30
CA ALA A 22 1.53 9.80 10.33
C ALA A 22 0.35 9.33 11.16
N VAL A 23 -0.82 9.25 10.54
CA VAL A 23 -2.03 8.80 11.22
C VAL A 23 -2.19 7.29 11.11
N LEU A 24 -1.58 6.57 12.04
CA LEU A 24 -1.66 5.11 12.04
C LEU A 24 -2.86 4.64 12.84
N ALA A 25 -3.01 3.31 12.95
CA ALA A 25 -4.13 2.74 13.70
C ALA A 25 -4.03 1.22 13.72
N THR A 26 -2.82 0.72 13.91
CA THR A 26 -2.59 -0.73 13.95
C THR A 26 -3.01 -1.29 15.30
N LYS A 27 -2.02 -1.55 16.16
CA LYS A 27 -2.29 -2.10 17.49
C LYS A 27 -3.26 -3.28 17.40
N ALA A 28 -4.27 -3.27 18.25
CA ALA A 28 -5.26 -4.35 18.26
C ALA A 28 -5.71 -4.67 16.84
N ALA A 29 -5.89 -5.95 16.56
CA ALA A 29 -6.32 -6.38 15.23
C ALA A 29 -7.81 -6.08 15.02
N ALA A 30 -8.17 -4.82 15.18
CA ALA A 30 -9.56 -4.41 15.01
C ALA A 30 -9.90 -4.29 13.53
N GLY A 31 -11.13 -4.66 13.18
CA GLY A 31 -11.57 -4.59 11.80
C GLY A 31 -11.96 -3.17 11.42
N THR A 32 -11.01 -2.24 11.54
CA THR A 32 -11.26 -0.85 11.21
C THR A 32 -11.18 -0.64 9.69
N LYS A 33 -10.69 -1.64 8.99
CA LYS A 33 -10.57 -1.56 7.53
C LYS A 33 -11.92 -1.80 6.88
N LYS A 34 -12.74 -0.75 6.82
CA LYS A 34 -14.06 -0.86 6.22
C LYS A 34 -13.96 -0.90 4.69
N TYR A 35 -12.77 -0.58 4.17
CA TYR A 35 -12.55 -0.58 2.74
C TYR A 35 -11.60 -1.71 2.35
N ASP A 36 -12.14 -2.71 1.65
CA ASP A 36 -11.33 -3.84 1.21
C ASP A 36 -10.90 -3.66 -0.24
N LEU A 37 -9.70 -3.13 -0.44
CA LEU A 37 -9.18 -2.90 -1.79
C LEU A 37 -8.15 -3.95 -2.15
N SER A 38 -8.07 -5.02 -1.37
CA SER A 38 -7.12 -6.08 -1.61
C SER A 38 -7.11 -6.47 -3.09
N LYS A 39 -8.30 -6.57 -3.67
CA LYS A 39 -8.43 -6.96 -5.08
C LYS A 39 -7.78 -5.93 -6.00
N TRP A 40 -7.90 -4.65 -5.66
CA TRP A 40 -7.32 -3.60 -6.48
C TRP A 40 -5.86 -3.89 -6.78
N LYS A 41 -5.44 -3.62 -8.01
CA LYS A 41 -4.05 -3.85 -8.40
C LYS A 41 -3.18 -2.64 -8.07
N TYR A 42 -1.87 -2.84 -8.06
CA TYR A 42 -0.94 -1.76 -7.75
C TYR A 42 -1.24 -0.54 -8.62
N ALA A 43 -1.56 -0.78 -9.89
CA ALA A 43 -1.84 0.30 -10.82
C ALA A 43 -3.15 1.00 -10.46
N GLU A 44 -4.15 0.23 -10.05
CA GLU A 44 -5.43 0.79 -9.67
C GLU A 44 -5.30 1.62 -8.40
N LEU A 45 -4.63 1.06 -7.40
CA LEU A 45 -4.44 1.76 -6.13
C LEU A 45 -3.69 3.06 -6.34
N ARG A 46 -2.44 2.96 -6.78
CA ARG A 46 -1.63 4.15 -7.01
C ARG A 46 -2.39 5.17 -7.86
N ASP A 47 -3.11 4.68 -8.87
CA ASP A 47 -3.88 5.56 -9.74
C ASP A 47 -4.96 6.28 -8.95
N THR A 48 -5.83 5.52 -8.29
CA THR A 48 -6.91 6.10 -7.51
C THR A 48 -6.40 7.25 -6.64
N ILE A 49 -5.44 6.95 -5.77
CA ILE A 49 -4.89 7.98 -4.89
C ILE A 49 -4.27 9.12 -5.69
N ASN A 50 -3.76 8.81 -6.88
CA ASN A 50 -3.16 9.82 -7.72
C ASN A 50 -4.21 10.77 -8.29
N THR A 51 -5.45 10.27 -8.42
CA THR A 51 -6.53 11.09 -8.97
C THR A 51 -7.78 10.96 -8.10
N SER A 52 -7.60 11.00 -6.78
CA SER A 52 -8.72 10.89 -5.85
C SER A 52 -8.69 12.04 -4.85
N CYS A 53 -9.77 12.17 -4.08
CA CYS A 53 -9.87 13.24 -3.09
C CYS A 53 -10.67 12.79 -1.88
N ASP A 54 -10.67 11.48 -1.63
CA ASP A 54 -11.42 10.91 -0.51
C ASP A 54 -10.45 10.48 0.59
N ILE A 55 -10.63 11.02 1.78
CA ILE A 55 -9.76 10.68 2.91
C ILE A 55 -9.79 9.18 3.19
N GLU A 56 -10.95 8.67 3.58
CA GLU A 56 -11.09 7.25 3.89
C GLU A 56 -10.51 6.40 2.76
N LEU A 57 -10.92 6.69 1.53
CA LEU A 57 -10.44 5.94 0.38
C LEU A 57 -8.91 5.97 0.34
N LEU A 58 -8.35 7.18 0.28
CA LEU A 58 -6.91 7.34 0.24
C LEU A 58 -6.24 6.46 1.28
N ALA A 59 -6.74 6.54 2.52
CA ALA A 59 -6.19 5.74 3.61
C ALA A 59 -6.24 4.26 3.27
N ALA A 60 -7.39 3.80 2.83
CA ALA A 60 -7.56 2.39 2.47
C ALA A 60 -6.42 1.93 1.57
N CYS A 61 -6.27 2.57 0.43
CA CYS A 61 -5.20 2.21 -0.50
C CYS A 61 -3.85 2.15 0.22
N ARG A 62 -3.45 3.27 0.78
CA ARG A 62 -2.18 3.34 1.51
C ARG A 62 -2.00 2.11 2.39
N GLU A 63 -3.06 1.73 3.08
CA GLU A 63 -3.01 0.57 3.96
C GLU A 63 -2.81 -0.70 3.15
N GLU A 64 -3.52 -0.81 2.03
CA GLU A 64 -3.39 -2.00 1.19
C GLU A 64 -1.95 -2.19 0.76
N PHE A 65 -1.22 -1.09 0.64
CA PHE A 65 0.20 -1.17 0.28
C PHE A 65 0.98 -1.71 1.45
N HIS A 66 0.91 -0.98 2.58
CA HIS A 66 1.61 -1.40 3.78
C HIS A 66 1.54 -2.92 3.94
N ARG A 67 0.37 -3.47 3.63
CA ARG A 67 0.17 -4.91 3.73
C ARG A 67 0.99 -5.61 2.66
N ARG A 68 0.88 -5.15 1.42
CA ARG A 68 1.62 -5.74 0.31
C ARG A 68 3.13 -5.65 0.56
N LEU A 69 3.53 -4.65 1.34
CA LEU A 69 4.95 -4.47 1.64
C LEU A 69 5.39 -5.46 2.70
N LYS A 70 4.59 -5.62 3.74
CA LYS A 70 4.91 -6.55 4.82
C LYS A 70 5.04 -7.97 4.27
N VAL A 71 4.02 -8.40 3.52
CA VAL A 71 4.04 -9.73 2.94
C VAL A 71 5.17 -9.87 1.93
N TYR A 72 5.34 -8.84 1.10
CA TYR A 72 6.40 -8.85 0.10
C TYR A 72 7.76 -8.95 0.79
N HIS A 73 7.87 -8.31 1.95
CA HIS A 73 9.11 -8.33 2.69
C HIS A 73 9.31 -9.68 3.37
N ALA A 74 8.20 -10.34 3.69
CA ALA A 74 8.25 -11.64 4.35
C ALA A 74 8.62 -12.72 3.33
N TRP A 75 7.83 -12.80 2.26
CA TRP A 75 8.09 -13.79 1.22
C TRP A 75 9.48 -13.58 0.62
N LYS A 76 9.85 -12.32 0.42
CA LYS A 76 11.16 -12.00 -0.15
C LYS A 76 12.27 -12.42 0.81
N SER A 77 12.09 -12.10 2.09
CA SER A 77 13.08 -12.45 3.10
C SER A 77 13.22 -13.96 3.20
N LYS A 78 12.12 -14.67 2.99
CA LYS A 78 12.12 -16.12 3.06
C LYS A 78 12.68 -16.71 1.77
N ASN A 79 12.43 -16.04 0.65
CA ASN A 79 12.92 -16.52 -0.64
C ASN A 79 14.38 -16.13 -0.83
N LYS A 80 14.82 -15.12 -0.10
CA LYS A 80 16.20 -14.66 -0.20
C LYS A 80 17.12 -15.52 0.66
N LYS A 81 17.28 -15.13 1.93
CA LYS A 81 18.12 -15.88 2.85
C LYS A 81 17.28 -16.72 3.79
N ARG A 82 17.82 -17.86 4.21
CA ARG A 82 17.10 -18.75 5.13
C ARG A 82 17.50 -18.45 6.57
N ARG A 1 2.29 -2.55 -20.96
CA ARG A 1 3.00 -1.90 -19.86
C ARG A 1 4.48 -2.27 -19.89
N PRO A 2 5.33 -1.42 -19.37
CA PRO A 2 6.80 -1.68 -19.32
C PRO A 2 7.15 -2.82 -18.37
N LYS A 3 8.45 -3.10 -18.25
CA LYS A 3 8.91 -4.17 -17.36
C LYS A 3 8.85 -3.72 -15.91
N MET A 4 7.77 -4.09 -15.23
CA MET A 4 7.60 -3.72 -13.82
C MET A 4 8.35 -4.69 -12.92
N THR A 5 8.78 -4.20 -11.75
CA THR A 5 9.51 -5.03 -10.80
C THR A 5 8.91 -4.88 -9.40
N PRO A 6 8.95 -5.92 -8.61
CA PRO A 6 8.38 -5.88 -7.22
C PRO A 6 9.11 -4.88 -6.34
N GLU A 7 10.42 -4.77 -6.52
CA GLU A 7 11.22 -3.84 -5.73
C GLU A 7 10.89 -2.40 -6.13
N GLN A 8 10.63 -2.20 -7.42
CA GLN A 8 10.29 -0.87 -7.91
C GLN A 8 8.98 -0.40 -7.33
N MET A 9 7.93 -1.20 -7.49
CA MET A 9 6.61 -0.84 -6.98
C MET A 9 6.67 -0.66 -5.46
N ALA A 10 7.45 -1.51 -4.79
CA ALA A 10 7.58 -1.42 -3.35
C ALA A 10 8.24 -0.11 -2.94
N LYS A 11 9.19 0.35 -3.75
CA LYS A 11 9.89 1.59 -3.47
C LYS A 11 8.93 2.77 -3.58
N GLU A 12 8.15 2.80 -4.66
CA GLU A 12 7.19 3.89 -4.88
C GLU A 12 6.10 3.86 -3.82
N MET A 13 5.71 2.65 -3.42
CA MET A 13 4.67 2.51 -2.40
C MET A 13 5.21 2.90 -1.03
N SER A 14 6.25 2.19 -0.59
CA SER A 14 6.85 2.48 0.71
C SER A 14 7.06 3.97 0.91
N GLU A 15 7.70 4.62 -0.06
CA GLU A 15 7.94 6.06 0.05
C GLU A 15 6.64 6.84 0.06
N PHE A 16 5.70 6.43 -0.81
CA PHE A 16 4.40 7.11 -0.86
C PHE A 16 3.85 7.28 0.55
N LEU A 17 3.87 6.20 1.33
CA LEU A 17 3.38 6.26 2.70
C LEU A 17 4.24 7.18 3.54
N SER A 18 5.55 6.98 3.47
CA SER A 18 6.49 7.80 4.23
C SER A 18 6.11 9.28 4.12
N ARG A 19 5.76 9.71 2.92
CA ARG A 19 5.38 11.09 2.69
C ARG A 19 3.97 11.36 3.23
N GLY A 20 3.05 10.45 2.94
CA GLY A 20 1.67 10.59 3.39
C GLY A 20 1.62 10.76 4.90
N PRO A 21 0.44 10.70 5.47
CA PRO A 21 0.24 10.84 6.94
C PRO A 21 1.23 9.99 7.74
N ALA A 22 1.31 10.26 9.04
CA ALA A 22 2.22 9.51 9.90
C ALA A 22 1.62 8.14 10.24
N VAL A 23 0.89 7.57 9.30
CA VAL A 23 0.27 6.26 9.50
C VAL A 23 -0.39 6.20 10.87
N LEU A 24 -1.71 6.42 10.90
CA LEU A 24 -2.44 6.37 12.16
C LEU A 24 -2.10 5.11 12.94
N ALA A 25 -2.43 5.11 14.22
CA ALA A 25 -2.15 3.97 15.07
C ALA A 25 -3.01 4.01 16.35
N THR A 26 -4.10 4.76 16.29
CA THR A 26 -4.99 4.88 17.43
C THR A 26 -5.89 3.65 17.55
N LYS A 27 -5.89 2.82 16.50
CA LYS A 27 -6.71 1.61 16.50
C LYS A 27 -5.91 0.44 15.93
N ALA A 28 -6.10 -0.73 16.52
CA ALA A 28 -5.39 -1.92 16.06
C ALA A 28 -5.56 -2.11 14.56
N ALA A 29 -4.74 -2.97 13.98
CA ALA A 29 -4.81 -3.22 12.54
C ALA A 29 -6.25 -3.49 12.11
N ALA A 30 -6.70 -4.72 12.29
CA ALA A 30 -8.06 -5.09 11.91
C ALA A 30 -9.07 -4.31 12.73
N GLY A 31 -10.01 -3.65 12.05
CA GLY A 31 -11.03 -2.87 12.74
C GLY A 31 -11.76 -1.95 11.76
N THR A 32 -11.14 -0.81 11.44
CA THR A 32 -11.75 0.14 10.51
C THR A 32 -11.67 -0.39 9.08
N LYS A 33 -10.89 -1.45 8.89
CA LYS A 33 -10.75 -2.03 7.56
C LYS A 33 -12.12 -2.38 6.97
N LYS A 34 -12.76 -1.39 6.37
CA LYS A 34 -14.08 -1.59 5.77
C LYS A 34 -13.97 -1.55 4.25
N TYR A 35 -12.85 -1.07 3.73
CA TYR A 35 -12.64 -0.99 2.30
C TYR A 35 -11.66 -2.07 1.83
N ASP A 36 -12.18 -3.04 1.08
CA ASP A 36 -11.35 -4.12 0.57
C ASP A 36 -10.86 -3.79 -0.84
N LEU A 37 -9.58 -3.48 -0.95
CA LEU A 37 -8.99 -3.14 -2.25
C LEU A 37 -7.82 -4.07 -2.54
N SER A 38 -7.66 -5.07 -1.70
CA SER A 38 -6.58 -6.02 -1.86
C SER A 38 -6.52 -6.53 -3.29
N LYS A 39 -7.67 -6.57 -3.95
CA LYS A 39 -7.74 -7.05 -5.33
C LYS A 39 -7.25 -5.98 -6.32
N TRP A 40 -7.51 -4.72 -6.01
CA TRP A 40 -7.09 -3.63 -6.90
C TRP A 40 -5.63 -3.82 -7.30
N LYS A 41 -5.33 -3.49 -8.55
CA LYS A 41 -3.95 -3.62 -9.04
C LYS A 41 -3.12 -2.42 -8.61
N TYR A 42 -1.85 -2.66 -8.31
CA TYR A 42 -0.95 -1.60 -7.88
C TYR A 42 -1.20 -0.33 -8.68
N ALA A 43 -1.41 -0.49 -9.98
CA ALA A 43 -1.66 0.66 -10.86
C ALA A 43 -2.99 1.32 -10.51
N GLU A 44 -3.98 0.50 -10.17
CA GLU A 44 -5.30 1.00 -9.82
C GLU A 44 -5.24 1.79 -8.51
N LEU A 45 -4.61 1.20 -7.51
CA LEU A 45 -4.50 1.86 -6.20
C LEU A 45 -3.77 3.19 -6.34
N ARG A 46 -2.51 3.14 -6.74
CA ARG A 46 -1.72 4.37 -6.90
C ARG A 46 -2.48 5.39 -7.74
N ASP A 47 -3.14 4.91 -8.79
CA ASP A 47 -3.89 5.80 -9.66
C ASP A 47 -5.04 6.47 -8.89
N THR A 48 -5.87 5.65 -8.25
CA THR A 48 -6.99 6.16 -7.48
C THR A 48 -6.56 7.30 -6.57
N ILE A 49 -5.61 7.02 -5.68
CA ILE A 49 -5.12 8.04 -4.75
C ILE A 49 -4.54 9.22 -5.51
N ASN A 50 -3.99 8.96 -6.69
CA ASN A 50 -3.39 10.02 -7.49
C ASN A 50 -4.46 10.96 -8.05
N THR A 51 -5.67 10.43 -8.25
CA THR A 51 -6.77 11.23 -8.78
C THR A 51 -8.05 11.02 -7.97
N SER A 52 -7.91 11.00 -6.64
CA SER A 52 -9.06 10.82 -5.76
C SER A 52 -9.14 11.94 -4.73
N CYS A 53 -10.23 11.96 -3.97
CA CYS A 53 -10.41 12.99 -2.95
C CYS A 53 -11.22 12.45 -1.77
N ASP A 54 -11.17 11.13 -1.58
CA ASP A 54 -11.90 10.50 -0.49
C ASP A 54 -10.93 10.09 0.62
N ILE A 55 -11.18 10.60 1.82
CA ILE A 55 -10.31 10.31 2.96
C ILE A 55 -10.25 8.81 3.22
N GLU A 56 -11.39 8.22 3.58
CA GLU A 56 -11.44 6.79 3.86
C GLU A 56 -10.79 5.99 2.74
N LEU A 57 -11.21 6.27 1.51
CA LEU A 57 -10.66 5.57 0.34
C LEU A 57 -9.15 5.69 0.32
N LEU A 58 -8.66 6.92 0.32
CA LEU A 58 -7.23 7.17 0.30
C LEU A 58 -6.53 6.31 1.36
N ALA A 59 -7.04 6.38 2.58
CA ALA A 59 -6.46 5.60 3.68
C ALA A 59 -6.42 4.12 3.33
N ALA A 60 -7.56 3.60 2.87
CA ALA A 60 -7.65 2.20 2.51
C ALA A 60 -6.48 1.79 1.63
N CYS A 61 -6.35 2.46 0.49
CA CYS A 61 -5.25 2.16 -0.44
C CYS A 61 -3.92 2.14 0.30
N ARG A 62 -3.56 3.27 0.89
CA ARG A 62 -2.30 3.37 1.62
C ARG A 62 -2.10 2.15 2.51
N GLU A 63 -3.15 1.77 3.23
CA GLU A 63 -3.08 0.63 4.12
C GLU A 63 -2.86 -0.65 3.33
N GLU A 64 -3.47 -0.73 2.15
CA GLU A 64 -3.32 -1.92 1.31
C GLU A 64 -1.87 -2.09 0.88
N PHE A 65 -1.17 -0.95 0.76
CA PHE A 65 0.23 -0.98 0.36
C PHE A 65 1.08 -1.50 1.53
N HIS A 66 0.96 -0.84 2.67
CA HIS A 66 1.71 -1.22 3.85
C HIS A 66 1.54 -2.71 4.14
N ARG A 67 0.30 -3.18 4.03
CA ARG A 67 0.00 -4.59 4.30
C ARG A 67 0.70 -5.51 3.30
N ARG A 68 0.37 -5.35 2.02
CA ARG A 68 0.97 -6.20 1.00
C ARG A 68 2.49 -6.02 0.95
N LEU A 69 2.97 -4.91 1.49
CA LEU A 69 4.42 -4.66 1.49
C LEU A 69 5.09 -5.53 2.56
N LYS A 70 4.54 -5.50 3.76
CA LYS A 70 5.08 -6.30 4.85
C LYS A 70 5.07 -7.77 4.47
N VAL A 71 3.98 -8.20 3.85
CA VAL A 71 3.85 -9.59 3.42
C VAL A 71 4.82 -9.87 2.27
N TYR A 72 5.02 -8.88 1.41
CA TYR A 72 5.91 -9.03 0.28
C TYR A 72 7.36 -9.11 0.77
N HIS A 73 7.68 -8.33 1.80
CA HIS A 73 9.02 -8.32 2.35
C HIS A 73 9.29 -9.60 3.13
N ALA A 74 8.23 -10.15 3.74
CA ALA A 74 8.36 -11.37 4.51
C ALA A 74 8.51 -12.58 3.58
N TRP A 75 7.57 -12.72 2.65
CA TRP A 75 7.61 -13.81 1.69
C TRP A 75 8.92 -13.78 0.91
N LYS A 76 9.35 -12.58 0.53
CA LYS A 76 10.59 -12.43 -0.22
C LYS A 76 11.78 -12.82 0.65
N SER A 77 11.74 -12.40 1.90
CA SER A 77 12.82 -12.71 2.84
C SER A 77 12.91 -14.21 3.07
N LYS A 78 11.77 -14.89 2.92
CA LYS A 78 11.73 -16.34 3.13
C LYS A 78 12.02 -17.07 1.82
N ASN A 79 11.70 -16.43 0.70
CA ASN A 79 11.93 -17.03 -0.61
C ASN A 79 13.28 -16.59 -1.19
N LYS A 80 14.06 -15.88 -0.37
CA LYS A 80 15.36 -15.43 -0.81
C LYS A 80 16.38 -16.56 -0.79
N LYS A 81 16.11 -17.58 0.02
CA LYS A 81 17.00 -18.73 0.12
C LYS A 81 16.95 -19.55 -1.16
N ARG A 82 18.07 -20.20 -1.49
CA ARG A 82 18.13 -21.03 -2.69
C ARG A 82 17.50 -22.39 -2.44
N ARG A 1 -0.33 -3.98 -19.50
CA ARG A 1 0.50 -2.95 -18.90
C ARG A 1 1.98 -3.29 -19.06
N PRO A 2 2.85 -2.30 -19.02
CA PRO A 2 4.32 -2.52 -19.16
C PRO A 2 4.84 -3.64 -18.25
N LYS A 3 6.15 -3.63 -18.01
CA LYS A 3 6.77 -4.64 -17.16
C LYS A 3 7.06 -4.06 -15.78
N MET A 4 6.20 -4.40 -14.82
CA MET A 4 6.37 -3.90 -13.45
C MET A 4 7.13 -4.92 -12.61
N THR A 5 7.98 -4.43 -11.71
CA THR A 5 8.77 -5.31 -10.84
C THR A 5 8.32 -5.14 -9.39
N PRO A 6 8.41 -6.18 -8.60
CA PRO A 6 8.00 -6.14 -7.16
C PRO A 6 8.84 -5.14 -6.36
N GLU A 7 10.14 -5.08 -6.65
CA GLU A 7 11.03 -4.16 -5.95
C GLU A 7 10.66 -2.71 -6.27
N GLN A 8 10.36 -2.45 -7.54
CA GLN A 8 9.99 -1.11 -7.96
C GLN A 8 8.72 -0.66 -7.26
N MET A 9 7.62 -1.39 -7.50
CA MET A 9 6.35 -1.04 -6.89
C MET A 9 6.51 -0.88 -5.38
N ALA A 10 7.35 -1.71 -4.78
CA ALA A 10 7.58 -1.64 -3.35
C ALA A 10 8.23 -0.32 -2.97
N LYS A 11 9.16 0.13 -3.81
CA LYS A 11 9.85 1.39 -3.55
C LYS A 11 8.88 2.57 -3.65
N GLU A 12 8.10 2.60 -4.72
CA GLU A 12 7.13 3.68 -4.92
C GLU A 12 6.06 3.66 -3.84
N MET A 13 5.66 2.45 -3.43
CA MET A 13 4.64 2.33 -2.40
C MET A 13 5.20 2.72 -1.03
N SER A 14 6.26 2.02 -0.62
CA SER A 14 6.88 2.29 0.67
C SER A 14 7.10 3.79 0.87
N GLU A 15 7.73 4.44 -0.11
CA GLU A 15 7.98 5.86 -0.02
C GLU A 15 6.68 6.65 0.02
N PHE A 16 5.73 6.25 -0.83
CA PHE A 16 4.43 6.94 -0.87
C PHE A 16 3.90 7.12 0.55
N LEU A 17 3.93 6.04 1.33
CA LEU A 17 3.45 6.09 2.71
C LEU A 17 4.34 7.01 3.53
N SER A 18 5.65 6.78 3.45
CA SER A 18 6.60 7.60 4.20
C SER A 18 6.31 9.08 4.00
N ARG A 19 5.94 9.46 2.78
CA ARG A 19 5.64 10.85 2.47
C ARG A 19 4.29 11.24 3.05
N GLY A 20 3.31 10.34 2.93
CA GLY A 20 1.98 10.60 3.45
C GLY A 20 2.03 11.14 4.87
N PRO A 21 0.89 11.45 5.43
CA PRO A 21 0.80 11.99 6.82
C PRO A 21 1.09 10.92 7.87
N ALA A 22 0.95 11.29 9.14
CA ALA A 22 1.20 10.34 10.23
C ALA A 22 0.46 10.79 11.49
N VAL A 23 -0.84 11.02 11.36
CA VAL A 23 -1.65 11.44 12.50
C VAL A 23 -3.11 11.06 12.29
N LEU A 24 -3.60 10.18 13.16
CA LEU A 24 -4.99 9.72 13.06
C LEU A 24 -5.67 9.80 14.43
N ALA A 25 -7.00 9.75 14.42
CA ALA A 25 -7.76 9.82 15.67
C ALA A 25 -7.88 8.43 16.30
N THR A 26 -6.80 7.67 16.25
CA THR A 26 -6.80 6.33 16.81
C THR A 26 -5.39 5.94 17.29
N LYS A 27 -4.99 6.49 18.43
CA LYS A 27 -3.67 6.20 18.98
C LYS A 27 -3.73 5.00 19.91
N ALA A 28 -4.19 3.87 19.38
CA ALA A 28 -4.29 2.64 20.18
C ALA A 28 -4.32 1.41 19.27
N ALA A 29 -5.24 1.41 18.31
CA ALA A 29 -5.36 0.29 17.39
C ALA A 29 -6.12 0.71 16.14
N ALA A 30 -6.45 -0.27 15.30
CA ALA A 30 -7.18 0.00 14.07
C ALA A 30 -8.66 0.21 14.35
N GLY A 31 -9.43 0.46 13.31
CA GLY A 31 -10.86 0.68 13.46
C GLY A 31 -11.43 1.42 12.25
N THR A 32 -11.03 1.00 11.06
CA THR A 32 -11.51 1.63 9.83
C THR A 32 -11.41 0.65 8.67
N LYS A 33 -10.83 -0.52 8.92
CA LYS A 33 -10.69 -1.53 7.87
C LYS A 33 -12.06 -1.94 7.33
N LYS A 34 -12.59 -1.13 6.43
CA LYS A 34 -13.90 -1.41 5.83
C LYS A 34 -13.80 -1.42 4.31
N TYR A 35 -12.64 -1.03 3.80
CA TYR A 35 -12.41 -1.01 2.35
C TYR A 35 -11.38 -2.06 1.95
N ASP A 36 -11.83 -3.08 1.25
CA ASP A 36 -10.93 -4.15 0.80
C ASP A 36 -10.51 -3.92 -0.65
N LEU A 37 -9.35 -3.29 -0.83
CA LEU A 37 -8.85 -3.01 -2.17
C LEU A 37 -7.72 -3.98 -2.53
N SER A 38 -7.57 -5.03 -1.73
CA SER A 38 -6.52 -6.01 -1.97
C SER A 38 -6.47 -6.42 -3.43
N LYS A 39 -7.65 -6.52 -4.05
CA LYS A 39 -7.74 -6.93 -5.45
C LYS A 39 -7.20 -5.84 -6.39
N TRP A 40 -7.48 -4.58 -6.05
CA TRP A 40 -7.02 -3.46 -6.88
C TRP A 40 -5.56 -3.65 -7.27
N LYS A 41 -5.23 -3.31 -8.51
CA LYS A 41 -3.86 -3.43 -8.97
C LYS A 41 -3.03 -2.22 -8.56
N TYR A 42 -1.75 -2.45 -8.28
CA TYR A 42 -0.87 -1.37 -7.87
C TYR A 42 -1.14 -0.10 -8.67
N ALA A 43 -1.38 -0.26 -9.96
CA ALA A 43 -1.64 0.87 -10.83
C ALA A 43 -2.99 1.52 -10.48
N GLU A 44 -3.96 0.69 -10.14
CA GLU A 44 -5.28 1.19 -9.78
C GLU A 44 -5.23 1.96 -8.47
N LEU A 45 -4.57 1.37 -7.47
CA LEU A 45 -4.45 2.03 -6.17
C LEU A 45 -3.74 3.36 -6.30
N ARG A 46 -2.47 3.32 -6.70
CA ARG A 46 -1.69 4.54 -6.85
C ARG A 46 -2.45 5.58 -7.68
N ASP A 47 -3.13 5.10 -8.72
CA ASP A 47 -3.90 5.98 -9.58
C ASP A 47 -5.04 6.64 -8.81
N THR A 48 -5.85 5.81 -8.15
CA THR A 48 -6.99 6.32 -7.39
C THR A 48 -6.55 7.45 -6.46
N ILE A 49 -5.59 7.16 -5.57
CA ILE A 49 -5.11 8.16 -4.64
C ILE A 49 -4.54 9.36 -5.38
N ASN A 50 -3.98 9.11 -6.56
CA ASN A 50 -3.40 10.19 -7.35
C ASN A 50 -4.49 11.12 -7.90
N THR A 51 -5.69 10.58 -8.09
CA THR A 51 -6.80 11.37 -8.62
C THR A 51 -8.06 11.16 -7.79
N SER A 52 -7.91 11.14 -6.47
CA SER A 52 -9.05 10.95 -5.56
C SER A 52 -9.08 12.05 -4.52
N CYS A 53 -10.18 12.10 -3.76
CA CYS A 53 -10.33 13.12 -2.71
C CYS A 53 -11.16 12.56 -1.55
N ASP A 54 -11.11 11.24 -1.37
CA ASP A 54 -11.86 10.61 -0.30
C ASP A 54 -10.91 10.16 0.81
N ILE A 55 -11.13 10.66 2.02
CA ILE A 55 -10.29 10.31 3.16
C ILE A 55 -10.25 8.81 3.39
N GLU A 56 -11.39 8.23 3.72
CA GLU A 56 -11.47 6.79 3.98
C GLU A 56 -10.84 6.02 2.83
N LEU A 57 -11.23 6.33 1.61
CA LEU A 57 -10.69 5.65 0.43
C LEU A 57 -9.17 5.74 0.42
N LEU A 58 -8.67 6.97 0.42
CA LEU A 58 -7.22 7.21 0.42
C LEU A 58 -6.54 6.32 1.46
N ALA A 59 -7.06 6.34 2.69
CA ALA A 59 -6.49 5.55 3.75
C ALA A 59 -6.45 4.07 3.36
N ALA A 60 -7.57 3.56 2.88
CA ALA A 60 -7.65 2.17 2.46
C ALA A 60 -6.47 1.81 1.58
N CYS A 61 -6.34 2.52 0.46
CA CYS A 61 -5.23 2.25 -0.47
C CYS A 61 -3.90 2.20 0.28
N ARG A 62 -3.54 3.31 0.92
CA ARG A 62 -2.29 3.38 1.66
C ARG A 62 -2.13 2.16 2.55
N GLU A 63 -3.21 1.77 3.23
CA GLU A 63 -3.17 0.61 4.11
C GLU A 63 -2.92 -0.66 3.30
N GLU A 64 -3.51 -0.74 2.11
CA GLU A 64 -3.33 -1.91 1.27
C GLU A 64 -1.88 -2.05 0.84
N PHE A 65 -1.19 -0.91 0.75
CA PHE A 65 0.21 -0.90 0.36
C PHE A 65 1.05 -1.45 1.51
N HIS A 66 0.88 -0.86 2.68
CA HIS A 66 1.63 -1.29 3.86
C HIS A 66 1.45 -2.78 4.11
N ARG A 67 0.21 -3.25 3.99
CA ARG A 67 -0.10 -4.66 4.21
C ARG A 67 0.63 -5.55 3.21
N ARG A 68 0.32 -5.37 1.93
CA ARG A 68 0.94 -6.19 0.89
C ARG A 68 2.46 -6.00 0.88
N LEU A 69 2.94 -4.91 1.47
CA LEU A 69 4.38 -4.67 1.52
C LEU A 69 5.01 -5.57 2.56
N LYS A 70 4.41 -5.60 3.75
CA LYS A 70 4.93 -6.44 4.83
C LYS A 70 4.94 -7.90 4.40
N VAL A 71 3.86 -8.31 3.73
CA VAL A 71 3.76 -9.69 3.24
C VAL A 71 4.76 -9.93 2.13
N TYR A 72 4.99 -8.89 1.31
CA TYR A 72 5.93 -8.99 0.20
C TYR A 72 7.35 -9.09 0.73
N HIS A 73 7.63 -8.35 1.81
CA HIS A 73 8.96 -8.36 2.41
C HIS A 73 9.20 -9.70 3.12
N ALA A 74 8.14 -10.27 3.67
CA ALA A 74 8.24 -11.54 4.38
C ALA A 74 8.52 -12.67 3.38
N TRP A 75 7.69 -12.74 2.34
CA TRP A 75 7.86 -13.76 1.32
C TRP A 75 9.21 -13.61 0.64
N LYS A 76 9.64 -12.37 0.48
CA LYS A 76 10.93 -12.09 -0.16
C LYS A 76 12.08 -12.56 0.72
N SER A 77 11.92 -12.39 2.03
CA SER A 77 12.95 -12.80 2.98
C SER A 77 13.04 -14.32 3.02
N LYS A 78 11.91 -14.98 2.86
CA LYS A 78 11.86 -16.43 2.89
C LYS A 78 12.23 -17.01 1.52
N ASN A 79 12.00 -16.22 0.47
CA ASN A 79 12.32 -16.66 -0.90
C ASN A 79 13.66 -16.09 -1.35
N LYS A 80 14.68 -16.25 -0.50
CA LYS A 80 16.01 -15.75 -0.82
C LYS A 80 17.08 -16.75 -0.39
N LYS A 81 16.67 -17.73 0.42
CA LYS A 81 17.61 -18.74 0.89
C LYS A 81 17.87 -19.78 -0.19
N ARG A 82 19.12 -19.90 -0.60
CA ARG A 82 19.49 -20.86 -1.63
C ARG A 82 19.45 -22.28 -1.08
#